data_1JZG
# 
_entry.id   1JZG 
# 
_audit_conform.dict_name       mmcif_pdbx.dic 
_audit_conform.dict_version    5.398 
_audit_conform.dict_location   http://mmcif.pdb.org/dictionaries/ascii/mmcif_pdbx.dic 
# 
loop_
_database_2.database_id 
_database_2.database_code 
_database_2.pdbx_database_accession 
_database_2.pdbx_DOI 
PDB   1JZG         pdb_00001jzg 10.2210/pdb1jzg/pdb 
RCSB  RCSB014368   ?            ?                   
WWPDB D_1000014368 ?            ?                   
# 
loop_
_pdbx_audit_revision_history.ordinal 
_pdbx_audit_revision_history.data_content_type 
_pdbx_audit_revision_history.major_revision 
_pdbx_audit_revision_history.minor_revision 
_pdbx_audit_revision_history.revision_date 
1 'Structure model' 1 0 2001-10-17 
2 'Structure model' 1 1 2008-04-27 
3 'Structure model' 1 2 2011-07-13 
4 'Structure model' 1 3 2023-08-16 
5 'Structure model' 1 4 2024-11-13 
# 
_pdbx_audit_revision_details.ordinal             1 
_pdbx_audit_revision_details.revision_ordinal    1 
_pdbx_audit_revision_details.data_content_type   'Structure model' 
_pdbx_audit_revision_details.provider            repository 
_pdbx_audit_revision_details.type                'Initial release' 
_pdbx_audit_revision_details.description         ? 
_pdbx_audit_revision_details.details             ? 
# 
loop_
_pdbx_audit_revision_group.ordinal 
_pdbx_audit_revision_group.revision_ordinal 
_pdbx_audit_revision_group.data_content_type 
_pdbx_audit_revision_group.group 
1 2 'Structure model' 'Version format compliance' 
2 3 'Structure model' 'Version format compliance' 
3 4 'Structure model' 'Data collection'           
4 4 'Structure model' 'Database references'       
5 4 'Structure model' 'Derived calculations'      
6 4 'Structure model' 'Refinement description'    
7 5 'Structure model' 'Data collection'           
8 5 'Structure model' 'Structure summary'         
# 
loop_
_pdbx_audit_revision_category.ordinal 
_pdbx_audit_revision_category.revision_ordinal 
_pdbx_audit_revision_category.data_content_type 
_pdbx_audit_revision_category.category 
1  4 'Structure model' chem_comp_atom                
2  4 'Structure model' chem_comp_bond                
3  4 'Structure model' database_2                    
4  4 'Structure model' pdbx_initial_refinement_model 
5  4 'Structure model' pdbx_struct_conn_angle        
6  4 'Structure model' struct_conn                   
7  4 'Structure model' struct_site                   
8  5 'Structure model' chem_comp_atom                
9  5 'Structure model' chem_comp_bond                
10 5 'Structure model' pdbx_entry_details            
11 5 'Structure model' pdbx_modification_feature     
# 
loop_
_pdbx_audit_revision_item.ordinal 
_pdbx_audit_revision_item.revision_ordinal 
_pdbx_audit_revision_item.data_content_type 
_pdbx_audit_revision_item.item 
1  4 'Structure model' '_database_2.pdbx_DOI'                        
2  4 'Structure model' '_database_2.pdbx_database_accession'         
3  4 'Structure model' '_pdbx_struct_conn_angle.ptnr1_auth_comp_id'  
4  4 'Structure model' '_pdbx_struct_conn_angle.ptnr1_auth_seq_id'   
5  4 'Structure model' '_pdbx_struct_conn_angle.ptnr1_label_asym_id' 
6  4 'Structure model' '_pdbx_struct_conn_angle.ptnr1_label_atom_id' 
7  4 'Structure model' '_pdbx_struct_conn_angle.ptnr1_label_comp_id' 
8  4 'Structure model' '_pdbx_struct_conn_angle.ptnr1_label_seq_id'  
9  4 'Structure model' '_pdbx_struct_conn_angle.ptnr2_auth_comp_id'  
10 4 'Structure model' '_pdbx_struct_conn_angle.ptnr2_auth_seq_id'   
11 4 'Structure model' '_pdbx_struct_conn_angle.ptnr2_label_asym_id' 
12 4 'Structure model' '_pdbx_struct_conn_angle.ptnr2_label_atom_id' 
13 4 'Structure model' '_pdbx_struct_conn_angle.ptnr2_label_comp_id' 
14 4 'Structure model' '_pdbx_struct_conn_angle.ptnr3_auth_comp_id'  
15 4 'Structure model' '_pdbx_struct_conn_angle.ptnr3_auth_seq_id'   
16 4 'Structure model' '_pdbx_struct_conn_angle.ptnr3_label_asym_id' 
17 4 'Structure model' '_pdbx_struct_conn_angle.ptnr3_label_atom_id' 
18 4 'Structure model' '_pdbx_struct_conn_angle.ptnr3_label_comp_id' 
19 4 'Structure model' '_pdbx_struct_conn_angle.ptnr3_label_seq_id'  
20 4 'Structure model' '_pdbx_struct_conn_angle.value'               
21 4 'Structure model' '_struct_conn.pdbx_dist_value'                
22 4 'Structure model' '_struct_conn.ptnr1_auth_comp_id'             
23 4 'Structure model' '_struct_conn.ptnr1_auth_seq_id'              
24 4 'Structure model' '_struct_conn.ptnr1_label_asym_id'            
25 4 'Structure model' '_struct_conn.ptnr1_label_atom_id'            
26 4 'Structure model' '_struct_conn.ptnr1_label_comp_id'            
27 4 'Structure model' '_struct_conn.ptnr1_label_seq_id'             
28 4 'Structure model' '_struct_conn.ptnr2_auth_comp_id'             
29 4 'Structure model' '_struct_conn.ptnr2_auth_seq_id'              
30 4 'Structure model' '_struct_conn.ptnr2_label_asym_id'            
31 4 'Structure model' '_struct_conn.ptnr2_label_atom_id'            
32 4 'Structure model' '_struct_conn.ptnr2_label_comp_id'            
33 4 'Structure model' '_struct_conn.ptnr2_label_seq_id'             
34 4 'Structure model' '_struct_site.pdbx_auth_asym_id'              
35 4 'Structure model' '_struct_site.pdbx_auth_comp_id'              
36 4 'Structure model' '_struct_site.pdbx_auth_seq_id'               
37 5 'Structure model' '_chem_comp_atom.pdbx_aromatic_flag'          
38 5 'Structure model' '_chem_comp_bond.pdbx_aromatic_flag'          
# 
_pdbx_database_status.status_code                     REL 
_pdbx_database_status.entry_id                        1JZG 
_pdbx_database_status.recvd_initial_deposition_date   2001-09-16 
_pdbx_database_status.deposit_site                    RCSB 
_pdbx_database_status.process_site                    RCSB 
_pdbx_database_status.SG_entry                        . 
_pdbx_database_status.pdb_format_compatible           Y 
_pdbx_database_status.status_code_mr                  ? 
_pdbx_database_status.status_code_sf                  ? 
_pdbx_database_status.status_code_cs                  ? 
_pdbx_database_status.status_code_nmr_data            ? 
_pdbx_database_status.methods_development_category    ? 
# 
loop_
_pdbx_database_related.db_name 
_pdbx_database_related.db_id 
_pdbx_database_related.details 
_pdbx_database_related.content_type 
PDB 1JZE 'Pseudomonas aeruginosa Azurin Ru(bpy)2(im)(His83)'                 unspecified 
PDB 1JZF 'Pseudomonas aeruginosa Oxidized Azurin(Cu2+) Ru(tpy)(phen)(His83)' unspecified 
PDB 1JZH 'Pseudomonas aeruginosa Azurin Ru(tpy)(bpy)(His83)'                 unspecified 
PDB 1JZI 'Pseudomonas aeruginosa Azurin Re(phen)(CO)3(His83)'                unspecified 
PDB 1JZJ 'Pseudomonas aeruginosa Azurin Os(bpy)2(im)(His83)'                 unspecified 
# 
loop_
_audit_author.name 
_audit_author.pdbx_ordinal 
'Crane, B.R.'    1 
'Di Bilio, A.J.' 2 
'Winkler, J.R.'  3 
'Gray, H.B.'     4 
# 
_citation.id                        primary 
_citation.title                     'Electron tunneling in single crystals of Pseudomonas aeruginosa azurins.' 
_citation.journal_abbrev            J.Am.Chem.Soc. 
_citation.journal_volume            123 
_citation.page_first                11623 
_citation.page_last                 11631 
_citation.year                      2001 
_citation.journal_id_ASTM           JACSAT 
_citation.country                   US 
_citation.journal_id_ISSN           0002-7863 
_citation.journal_id_CSD            0004 
_citation.book_publisher            ? 
_citation.pdbx_database_id_PubMed   11716717 
_citation.pdbx_database_id_DOI      10.1021/ja0115870 
# 
loop_
_citation_author.citation_id 
_citation_author.name 
_citation_author.ordinal 
_citation_author.identifier_ORCID 
primary 'Crane, B.R.'    1 ? 
primary 'Di Bilio, A.J.' 2 ? 
primary 'Winkler, J.R.'  3 ? 
primary 'Gray, H.B.'     4 ? 
# 
loop_
_entity.id 
_entity.type 
_entity.src_method 
_entity.pdbx_description 
_entity.formula_weight 
_entity.pdbx_number_of_molecules 
_entity.pdbx_ec 
_entity.pdbx_mutation 
_entity.pdbx_fragment 
_entity.details 
1 polymer     man AZURIN                                                          13961.799 1   ? ? ? ? 
2 non-polymer syn 'COPPER (I) ION'                                                63.546    1   ? ? ? ? 
3 non-polymer syn 
;(2,2':6',2'-TERPYRIDINE)-(1,10-PHENANTHROLINE) RUTHENIUM (II)
;
514.543   1   ? ? ? ? 
4 non-polymer syn 'TETRA(IMIDAZOLE)DIAQUACOPPER (I)'                              371.886   1   ? ? ? ? 
5 water       nat water                                                           18.015    174 ? ? ? ? 
# 
_entity_poly.entity_id                      1 
_entity_poly.type                           'polypeptide(L)' 
_entity_poly.nstd_linkage                   no 
_entity_poly.nstd_monomer                   no 
_entity_poly.pdbx_seq_one_letter_code       
;AECSVDIQGNDQMQFNTNAITVDKSCKQFTVNLSHPGNLPKNVMGHNWVLSTAADMQGVVTDGMASGLDKDYLKPDDSRV
IAHTKLIGSGEKDSVTFDVSKLKEGEQYMFFCTFPGHSALMKGTLTLK
;
_entity_poly.pdbx_seq_one_letter_code_can   
;AECSVDIQGNDQMQFNTNAITVDKSCKQFTVNLSHPGNLPKNVMGHNWVLSTAADMQGVVTDGMASGLDKDYLKPDDSRV
IAHTKLIGSGEKDSVTFDVSKLKEGEQYMFFCTFPGHSALMKGTLTLK
;
_entity_poly.pdbx_strand_id                 A 
_entity_poly.pdbx_target_identifier         ? 
# 
loop_
_pdbx_entity_nonpoly.entity_id 
_pdbx_entity_nonpoly.name 
_pdbx_entity_nonpoly.comp_id 
2 'COPPER (I) ION'                                                CU1 
3 
;(2,2':6',2'-TERPYRIDINE)-(1,10-PHENANTHROLINE) RUTHENIUM (II)
;
RTB 
4 'TETRA(IMIDAZOLE)DIAQUACOPPER (I)'                              IMF 
5 water                                                           HOH 
# 
loop_
_entity_poly_seq.entity_id 
_entity_poly_seq.num 
_entity_poly_seq.mon_id 
_entity_poly_seq.hetero 
1 1   ALA n 
1 2   GLU n 
1 3   CYS n 
1 4   SER n 
1 5   VAL n 
1 6   ASP n 
1 7   ILE n 
1 8   GLN n 
1 9   GLY n 
1 10  ASN n 
1 11  ASP n 
1 12  GLN n 
1 13  MET n 
1 14  GLN n 
1 15  PHE n 
1 16  ASN n 
1 17  THR n 
1 18  ASN n 
1 19  ALA n 
1 20  ILE n 
1 21  THR n 
1 22  VAL n 
1 23  ASP n 
1 24  LYS n 
1 25  SER n 
1 26  CYS n 
1 27  LYS n 
1 28  GLN n 
1 29  PHE n 
1 30  THR n 
1 31  VAL n 
1 32  ASN n 
1 33  LEU n 
1 34  SER n 
1 35  HIS n 
1 36  PRO n 
1 37  GLY n 
1 38  ASN n 
1 39  LEU n 
1 40  PRO n 
1 41  LYS n 
1 42  ASN n 
1 43  VAL n 
1 44  MET n 
1 45  GLY n 
1 46  HIS n 
1 47  ASN n 
1 48  TRP n 
1 49  VAL n 
1 50  LEU n 
1 51  SER n 
1 52  THR n 
1 53  ALA n 
1 54  ALA n 
1 55  ASP n 
1 56  MET n 
1 57  GLN n 
1 58  GLY n 
1 59  VAL n 
1 60  VAL n 
1 61  THR n 
1 62  ASP n 
1 63  GLY n 
1 64  MET n 
1 65  ALA n 
1 66  SER n 
1 67  GLY n 
1 68  LEU n 
1 69  ASP n 
1 70  LYS n 
1 71  ASP n 
1 72  TYR n 
1 73  LEU n 
1 74  LYS n 
1 75  PRO n 
1 76  ASP n 
1 77  ASP n 
1 78  SER n 
1 79  ARG n 
1 80  VAL n 
1 81  ILE n 
1 82  ALA n 
1 83  HIS n 
1 84  THR n 
1 85  LYS n 
1 86  LEU n 
1 87  ILE n 
1 88  GLY n 
1 89  SER n 
1 90  GLY n 
1 91  GLU n 
1 92  LYS n 
1 93  ASP n 
1 94  SER n 
1 95  VAL n 
1 96  THR n 
1 97  PHE n 
1 98  ASP n 
1 99  VAL n 
1 100 SER n 
1 101 LYS n 
1 102 LEU n 
1 103 LYS n 
1 104 GLU n 
1 105 GLY n 
1 106 GLU n 
1 107 GLN n 
1 108 TYR n 
1 109 MET n 
1 110 PHE n 
1 111 PHE n 
1 112 CYS n 
1 113 THR n 
1 114 PHE n 
1 115 PRO n 
1 116 GLY n 
1 117 HIS n 
1 118 SER n 
1 119 ALA n 
1 120 LEU n 
1 121 MET n 
1 122 LYS n 
1 123 GLY n 
1 124 THR n 
1 125 LEU n 
1 126 THR n 
1 127 LEU n 
1 128 LYS n 
# 
_entity_src_gen.entity_id                          1 
_entity_src_gen.pdbx_src_id                        1 
_entity_src_gen.pdbx_alt_source_flag               sample 
_entity_src_gen.pdbx_seq_type                      ? 
_entity_src_gen.pdbx_beg_seq_num                   ? 
_entity_src_gen.pdbx_end_seq_num                   ? 
_entity_src_gen.gene_src_common_name               ? 
_entity_src_gen.gene_src_genus                     Pseudomonas 
_entity_src_gen.pdbx_gene_src_gene                 ? 
_entity_src_gen.gene_src_species                   ? 
_entity_src_gen.gene_src_strain                    ? 
_entity_src_gen.gene_src_tissue                    ? 
_entity_src_gen.gene_src_tissue_fraction           ? 
_entity_src_gen.gene_src_details                   ? 
_entity_src_gen.pdbx_gene_src_fragment             ? 
_entity_src_gen.pdbx_gene_src_scientific_name      'Pseudomonas aeruginosa' 
_entity_src_gen.pdbx_gene_src_ncbi_taxonomy_id     287 
_entity_src_gen.pdbx_gene_src_variant              ? 
_entity_src_gen.pdbx_gene_src_cell_line            ? 
_entity_src_gen.pdbx_gene_src_atcc                 ? 
_entity_src_gen.pdbx_gene_src_organ                ? 
_entity_src_gen.pdbx_gene_src_organelle            ? 
_entity_src_gen.pdbx_gene_src_cell                 ? 
_entity_src_gen.pdbx_gene_src_cellular_location    ? 
_entity_src_gen.host_org_common_name               ? 
_entity_src_gen.pdbx_host_org_scientific_name      'Escherichia coli BL21(DE3)' 
_entity_src_gen.pdbx_host_org_ncbi_taxonomy_id     469008 
_entity_src_gen.host_org_genus                     Escherichia 
_entity_src_gen.pdbx_host_org_gene                 ? 
_entity_src_gen.pdbx_host_org_organ                ? 
_entity_src_gen.host_org_species                   'Escherichia coli' 
_entity_src_gen.pdbx_host_org_tissue               ? 
_entity_src_gen.pdbx_host_org_tissue_fraction      ? 
_entity_src_gen.pdbx_host_org_strain               'BL21(DE3)' 
_entity_src_gen.pdbx_host_org_variant              ? 
_entity_src_gen.pdbx_host_org_cell_line            ? 
_entity_src_gen.pdbx_host_org_atcc                 ? 
_entity_src_gen.pdbx_host_org_culture_collection   ? 
_entity_src_gen.pdbx_host_org_cell                 ? 
_entity_src_gen.pdbx_host_org_organelle            ? 
_entity_src_gen.pdbx_host_org_cellular_location    ? 
_entity_src_gen.pdbx_host_org_vector_type          'Pet9a(ASA)' 
_entity_src_gen.pdbx_host_org_vector               ? 
_entity_src_gen.host_org_details                   ? 
_entity_src_gen.expression_system_id               ? 
_entity_src_gen.plasmid_name                       ? 
_entity_src_gen.plasmid_details                    ? 
_entity_src_gen.pdbx_description                   ? 
# 
loop_
_chem_comp.id 
_chem_comp.type 
_chem_comp.mon_nstd_flag 
_chem_comp.name 
_chem_comp.pdbx_synonyms 
_chem_comp.formula 
_chem_comp.formula_weight 
ALA 'L-peptide linking' y ALANINE                                                         ? 'C3 H7 N O2'         89.093  
ARG 'L-peptide linking' y ARGININE                                                        ? 'C6 H15 N4 O2 1'     175.209 
ASN 'L-peptide linking' y ASPARAGINE                                                      ? 'C4 H8 N2 O3'        132.118 
ASP 'L-peptide linking' y 'ASPARTIC ACID'                                                 ? 'C4 H7 N O4'         133.103 
CU1 non-polymer         . 'COPPER (I) ION'                                                ? 'Cu 1'               63.546  
CYS 'L-peptide linking' y CYSTEINE                                                        ? 'C3 H7 N O2 S'       121.158 
GLN 'L-peptide linking' y GLUTAMINE                                                       ? 'C5 H10 N2 O3'       146.144 
GLU 'L-peptide linking' y 'GLUTAMIC ACID'                                                 ? 'C5 H9 N O4'         147.129 
GLY 'peptide linking'   y GLYCINE                                                         ? 'C2 H5 N O2'         75.067  
HIS 'L-peptide linking' y HISTIDINE                                                       ? 'C6 H10 N3 O2 1'     156.162 
HOH non-polymer         . WATER                                                           ? 'H2 O'               18.015  
ILE 'L-peptide linking' y ISOLEUCINE                                                      ? 'C6 H13 N O2'        131.173 
IMF non-polymer         . 'TETRA(IMIDAZOLE)DIAQUACOPPER (I)'                              ? 'C12 H20 Cu N8 O2 1' 371.886 
LEU 'L-peptide linking' y LEUCINE                                                         ? 'C6 H13 N O2'        131.173 
LYS 'L-peptide linking' y LYSINE                                                          ? 'C6 H15 N2 O2 1'     147.195 
MET 'L-peptide linking' y METHIONINE                                                      ? 'C5 H11 N O2 S'      149.211 
PHE 'L-peptide linking' y PHENYLALANINE                                                   ? 'C9 H11 N O2'        165.189 
PRO 'L-peptide linking' y PROLINE                                                         ? 'C5 H9 N O2'         115.130 
RTB non-polymer         . 
;(2,2':6',2'-TERPYRIDINE)-(1,10-PHENANTHROLINE) RUTHENIUM (II)
;
? 'C27 H19 N5 Ru 2'    514.543 
SER 'L-peptide linking' y SERINE                                                          ? 'C3 H7 N O3'         105.093 
THR 'L-peptide linking' y THREONINE                                                       ? 'C4 H9 N O3'         119.119 
TRP 'L-peptide linking' y TRYPTOPHAN                                                      ? 'C11 H12 N2 O2'      204.225 
TYR 'L-peptide linking' y TYROSINE                                                        ? 'C9 H11 N O3'        181.189 
VAL 'L-peptide linking' y VALINE                                                          ? 'C5 H11 N O2'        117.146 
# 
loop_
_pdbx_poly_seq_scheme.asym_id 
_pdbx_poly_seq_scheme.entity_id 
_pdbx_poly_seq_scheme.seq_id 
_pdbx_poly_seq_scheme.mon_id 
_pdbx_poly_seq_scheme.ndb_seq_num 
_pdbx_poly_seq_scheme.pdb_seq_num 
_pdbx_poly_seq_scheme.auth_seq_num 
_pdbx_poly_seq_scheme.pdb_mon_id 
_pdbx_poly_seq_scheme.auth_mon_id 
_pdbx_poly_seq_scheme.pdb_strand_id 
_pdbx_poly_seq_scheme.pdb_ins_code 
_pdbx_poly_seq_scheme.hetero 
A 1 1   ALA 1   1   1   ALA ALA A . n 
A 1 2   GLU 2   2   2   GLU GLU A . n 
A 1 3   CYS 3   3   3   CYS CYS A . n 
A 1 4   SER 4   4   4   SER SER A . n 
A 1 5   VAL 5   5   5   VAL VAL A . n 
A 1 6   ASP 6   6   6   ASP ASP A . n 
A 1 7   ILE 7   7   7   ILE ILE A . n 
A 1 8   GLN 8   8   8   GLN GLN A . n 
A 1 9   GLY 9   9   9   GLY GLY A . n 
A 1 10  ASN 10  10  10  ASN ASN A . n 
A 1 11  ASP 11  11  11  ASP ASP A . n 
A 1 12  GLN 12  12  12  GLN GLN A . n 
A 1 13  MET 13  13  13  MET MET A . n 
A 1 14  GLN 14  14  14  GLN GLN A . n 
A 1 15  PHE 15  15  15  PHE PHE A . n 
A 1 16  ASN 16  16  16  ASN ASN A . n 
A 1 17  THR 17  17  17  THR THR A . n 
A 1 18  ASN 18  18  18  ASN ASN A . n 
A 1 19  ALA 19  19  19  ALA ALA A . n 
A 1 20  ILE 20  20  20  ILE ILE A . n 
A 1 21  THR 21  21  21  THR THR A . n 
A 1 22  VAL 22  22  22  VAL VAL A . n 
A 1 23  ASP 23  23  23  ASP ASP A . n 
A 1 24  LYS 24  24  24  LYS LYS A . n 
A 1 25  SER 25  25  25  SER SER A . n 
A 1 26  CYS 26  26  26  CYS CYS A . n 
A 1 27  LYS 27  27  27  LYS LYS A . n 
A 1 28  GLN 28  28  28  GLN GLN A . n 
A 1 29  PHE 29  29  29  PHE PHE A . n 
A 1 30  THR 30  30  30  THR THR A . n 
A 1 31  VAL 31  31  31  VAL VAL A . n 
A 1 32  ASN 32  32  32  ASN ASN A . n 
A 1 33  LEU 33  33  33  LEU LEU A . n 
A 1 34  SER 34  34  34  SER SER A . n 
A 1 35  HIS 35  35  35  HIS HIS A . n 
A 1 36  PRO 36  36  36  PRO PRO A . n 
A 1 37  GLY 37  37  37  GLY GLY A . n 
A 1 38  ASN 38  38  38  ASN ASN A . n 
A 1 39  LEU 39  39  39  LEU LEU A . n 
A 1 40  PRO 40  40  40  PRO PRO A . n 
A 1 41  LYS 41  41  41  LYS LYS A . n 
A 1 42  ASN 42  42  42  ASN ASN A . n 
A 1 43  VAL 43  43  43  VAL VAL A . n 
A 1 44  MET 44  44  44  MET MET A . n 
A 1 45  GLY 45  45  45  GLY GLY A . n 
A 1 46  HIS 46  46  46  HIS HIS A . n 
A 1 47  ASN 47  47  47  ASN ASN A . n 
A 1 48  TRP 48  48  48  TRP TRP A . n 
A 1 49  VAL 49  49  49  VAL VAL A . n 
A 1 50  LEU 50  50  50  LEU LEU A . n 
A 1 51  SER 51  51  51  SER SER A . n 
A 1 52  THR 52  52  52  THR THR A . n 
A 1 53  ALA 53  53  53  ALA ALA A . n 
A 1 54  ALA 54  54  54  ALA ALA A . n 
A 1 55  ASP 55  55  55  ASP ASP A . n 
A 1 56  MET 56  56  56  MET MET A . n 
A 1 57  GLN 57  57  57  GLN GLN A . n 
A 1 58  GLY 58  58  58  GLY GLY A . n 
A 1 59  VAL 59  59  59  VAL VAL A . n 
A 1 60  VAL 60  60  60  VAL VAL A . n 
A 1 61  THR 61  61  61  THR THR A . n 
A 1 62  ASP 62  62  62  ASP ASP A . n 
A 1 63  GLY 63  63  63  GLY GLY A . n 
A 1 64  MET 64  64  64  MET MET A . n 
A 1 65  ALA 65  65  65  ALA ALA A . n 
A 1 66  SER 66  66  66  SER SER A . n 
A 1 67  GLY 67  67  67  GLY GLY A . n 
A 1 68  LEU 68  68  68  LEU LEU A . n 
A 1 69  ASP 69  69  69  ASP ASP A . n 
A 1 70  LYS 70  70  70  LYS LYS A . n 
A 1 71  ASP 71  71  71  ASP ASP A . n 
A 1 72  TYR 72  72  72  TYR TYR A . n 
A 1 73  LEU 73  73  73  LEU LEU A . n 
A 1 74  LYS 74  74  74  LYS LYS A . n 
A 1 75  PRO 75  75  75  PRO PRO A . n 
A 1 76  ASP 76  76  76  ASP ASP A . n 
A 1 77  ASP 77  77  77  ASP ASP A . n 
A 1 78  SER 78  78  78  SER SER A . n 
A 1 79  ARG 79  79  79  ARG ARG A . n 
A 1 80  VAL 80  80  80  VAL VAL A . n 
A 1 81  ILE 81  81  81  ILE ILE A . n 
A 1 82  ALA 82  82  82  ALA ALA A . n 
A 1 83  HIS 83  83  83  HIS HIS A . n 
A 1 84  THR 84  84  84  THR THR A . n 
A 1 85  LYS 85  85  85  LYS LYS A . n 
A 1 86  LEU 86  86  86  LEU LEU A . n 
A 1 87  ILE 87  87  87  ILE ILE A . n 
A 1 88  GLY 88  88  88  GLY GLY A . n 
A 1 89  SER 89  89  89  SER SER A . n 
A 1 90  GLY 90  90  90  GLY GLY A . n 
A 1 91  GLU 91  91  91  GLU GLU A . n 
A 1 92  LYS 92  92  92  LYS LYS A . n 
A 1 93  ASP 93  93  93  ASP ASP A . n 
A 1 94  SER 94  94  94  SER SER A . n 
A 1 95  VAL 95  95  95  VAL VAL A . n 
A 1 96  THR 96  96  96  THR THR A . n 
A 1 97  PHE 97  97  97  PHE PHE A . n 
A 1 98  ASP 98  98  98  ASP ASP A . n 
A 1 99  VAL 99  99  99  VAL VAL A . n 
A 1 100 SER 100 100 100 SER SER A . n 
A 1 101 LYS 101 101 101 LYS LYS A . n 
A 1 102 LEU 102 102 102 LEU LEU A . n 
A 1 103 LYS 103 103 103 LYS LYS A . n 
A 1 104 GLU 104 104 104 GLU GLU A . n 
A 1 105 GLY 105 105 105 GLY GLY A . n 
A 1 106 GLU 106 106 106 GLU GLU A . n 
A 1 107 GLN 107 107 107 GLN GLN A . n 
A 1 108 TYR 108 108 108 TYR TYR A . n 
A 1 109 MET 109 109 109 MET MET A . n 
A 1 110 PHE 110 110 110 PHE PHE A . n 
A 1 111 PHE 111 111 111 PHE PHE A . n 
A 1 112 CYS 112 112 112 CYS CYS A . n 
A 1 113 THR 113 113 113 THR THR A . n 
A 1 114 PHE 114 114 114 PHE PHE A . n 
A 1 115 PRO 115 115 115 PRO PRO A . n 
A 1 116 GLY 116 116 116 GLY GLY A . n 
A 1 117 HIS 117 117 117 HIS HIS A . n 
A 1 118 SER 118 118 118 SER SER A . n 
A 1 119 ALA 119 119 119 ALA ALA A . n 
A 1 120 LEU 120 120 120 LEU LEU A . n 
A 1 121 MET 121 121 121 MET MET A . n 
A 1 122 LYS 122 122 122 LYS LYS A . n 
A 1 123 GLY 123 123 123 GLY GLY A . n 
A 1 124 THR 124 124 124 THR THR A . n 
A 1 125 LEU 125 125 125 LEU LEU A . n 
A 1 126 THR 126 126 126 THR THR A . n 
A 1 127 LEU 127 127 127 LEU LEU A . n 
A 1 128 LYS 128 128 128 LYS LYS A . n 
# 
loop_
_pdbx_nonpoly_scheme.asym_id 
_pdbx_nonpoly_scheme.entity_id 
_pdbx_nonpoly_scheme.mon_id 
_pdbx_nonpoly_scheme.ndb_seq_num 
_pdbx_nonpoly_scheme.pdb_seq_num 
_pdbx_nonpoly_scheme.auth_seq_num 
_pdbx_nonpoly_scheme.pdb_mon_id 
_pdbx_nonpoly_scheme.auth_mon_id 
_pdbx_nonpoly_scheme.pdb_strand_id 
_pdbx_nonpoly_scheme.pdb_ins_code 
B 2 CU1 1   901  901  CU1 CU1 A . 
C 3 RTB 1   903  903  RTB RTB A . 
D 4 IMF 1   902  902  IMF IMF A . 
E 5 HOH 1   1000 1000 HOH HOH A . 
E 5 HOH 2   1001 1001 HOH HOH A . 
E 5 HOH 3   1002 1002 HOH HOH A . 
E 5 HOH 4   1003 1003 HOH HOH A . 
E 5 HOH 5   1004 1004 HOH HOH A . 
E 5 HOH 6   1005 1005 HOH HOH A . 
E 5 HOH 7   1006 1006 HOH HOH A . 
E 5 HOH 8   1007 1007 HOH HOH A . 
E 5 HOH 9   1008 1008 HOH HOH A . 
E 5 HOH 10  1009 1009 HOH HOH A . 
E 5 HOH 11  1010 1010 HOH HOH A . 
E 5 HOH 12  1011 1011 HOH HOH A . 
E 5 HOH 13  1012 1012 HOH HOH A . 
E 5 HOH 14  1013 1013 HOH HOH A . 
E 5 HOH 15  1014 1014 HOH HOH A . 
E 5 HOH 16  1015 1015 HOH HOH A . 
E 5 HOH 17  1016 1016 HOH HOH A . 
E 5 HOH 18  1017 1017 HOH HOH A . 
E 5 HOH 19  1018 1018 HOH HOH A . 
E 5 HOH 20  1019 1019 HOH HOH A . 
E 5 HOH 21  1020 1020 HOH HOH A . 
E 5 HOH 22  1021 1021 HOH HOH A . 
E 5 HOH 23  1022 1022 HOH HOH A . 
E 5 HOH 24  1023 1023 HOH HOH A . 
E 5 HOH 25  1024 1024 HOH HOH A . 
E 5 HOH 26  1025 1025 HOH HOH A . 
E 5 HOH 27  1026 1026 HOH HOH A . 
E 5 HOH 28  1027 1027 HOH HOH A . 
E 5 HOH 29  1028 1028 HOH HOH A . 
E 5 HOH 30  1029 1029 HOH HOH A . 
E 5 HOH 31  1030 1030 HOH HOH A . 
E 5 HOH 32  1031 1031 HOH HOH A . 
E 5 HOH 33  1032 1032 HOH HOH A . 
E 5 HOH 34  1033 1033 HOH HOH A . 
E 5 HOH 35  1034 1034 HOH HOH A . 
E 5 HOH 36  1035 1035 HOH HOH A . 
E 5 HOH 37  1036 1036 HOH HOH A . 
E 5 HOH 38  1037 1037 HOH HOH A . 
E 5 HOH 39  1038 1038 HOH HOH A . 
E 5 HOH 40  1039 1039 HOH HOH A . 
E 5 HOH 41  1040 1040 HOH HOH A . 
E 5 HOH 42  1041 1041 HOH HOH A . 
E 5 HOH 43  1042 1042 HOH HOH A . 
E 5 HOH 44  1043 1043 HOH HOH A . 
E 5 HOH 45  1044 1044 HOH HOH A . 
E 5 HOH 46  1045 1045 HOH HOH A . 
E 5 HOH 47  1046 1046 HOH HOH A . 
E 5 HOH 48  1047 1047 HOH HOH A . 
E 5 HOH 49  1048 1048 HOH HOH A . 
E 5 HOH 50  1049 1049 HOH HOH A . 
E 5 HOH 51  1050 1050 HOH HOH A . 
E 5 HOH 52  1051 1051 HOH HOH A . 
E 5 HOH 53  1052 1052 HOH HOH A . 
E 5 HOH 54  1053 1053 HOH HOH A . 
E 5 HOH 55  1054 1054 HOH HOH A . 
E 5 HOH 56  1055 1055 HOH HOH A . 
E 5 HOH 57  1056 1056 HOH HOH A . 
E 5 HOH 58  1057 1057 HOH HOH A . 
E 5 HOH 59  1058 1058 HOH HOH A . 
E 5 HOH 60  1059 1059 HOH HOH A . 
E 5 HOH 61  1060 1060 HOH HOH A . 
E 5 HOH 62  1061 1061 HOH HOH A . 
E 5 HOH 63  1062 1062 HOH HOH A . 
E 5 HOH 64  1063 1063 HOH HOH A . 
E 5 HOH 65  1064 1064 HOH HOH A . 
E 5 HOH 66  1065 1065 HOH HOH A . 
E 5 HOH 67  1066 1066 HOH HOH A . 
E 5 HOH 68  1067 1067 HOH HOH A . 
E 5 HOH 69  1068 1068 HOH HOH A . 
E 5 HOH 70  1069 1069 HOH HOH A . 
E 5 HOH 71  1070 1070 HOH HOH A . 
E 5 HOH 72  1071 1071 HOH HOH A . 
E 5 HOH 73  1072 1072 HOH HOH A . 
E 5 HOH 74  1073 1073 HOH HOH A . 
E 5 HOH 75  1074 1074 HOH HOH A . 
E 5 HOH 76  1075 1075 HOH HOH A . 
E 5 HOH 77  1076 1076 HOH HOH A . 
E 5 HOH 78  1077 1077 HOH HOH A . 
E 5 HOH 79  1078 1078 HOH HOH A . 
E 5 HOH 80  1079 1079 HOH HOH A . 
E 5 HOH 81  1080 1080 HOH HOH A . 
E 5 HOH 82  1081 1081 HOH HOH A . 
E 5 HOH 83  1082 1082 HOH HOH A . 
E 5 HOH 84  1083 1083 HOH HOH A . 
E 5 HOH 85  1084 1084 HOH HOH A . 
E 5 HOH 86  1085 1085 HOH HOH A . 
E 5 HOH 87  1086 1086 HOH HOH A . 
E 5 HOH 88  1087 1087 HOH HOH A . 
E 5 HOH 89  1088 1088 HOH HOH A . 
E 5 HOH 90  1089 1089 HOH HOH A . 
E 5 HOH 91  1090 1090 HOH HOH A . 
E 5 HOH 92  1091 1091 HOH HOH A . 
E 5 HOH 93  1092 1092 HOH HOH A . 
E 5 HOH 94  1093 1093 HOH HOH A . 
E 5 HOH 95  1094 1094 HOH HOH A . 
E 5 HOH 96  1095 1095 HOH HOH A . 
E 5 HOH 97  1096 1096 HOH HOH A . 
E 5 HOH 98  1097 1097 HOH HOH A . 
E 5 HOH 99  1098 1098 HOH HOH A . 
E 5 HOH 100 1099 1099 HOH HOH A . 
E 5 HOH 101 1100 1100 HOH HOH A . 
E 5 HOH 102 1101 1101 HOH HOH A . 
E 5 HOH 103 1102 1102 HOH HOH A . 
E 5 HOH 104 1103 1103 HOH HOH A . 
E 5 HOH 105 1104 1104 HOH HOH A . 
E 5 HOH 106 1105 1105 HOH HOH A . 
E 5 HOH 107 1106 1106 HOH HOH A . 
E 5 HOH 108 1107 1107 HOH HOH A . 
E 5 HOH 109 1108 1108 HOH HOH A . 
E 5 HOH 110 1109 1109 HOH HOH A . 
E 5 HOH 111 1111 1111 HOH HOH A . 
E 5 HOH 112 1112 1112 HOH HOH A . 
E 5 HOH 113 1113 1113 HOH HOH A . 
E 5 HOH 114 1114 1114 HOH HOH A . 
E 5 HOH 115 1115 1115 HOH HOH A . 
E 5 HOH 116 1116 1116 HOH HOH A . 
E 5 HOH 117 1117 1117 HOH HOH A . 
E 5 HOH 118 1118 1118 HOH HOH A . 
E 5 HOH 119 1119 1119 HOH HOH A . 
E 5 HOH 120 1120 1120 HOH HOH A . 
E 5 HOH 121 1121 1121 HOH HOH A . 
E 5 HOH 122 1122 1122 HOH HOH A . 
E 5 HOH 123 1123 1123 HOH HOH A . 
E 5 HOH 124 1124 1124 HOH HOH A . 
E 5 HOH 125 1125 1125 HOH HOH A . 
E 5 HOH 126 1126 1126 HOH HOH A . 
E 5 HOH 127 1127 1127 HOH HOH A . 
E 5 HOH 128 1128 1128 HOH HOH A . 
E 5 HOH 129 1129 1129 HOH HOH A . 
E 5 HOH 130 1130 1130 HOH HOH A . 
E 5 HOH 131 1131 1131 HOH HOH A . 
E 5 HOH 132 1132 1132 HOH HOH A . 
E 5 HOH 133 1133 1133 HOH HOH A . 
E 5 HOH 134 1134 1134 HOH HOH A . 
E 5 HOH 135 1135 1135 HOH HOH A . 
E 5 HOH 136 1136 1136 HOH HOH A . 
E 5 HOH 137 1137 1137 HOH HOH A . 
E 5 HOH 138 1138 1138 HOH HOH A . 
E 5 HOH 139 1139 1139 HOH HOH A . 
E 5 HOH 140 1140 1140 HOH HOH A . 
E 5 HOH 141 1141 1141 HOH HOH A . 
E 5 HOH 142 1142 1142 HOH HOH A . 
E 5 HOH 143 1143 1143 HOH HOH A . 
E 5 HOH 144 1144 1144 HOH HOH A . 
E 5 HOH 145 1145 1145 HOH HOH A . 
E 5 HOH 146 1146 1146 HOH HOH A . 
E 5 HOH 147 1147 1147 HOH HOH A . 
E 5 HOH 148 1148 1148 HOH HOH A . 
E 5 HOH 149 1149 1149 HOH HOH A . 
E 5 HOH 150 1150 1150 HOH HOH A . 
E 5 HOH 151 1151 1151 HOH HOH A . 
E 5 HOH 152 1152 1152 HOH HOH A . 
E 5 HOH 153 1153 1153 HOH HOH A . 
E 5 HOH 154 1154 1154 HOH HOH A . 
E 5 HOH 155 1155 1155 HOH HOH A . 
E 5 HOH 156 1156 1156 HOH HOH A . 
E 5 HOH 157 1157 1157 HOH HOH A . 
E 5 HOH 158 1158 1158 HOH HOH A . 
E 5 HOH 159 1159 1159 HOH HOH A . 
E 5 HOH 160 1160 1160 HOH HOH A . 
E 5 HOH 161 1161 1161 HOH HOH A . 
E 5 HOH 162 1162 1162 HOH HOH A . 
E 5 HOH 163 1163 1163 HOH HOH A . 
E 5 HOH 164 1164 1164 HOH HOH A . 
E 5 HOH 165 1165 1165 HOH HOH A . 
E 5 HOH 166 1166 1166 HOH HOH A . 
E 5 HOH 167 1167 1167 HOH HOH A . 
E 5 HOH 168 1168 1168 HOH HOH A . 
E 5 HOH 169 1169 1169 HOH HOH A . 
E 5 HOH 170 1170 1170 HOH HOH A . 
E 5 HOH 171 1171 1171 HOH HOH A . 
E 5 HOH 172 1172 1172 HOH HOH A . 
E 5 HOH 173 1173 1173 HOH HOH A . 
E 5 HOH 174 1174 1174 HOH HOH A . 
# 
loop_
_pdbx_unobs_or_zero_occ_atoms.id 
_pdbx_unobs_or_zero_occ_atoms.PDB_model_num 
_pdbx_unobs_or_zero_occ_atoms.polymer_flag 
_pdbx_unobs_or_zero_occ_atoms.occupancy_flag 
_pdbx_unobs_or_zero_occ_atoms.auth_asym_id 
_pdbx_unobs_or_zero_occ_atoms.auth_comp_id 
_pdbx_unobs_or_zero_occ_atoms.auth_seq_id 
_pdbx_unobs_or_zero_occ_atoms.PDB_ins_code 
_pdbx_unobs_or_zero_occ_atoms.auth_atom_id 
_pdbx_unobs_or_zero_occ_atoms.label_alt_id 
_pdbx_unobs_or_zero_occ_atoms.label_asym_id 
_pdbx_unobs_or_zero_occ_atoms.label_comp_id 
_pdbx_unobs_or_zero_occ_atoms.label_seq_id 
_pdbx_unobs_or_zero_occ_atoms.label_atom_id 
1  1 N 1 A IMF 902 ? O2  ? D IMF 1 O2  
2  1 N 1 A IMF 902 ? CG3 ? D IMF 1 CG3 
3  1 N 1 A IMF 902 ? CDW ? D IMF 1 CDW 
4  1 N 1 A IMF 902 ? NDV ? D IMF 1 NDV 
5  1 N 1 A IMF 902 ? CEV ? D IMF 1 CEV 
6  1 N 1 A IMF 902 ? NEW ? D IMF 1 NEW 
7  1 N 1 A IMF 902 ? CG4 ? D IMF 1 CG4 
8  1 N 1 A IMF 902 ? CD6 ? D IMF 1 CD6 
9  1 N 1 A IMF 902 ? ND5 ? D IMF 1 ND5 
10 1 N 1 A IMF 902 ? CE5 ? D IMF 1 CE5 
11 1 N 1 A IMF 902 ? NE6 ? D IMF 1 NE6 
# 
loop_
_software.name 
_software.classification 
_software.version 
_software.citation_id 
_software.pdbx_ordinal 
DENZO     'data reduction' .   ? 1 
SCALEPACK 'data scaling'   .   ? 2 
X-PLOR    'model building' .   ? 3 
CNS       refinement       1.0 ? 4 
X-PLOR    phasing          .   ? 5 
# 
_cell.entry_id           1JZG 
_cell.length_a           52.747 
_cell.length_b           61.608 
_cell.length_c           76.187 
_cell.angle_alpha        90.00 
_cell.angle_beta         90.00 
_cell.angle_gamma        90.00 
_cell.Z_PDB              8 
_cell.pdbx_unique_axis   ? 
# 
_symmetry.entry_id                         1JZG 
_symmetry.space_group_name_H-M             'I 2 2 2' 
_symmetry.pdbx_full_space_group_name_H-M   ? 
_symmetry.cell_setting                     ? 
_symmetry.Int_Tables_number                23 
# 
_exptl.entry_id          1JZG 
_exptl.method            'X-RAY DIFFRACTION' 
_exptl.crystals_number   1 
# 
_exptl_crystal.id                    1 
_exptl_crystal.density_meas          ? 
_exptl_crystal.density_Matthews      2.22 
_exptl_crystal.density_percent_sol   44.49 
_exptl_crystal.description           ? 
# 
_exptl_crystal_grow.crystal_id      1 
_exptl_crystal_grow.method          'VAPOR DIFFUSION, HANGING DROP' 
_exptl_crystal_grow.temp            293 
_exptl_crystal_grow.temp_details    ? 
_exptl_crystal_grow.pH              7.0 
_exptl_crystal_grow.pdbx_details    'PEG, Imidazole, pH 7.0, VAPOR DIFFUSION, HANGING DROP, temperature 293K' 
_exptl_crystal_grow.pdbx_pH_range   ? 
# 
_diffrn.id                     1 
_diffrn.ambient_temp           100 
_diffrn.ambient_temp_details   ? 
_diffrn.crystal_id             1 
# 
_diffrn_detector.diffrn_id              1 
_diffrn_detector.detector               CCD 
_diffrn_detector.type                   'ADSC QUANTUM 4' 
_diffrn_detector.pdbx_collection_date   2000-06-05 
_diffrn_detector.details                ? 
# 
_diffrn_radiation.diffrn_id                        1 
_diffrn_radiation.wavelength_id                    1 
_diffrn_radiation.pdbx_monochromatic_or_laue_m_l   M 
_diffrn_radiation.monochromator                    'Si Double' 
_diffrn_radiation.pdbx_diffrn_protocol             'SINGLE WAVELENGTH' 
_diffrn_radiation.pdbx_scattering_type             x-ray 
# 
_diffrn_radiation_wavelength.id           1 
_diffrn_radiation_wavelength.wavelength   1.03 
_diffrn_radiation_wavelength.wt           1.0 
# 
_diffrn_source.diffrn_id                   1 
_diffrn_source.source                      SYNCHROTRON 
_diffrn_source.type                        'SSRL BEAMLINE BL9-2' 
_diffrn_source.pdbx_synchrotron_site       SSRL 
_diffrn_source.pdbx_synchrotron_beamline   BL9-2 
_diffrn_source.pdbx_wavelength             ? 
_diffrn_source.pdbx_wavelength_list        1.03 
# 
_reflns.entry_id                     1JZG 
_reflns.observed_criterion_sigma_I   0.0 
_reflns.observed_criterion_sigma_F   0.0 
_reflns.d_resolution_low             20.0 
_reflns.d_resolution_high            1.4 
_reflns.number_obs                   24445 
_reflns.number_all                   24445 
_reflns.percent_possible_obs         98.4 
_reflns.pdbx_Rmerge_I_obs            ? 
_reflns.pdbx_Rsym_value              0.045 
_reflns.pdbx_netI_over_sigmaI        30 
_reflns.B_iso_Wilson_estimate        16.4 
_reflns.pdbx_redundancy              3.56 
_reflns.R_free_details               ? 
_reflns.limit_h_max                  ? 
_reflns.limit_h_min                  ? 
_reflns.limit_k_max                  ? 
_reflns.limit_k_min                  ? 
_reflns.limit_l_max                  ? 
_reflns.limit_l_min                  ? 
_reflns.observed_criterion_F_max     ? 
_reflns.observed_criterion_F_min     ? 
_reflns.pdbx_diffrn_id               1 
_reflns.pdbx_ordinal                 1 
# 
_reflns_shell.d_res_high             1.40 
_reflns_shell.d_res_low              1.45 
_reflns_shell.percent_possible_all   93.2 
_reflns_shell.Rmerge_I_obs           ? 
_reflns_shell.pdbx_Rsym_value        0.273 
_reflns_shell.meanI_over_sigI_obs    6.1 
_reflns_shell.pdbx_redundancy        ? 
_reflns_shell.percent_possible_obs   ? 
_reflns_shell.number_unique_all      2265 
_reflns_shell.pdbx_diffrn_id         ? 
_reflns_shell.pdbx_ordinal           1 
# 
_refine.entry_id                                 1JZG 
_refine.ls_number_reflns_obs                     24445 
_refine.ls_number_reflns_all                     24445 
_refine.pdbx_ls_sigma_I                          ? 
_refine.pdbx_ls_sigma_F                          0.0 
_refine.pdbx_data_cutoff_high_absF               797515.54 
_refine.pdbx_data_cutoff_low_absF                0.000000 
_refine.ls_d_res_low                             19.83 
_refine.ls_d_res_high                            1.40 
_refine.ls_percent_reflns_obs                    98.9 
_refine.ls_R_factor_obs                          ? 
_refine.ls_R_factor_all                          ? 
_refine.ls_R_factor_R_work                       0.226 
_refine.ls_R_factor_R_free                       0.232 
_refine.ls_R_factor_R_free_error                 0.005 
_refine.ls_R_factor_R_free_error_details         ? 
_refine.ls_percent_reflns_R_free                 7.9 
_refine.ls_number_reflns_R_free                  1884 
_refine.ls_number_parameters                     ? 
_refine.ls_number_restraints                     ? 
_refine.occupancy_min                            ? 
_refine.occupancy_max                            ? 
_refine.B_iso_mean                               18.1 
_refine.aniso_B[1][1]                            -0.63 
_refine.aniso_B[2][2]                            -1.35 
_refine.aniso_B[3][3]                            1.99 
_refine.aniso_B[1][2]                            0.00 
_refine.aniso_B[1][3]                            0.00 
_refine.aniso_B[2][3]                            0.00 
_refine.solvent_model_details                    'FLAT MODEL' 
_refine.solvent_model_param_ksol                 0.330759 
_refine.solvent_model_param_bsol                 23.4081 
_refine.pdbx_ls_cross_valid_method               ? 
_refine.details                                  ? 
_refine.pdbx_starting_model                      1JZF 
_refine.pdbx_method_to_determine_struct          'MOLECULAR REPLACEMENT' 
_refine.pdbx_isotropic_thermal_model             RESTRAINED 
_refine.pdbx_stereochemistry_target_values       'Engh & Huber' 
_refine.pdbx_stereochem_target_val_spec_case     ? 
_refine.pdbx_R_Free_selection_details            RANDOM 
_refine.pdbx_overall_ESU_R_Free                  ? 
_refine.overall_SU_B                             ? 
_refine.ls_redundancy_reflns_obs                 ? 
_refine.B_iso_min                                ? 
_refine.B_iso_max                                ? 
_refine.correlation_coeff_Fo_to_Fc               ? 
_refine.correlation_coeff_Fo_to_Fc_free          ? 
_refine.overall_SU_R_Cruickshank_DPI             ? 
_refine.overall_SU_R_free                        ? 
_refine.overall_SU_ML                            ? 
_refine.pdbx_overall_ESU_R                       ? 
_refine.pdbx_data_cutoff_high_rms_absF           ? 
_refine.pdbx_refine_id                           'X-RAY DIFFRACTION' 
_refine.pdbx_diffrn_id                           1 
_refine.pdbx_TLS_residual_ADP_flag               ? 
_refine.pdbx_solvent_vdw_probe_radii             ? 
_refine.pdbx_solvent_ion_probe_radii             ? 
_refine.pdbx_solvent_shrinkage_radii             ? 
_refine.pdbx_overall_phase_error                 ? 
_refine.pdbx_overall_SU_R_free_Cruickshank_DPI   ? 
_refine.pdbx_overall_SU_R_Blow_DPI               ? 
_refine.pdbx_overall_SU_R_free_Blow_DPI          ? 
# 
_refine_analyze.entry_id                        1JZG 
_refine_analyze.Luzzati_coordinate_error_obs    0.19 
_refine_analyze.Luzzati_sigma_a_obs             0.16 
_refine_analyze.Luzzati_d_res_low_obs           5.00 
_refine_analyze.Luzzati_coordinate_error_free   0.21 
_refine_analyze.Luzzati_sigma_a_free            0.18 
_refine_analyze.Luzzati_d_res_low_free          ? 
_refine_analyze.number_disordered_residues      ? 
_refine_analyze.occupancy_sum_hydrogen          ? 
_refine_analyze.occupancy_sum_non_hydrogen      ? 
_refine_analyze.pdbx_Luzzati_d_res_high_obs     ? 
_refine_analyze.pdbx_refine_id                  'X-RAY DIFFRACTION' 
# 
_refine_hist.pdbx_refine_id                   'X-RAY DIFFRACTION' 
_refine_hist.cycle_id                         LAST 
_refine_hist.pdbx_number_atoms_protein        1039 
_refine_hist.pdbx_number_atoms_nucleic_acid   0 
_refine_hist.pdbx_number_atoms_ligand         46 
_refine_hist.number_atoms_solvent             174 
_refine_hist.number_atoms_total               1259 
_refine_hist.d_res_high                       1.40 
_refine_hist.d_res_low                        19.83 
# 
loop_
_refine_ls_restr.type 
_refine_ls_restr.dev_ideal 
_refine_ls_restr.dev_ideal_target 
_refine_ls_restr.weight 
_refine_ls_restr.number 
_refine_ls_restr.pdbx_refine_id 
_refine_ls_restr.pdbx_restraint_function 
c_bond_d           0.010 ?    ? ? 'X-RAY DIFFRACTION' ? 
c_angle_deg        1.6   ?    ? ? 'X-RAY DIFFRACTION' ? 
c_dihedral_angle_d 25.3  ?    ? ? 'X-RAY DIFFRACTION' ? 
c_improper_angle_d 1.22  ?    ? ? 'X-RAY DIFFRACTION' ? 
c_mcbond_it        0.27  1.50 ? ? 'X-RAY DIFFRACTION' ? 
c_mcangle_it       0.49  2.00 ? ? 'X-RAY DIFFRACTION' ? 
c_scbond_it        0.25  2.00 ? ? 'X-RAY DIFFRACTION' ? 
c_scangle_it       0.40  2.50 ? ? 'X-RAY DIFFRACTION' ? 
# 
_refine_ls_shell.pdbx_total_number_of_bins_used   10 
_refine_ls_shell.d_res_high                       1.40 
_refine_ls_shell.d_res_low                        1.45 
_refine_ls_shell.number_reflns_R_work             1922 
_refine_ls_shell.R_factor_R_work                  0.303 
_refine_ls_shell.percent_reflns_obs               93.2 
_refine_ls_shell.R_factor_R_free                  0.322 
_refine_ls_shell.R_factor_R_free_error            0.024 
_refine_ls_shell.percent_reflns_R_free            8.6 
_refine_ls_shell.number_reflns_R_free             180 
_refine_ls_shell.number_reflns_obs                ? 
_refine_ls_shell.redundancy_reflns_obs            ? 
_refine_ls_shell.number_reflns_all                ? 
_refine_ls_shell.pdbx_refine_id                   'X-RAY DIFFRACTION' 
_refine_ls_shell.R_factor_all                     ? 
# 
loop_
_pdbx_xplor_file.serial_no 
_pdbx_xplor_file.param_file 
_pdbx_xplor_file.topol_file 
_pdbx_xplor_file.pdbx_refine_id 
1 PROTEIN.PARAM PROTEIN.TOP  'X-RAY DIFFRACTION' 
2 PARAM19X.HEME WATER.TOP    'X-RAY DIFFRACTION' 
3 RUPHEN.PAR    RUPHEN.TOP   'X-RAY DIFFRACTION' 
4 WATER.PARAM   TOPH19X.HEME 'X-RAY DIFFRACTION' 
# 
_struct.entry_id                  1JZG 
_struct.title                     'Pseudomonas aeruginosa Reduced Azurin (Cu1+) Ru(tpy)(phen)(His83)' 
_struct.pdbx_model_details        ? 
_struct.pdbx_CASP_flag            ? 
_struct.pdbx_model_type_details   ? 
# 
_struct_keywords.entry_id        1JZG 
_struct_keywords.pdbx_keywords   'ELECTRON TRANSPORT' 
_struct_keywords.text            'Reduced Blue-copper, Electron Transfer, Ruthenium, ELECTRON TRANSPORT' 
# 
loop_
_struct_asym.id 
_struct_asym.pdbx_blank_PDB_chainid_flag 
_struct_asym.pdbx_modified 
_struct_asym.entity_id 
_struct_asym.details 
A N N 1 ? 
B N N 2 ? 
C N N 3 ? 
D N N 4 ? 
E N N 5 ? 
# 
_struct_ref.id                         1 
_struct_ref.db_name                    UNP 
_struct_ref.db_code                    AZUR_PSEAE 
_struct_ref.entity_id                  1 
_struct_ref.pdbx_seq_one_letter_code   
;AECSVDIQGNDQMQFNTNAITVDKSCKQFTVNLSHPGNLPKNVMGHNWVLSTAADMQGVVTDGMASGLDKDYLKPDDSRV
IAHTKLIGSGEKDSVTFDVSKLKEGEQYMFFCTFPGHSALMKGTLTLK
;
_struct_ref.pdbx_align_begin           21 
_struct_ref.pdbx_db_accession          P00282 
_struct_ref.pdbx_db_isoform            ? 
# 
_struct_ref_seq.align_id                      1 
_struct_ref_seq.ref_id                        1 
_struct_ref_seq.pdbx_PDB_id_code              1JZG 
_struct_ref_seq.pdbx_strand_id                A 
_struct_ref_seq.seq_align_beg                 1 
_struct_ref_seq.pdbx_seq_align_beg_ins_code   ? 
_struct_ref_seq.seq_align_end                 128 
_struct_ref_seq.pdbx_seq_align_end_ins_code   ? 
_struct_ref_seq.pdbx_db_accession             P00282 
_struct_ref_seq.db_align_beg                  21 
_struct_ref_seq.pdbx_db_align_beg_ins_code    ? 
_struct_ref_seq.db_align_end                  148 
_struct_ref_seq.pdbx_db_align_end_ins_code    ? 
_struct_ref_seq.pdbx_auth_seq_align_beg       1 
_struct_ref_seq.pdbx_auth_seq_align_end       128 
# 
_pdbx_struct_assembly.id                   1 
_pdbx_struct_assembly.details              author_defined_assembly 
_pdbx_struct_assembly.method_details       ? 
_pdbx_struct_assembly.oligomeric_details   monomeric 
_pdbx_struct_assembly.oligomeric_count     1 
# 
_pdbx_struct_assembly_gen.assembly_id       1 
_pdbx_struct_assembly_gen.oper_expression   1 
_pdbx_struct_assembly_gen.asym_id_list      A,B,C,D,E 
# 
_pdbx_struct_oper_list.id                   1 
_pdbx_struct_oper_list.type                 'identity operation' 
_pdbx_struct_oper_list.name                 1_555 
_pdbx_struct_oper_list.symmetry_operation   x,y,z 
_pdbx_struct_oper_list.matrix[1][1]         1.0000000000 
_pdbx_struct_oper_list.matrix[1][2]         0.0000000000 
_pdbx_struct_oper_list.matrix[1][3]         0.0000000000 
_pdbx_struct_oper_list.vector[1]            0.0000000000 
_pdbx_struct_oper_list.matrix[2][1]         0.0000000000 
_pdbx_struct_oper_list.matrix[2][2]         1.0000000000 
_pdbx_struct_oper_list.matrix[2][3]         0.0000000000 
_pdbx_struct_oper_list.vector[2]            0.0000000000 
_pdbx_struct_oper_list.matrix[3][1]         0.0000000000 
_pdbx_struct_oper_list.matrix[3][2]         0.0000000000 
_pdbx_struct_oper_list.matrix[3][3]         1.0000000000 
_pdbx_struct_oper_list.vector[3]            0.0000000000 
# 
_struct_biol.id                    1 
_struct_biol.details               'The biological assembly is a monomer' 
_struct_biol.pdbx_parent_biol_id   ? 
# 
loop_
_struct_conf.conf_type_id 
_struct_conf.id 
_struct_conf.pdbx_PDB_helix_id 
_struct_conf.beg_label_comp_id 
_struct_conf.beg_label_asym_id 
_struct_conf.beg_label_seq_id 
_struct_conf.pdbx_beg_PDB_ins_code 
_struct_conf.end_label_comp_id 
_struct_conf.end_label_asym_id 
_struct_conf.end_label_seq_id 
_struct_conf.pdbx_end_PDB_ins_code 
_struct_conf.beg_auth_comp_id 
_struct_conf.beg_auth_asym_id 
_struct_conf.beg_auth_seq_id 
_struct_conf.end_auth_comp_id 
_struct_conf.end_auth_asym_id 
_struct_conf.end_auth_seq_id 
_struct_conf.pdbx_PDB_helix_class 
_struct_conf.details 
_struct_conf.pdbx_PDB_helix_length 
HELX_P HELX_P1 1 PRO A 40  ? GLY A 45  ? PRO A 40  GLY A 45  1 ? 6  
HELX_P HELX_P2 2 ASP A 55  ? ALA A 65  ? ASP A 55  ALA A 65  1 ? 11 
HELX_P HELX_P3 3 SER A 66  ? ASP A 71  ? SER A 66  ASP A 71  5 ? 6  
HELX_P HELX_P4 4 SER A 100 ? LEU A 102 ? SER A 100 LEU A 102 5 ? 3  
HELX_P HELX_P5 5 GLY A 116 ? LEU A 120 ? GLY A 116 LEU A 120 5 ? 5  
# 
_struct_conf_type.id          HELX_P 
_struct_conf_type.criteria    ? 
_struct_conf_type.reference   ? 
# 
loop_
_struct_conn.id 
_struct_conn.conn_type_id 
_struct_conn.pdbx_leaving_atom_flag 
_struct_conn.pdbx_PDB_id 
_struct_conn.ptnr1_label_asym_id 
_struct_conn.ptnr1_label_comp_id 
_struct_conn.ptnr1_label_seq_id 
_struct_conn.ptnr1_label_atom_id 
_struct_conn.pdbx_ptnr1_label_alt_id 
_struct_conn.pdbx_ptnr1_PDB_ins_code 
_struct_conn.pdbx_ptnr1_standard_comp_id 
_struct_conn.ptnr1_symmetry 
_struct_conn.ptnr2_label_asym_id 
_struct_conn.ptnr2_label_comp_id 
_struct_conn.ptnr2_label_seq_id 
_struct_conn.ptnr2_label_atom_id 
_struct_conn.pdbx_ptnr2_label_alt_id 
_struct_conn.pdbx_ptnr2_PDB_ins_code 
_struct_conn.ptnr1_auth_asym_id 
_struct_conn.ptnr1_auth_comp_id 
_struct_conn.ptnr1_auth_seq_id 
_struct_conn.ptnr2_auth_asym_id 
_struct_conn.ptnr2_auth_comp_id 
_struct_conn.ptnr2_auth_seq_id 
_struct_conn.ptnr2_symmetry 
_struct_conn.pdbx_ptnr3_label_atom_id 
_struct_conn.pdbx_ptnr3_label_seq_id 
_struct_conn.pdbx_ptnr3_label_comp_id 
_struct_conn.pdbx_ptnr3_label_asym_id 
_struct_conn.pdbx_ptnr3_label_alt_id 
_struct_conn.pdbx_ptnr3_PDB_ins_code 
_struct_conn.details 
_struct_conn.pdbx_dist_value 
_struct_conn.pdbx_value_order 
_struct_conn.pdbx_role 
disulf1 disulf ? ? A CYS 3   SG  ? ? ? 1_555 A CYS 26 SG ? ? A CYS 3   A CYS 26  1_555 ? ? ? ? ? ? ? 2.033 ? ? 
metalc1 metalc ? ? A GLY 45  O   ? ? ? 1_555 B CU1 .  CU ? ? A GLY 45  A CU1 901 1_555 ? ? ? ? ? ? ? 2.674 ? ? 
metalc2 metalc ? ? A HIS 46  ND1 ? ? ? 1_555 B CU1 .  CU ? ? A HIS 46  A CU1 901 1_555 ? ? ? ? ? ? ? 2.059 ? ? 
metalc3 metalc ? ? A HIS 83  NE2 ? ? ? 1_555 C RTB .  RU ? ? A HIS 83  A RTB 903 1_555 ? ? ? ? ? ? ? 2.053 ? ? 
metalc4 metalc ? ? A CYS 112 SG  ? ? ? 1_555 B CU1 .  CU ? ? A CYS 112 A CU1 901 1_555 ? ? ? ? ? ? ? 2.230 ? ? 
metalc5 metalc ? ? A HIS 117 ND1 ? ? ? 1_555 B CU1 .  CU ? ? A HIS 117 A CU1 901 1_555 ? ? ? ? ? ? ? 2.122 ? ? 
metalc6 metalc ? ? A MET 121 SD  ? ? ? 1_555 B CU1 .  CU ? ? A MET 121 A CU1 901 1_555 ? ? ? ? ? ? ? 3.311 ? ? 
# 
loop_
_struct_conn_type.id 
_struct_conn_type.criteria 
_struct_conn_type.reference 
disulf ? ? 
metalc ? ? 
# 
loop_
_pdbx_struct_conn_angle.id 
_pdbx_struct_conn_angle.ptnr1_label_atom_id 
_pdbx_struct_conn_angle.ptnr1_label_alt_id 
_pdbx_struct_conn_angle.ptnr1_label_asym_id 
_pdbx_struct_conn_angle.ptnr1_label_comp_id 
_pdbx_struct_conn_angle.ptnr1_label_seq_id 
_pdbx_struct_conn_angle.ptnr1_auth_atom_id 
_pdbx_struct_conn_angle.ptnr1_auth_asym_id 
_pdbx_struct_conn_angle.ptnr1_auth_comp_id 
_pdbx_struct_conn_angle.ptnr1_auth_seq_id 
_pdbx_struct_conn_angle.ptnr1_PDB_ins_code 
_pdbx_struct_conn_angle.ptnr1_symmetry 
_pdbx_struct_conn_angle.ptnr2_label_atom_id 
_pdbx_struct_conn_angle.ptnr2_label_alt_id 
_pdbx_struct_conn_angle.ptnr2_label_asym_id 
_pdbx_struct_conn_angle.ptnr2_label_comp_id 
_pdbx_struct_conn_angle.ptnr2_label_seq_id 
_pdbx_struct_conn_angle.ptnr2_auth_atom_id 
_pdbx_struct_conn_angle.ptnr2_auth_asym_id 
_pdbx_struct_conn_angle.ptnr2_auth_comp_id 
_pdbx_struct_conn_angle.ptnr2_auth_seq_id 
_pdbx_struct_conn_angle.ptnr2_PDB_ins_code 
_pdbx_struct_conn_angle.ptnr2_symmetry 
_pdbx_struct_conn_angle.ptnr3_label_atom_id 
_pdbx_struct_conn_angle.ptnr3_label_alt_id 
_pdbx_struct_conn_angle.ptnr3_label_asym_id 
_pdbx_struct_conn_angle.ptnr3_label_comp_id 
_pdbx_struct_conn_angle.ptnr3_label_seq_id 
_pdbx_struct_conn_angle.ptnr3_auth_atom_id 
_pdbx_struct_conn_angle.ptnr3_auth_asym_id 
_pdbx_struct_conn_angle.ptnr3_auth_comp_id 
_pdbx_struct_conn_angle.ptnr3_auth_seq_id 
_pdbx_struct_conn_angle.ptnr3_PDB_ins_code 
_pdbx_struct_conn_angle.ptnr3_symmetry 
_pdbx_struct_conn_angle.value 
_pdbx_struct_conn_angle.value_esd 
1  O   ? A GLY 45  ? A GLY 45  ? 1_555 CU ? B CU1 . ? A CU1 901 ? 1_555 ND1 ? A HIS 46  ? A HIS 46  ? 1_555 77.9  ? 
2  O   ? A GLY 45  ? A GLY 45  ? 1_555 CU ? B CU1 . ? A CU1 901 ? 1_555 SG  ? A CYS 112 ? A CYS 112 ? 1_555 97.3  ? 
3  ND1 ? A HIS 46  ? A HIS 46  ? 1_555 CU ? B CU1 . ? A CU1 901 ? 1_555 SG  ? A CYS 112 ? A CYS 112 ? 1_555 132.7 ? 
4  O   ? A GLY 45  ? A GLY 45  ? 1_555 CU ? B CU1 . ? A CU1 901 ? 1_555 ND1 ? A HIS 117 ? A HIS 117 ? 1_555 89.7  ? 
5  ND1 ? A HIS 46  ? A HIS 46  ? 1_555 CU ? B CU1 . ? A CU1 901 ? 1_555 ND1 ? A HIS 117 ? A HIS 117 ? 1_555 105.1 ? 
6  SG  ? A CYS 112 ? A CYS 112 ? 1_555 CU ? B CU1 . ? A CU1 901 ? 1_555 ND1 ? A HIS 117 ? A HIS 117 ? 1_555 121.9 ? 
7  O   ? A GLY 45  ? A GLY 45  ? 1_555 CU ? B CU1 . ? A CU1 901 ? 1_555 SD  ? A MET 121 ? A MET 121 ? 1_555 148.6 ? 
8  ND1 ? A HIS 46  ? A HIS 46  ? 1_555 CU ? B CU1 . ? A CU1 901 ? 1_555 SD  ? A MET 121 ? A MET 121 ? 1_555 72.8  ? 
9  SG  ? A CYS 112 ? A CYS 112 ? 1_555 CU ? B CU1 . ? A CU1 901 ? 1_555 SD  ? A MET 121 ? A MET 121 ? 1_555 110.7 ? 
10 ND1 ? A HIS 117 ? A HIS 117 ? 1_555 CU ? B CU1 . ? A CU1 901 ? 1_555 SD  ? A MET 121 ? A MET 121 ? 1_555 87.3  ? 
11 NE2 ? A HIS 83  ? A HIS 83  ? 1_555 RU ? C RTB . ? A RTB 903 ? 1_555 N2  ? C RTB .   ? A RTB 903 ? 1_555 174.8 ? 
12 NE2 ? A HIS 83  ? A HIS 83  ? 1_555 RU ? C RTB . ? A RTB 903 ? 1_555 N3  ? C RTB .   ? A RTB 903 ? 1_555 88.5  ? 
13 N2  ? C RTB .   ? A RTB 903 ? 1_555 RU ? C RTB . ? A RTB 903 ? 1_555 N3  ? C RTB .   ? A RTB 903 ? 1_555 95.0  ? 
14 NE2 ? A HIS 83  ? A HIS 83  ? 1_555 RU ? C RTB . ? A RTB 903 ? 1_555 N4  ? C RTB .   ? A RTB 903 ? 1_555 94.6  ? 
15 N2  ? C RTB .   ? A RTB 903 ? 1_555 RU ? C RTB . ? A RTB 903 ? 1_555 N4  ? C RTB .   ? A RTB 903 ? 1_555 81.9  ? 
16 N3  ? C RTB .   ? A RTB 903 ? 1_555 RU ? C RTB . ? A RTB 903 ? 1_555 N4  ? C RTB .   ? A RTB 903 ? 1_555 176.8 ? 
17 NE2 ? A HIS 83  ? A HIS 83  ? 1_555 RU ? C RTB . ? A RTB 903 ? 1_555 N5  ? C RTB .   ? A RTB 903 ? 1_555 88.3  ? 
18 N2  ? C RTB .   ? A RTB 903 ? 1_555 RU ? C RTB . ? A RTB 903 ? 1_555 N5  ? C RTB .   ? A RTB 903 ? 1_555 88.5  ? 
19 N3  ? C RTB .   ? A RTB 903 ? 1_555 RU ? C RTB . ? A RTB 903 ? 1_555 N5  ? C RTB .   ? A RTB 903 ? 1_555 79.9  ? 
20 N4  ? C RTB .   ? A RTB 903 ? 1_555 RU ? C RTB . ? A RTB 903 ? 1_555 N5  ? C RTB .   ? A RTB 903 ? 1_555 100.1 ? 
21 NE2 ? A HIS 83  ? A HIS 83  ? 1_555 RU ? C RTB . ? A RTB 903 ? 1_555 N6  ? C RTB .   ? A RTB 903 ? 1_555 89.8  ? 
22 N2  ? C RTB .   ? A RTB 903 ? 1_555 RU ? C RTB . ? A RTB 903 ? 1_555 N6  ? C RTB .   ? A RTB 903 ? 1_555 94.6  ? 
23 N3  ? C RTB .   ? A RTB 903 ? 1_555 RU ? C RTB . ? A RTB 903 ? 1_555 N6  ? C RTB .   ? A RTB 903 ? 1_555 80.5  ? 
24 N4  ? C RTB .   ? A RTB 903 ? 1_555 RU ? C RTB . ? A RTB 903 ? 1_555 N6  ? C RTB .   ? A RTB 903 ? 1_555 99.6  ? 
25 N5  ? C RTB .   ? A RTB 903 ? 1_555 RU ? C RTB . ? A RTB 903 ? 1_555 N6  ? C RTB .   ? A RTB 903 ? 1_555 160.3 ? 
# 
_pdbx_modification_feature.ordinal                            1 
_pdbx_modification_feature.label_comp_id                      CYS 
_pdbx_modification_feature.label_asym_id                      A 
_pdbx_modification_feature.label_seq_id                       3 
_pdbx_modification_feature.label_alt_id                       ? 
_pdbx_modification_feature.modified_residue_label_comp_id     CYS 
_pdbx_modification_feature.modified_residue_label_asym_id     A 
_pdbx_modification_feature.modified_residue_label_seq_id      26 
_pdbx_modification_feature.modified_residue_label_alt_id      ? 
_pdbx_modification_feature.auth_comp_id                       CYS 
_pdbx_modification_feature.auth_asym_id                       A 
_pdbx_modification_feature.auth_seq_id                        3 
_pdbx_modification_feature.PDB_ins_code                       ? 
_pdbx_modification_feature.symmetry                           1_555 
_pdbx_modification_feature.modified_residue_auth_comp_id      CYS 
_pdbx_modification_feature.modified_residue_auth_asym_id      A 
_pdbx_modification_feature.modified_residue_auth_seq_id       26 
_pdbx_modification_feature.modified_residue_PDB_ins_code      ? 
_pdbx_modification_feature.modified_residue_symmetry          1_555 
_pdbx_modification_feature.comp_id_linking_atom               SG 
_pdbx_modification_feature.modified_residue_id_linking_atom   SG 
_pdbx_modification_feature.modified_residue_id                . 
_pdbx_modification_feature.ref_pcm_id                         . 
_pdbx_modification_feature.ref_comp_id                        . 
_pdbx_modification_feature.type                               None 
_pdbx_modification_feature.category                           'Disulfide bridge' 
# 
loop_
_struct_sheet.id 
_struct_sheet.type 
_struct_sheet.number_strands 
_struct_sheet.details 
A ? 3 ? 
B ? 5 ? 
# 
loop_
_struct_sheet_order.sheet_id 
_struct_sheet_order.range_id_1 
_struct_sheet_order.range_id_2 
_struct_sheet_order.offset 
_struct_sheet_order.sense 
A 1 2 ? parallel      
A 2 3 ? anti-parallel 
B 1 2 ? parallel      
B 2 3 ? anti-parallel 
B 3 4 ? anti-parallel 
B 4 5 ? anti-parallel 
# 
loop_
_struct_sheet_range.sheet_id 
_struct_sheet_range.id 
_struct_sheet_range.beg_label_comp_id 
_struct_sheet_range.beg_label_asym_id 
_struct_sheet_range.beg_label_seq_id 
_struct_sheet_range.pdbx_beg_PDB_ins_code 
_struct_sheet_range.end_label_comp_id 
_struct_sheet_range.end_label_asym_id 
_struct_sheet_range.end_label_seq_id 
_struct_sheet_range.pdbx_end_PDB_ins_code 
_struct_sheet_range.beg_auth_comp_id 
_struct_sheet_range.beg_auth_asym_id 
_struct_sheet_range.beg_auth_seq_id 
_struct_sheet_range.end_auth_comp_id 
_struct_sheet_range.end_auth_asym_id 
_struct_sheet_range.end_auth_seq_id 
A 1 SER A 4   ? GLN A 8   ? SER A 4   GLN A 8   
A 2 GLN A 28  ? SER A 34  ? GLN A 28  SER A 34  
A 3 LYS A 92  ? ASP A 98  ? LYS A 92  ASP A 98  
B 1 ALA A 19  ? ASP A 23  ? ALA A 19  ASP A 23  
B 2 LYS A 122 ? LYS A 128 ? LYS A 122 LYS A 128 
B 3 TYR A 108 ? PHE A 111 ? TYR A 108 PHE A 111 
B 4 VAL A 49  ? THR A 52  ? VAL A 49  THR A 52  
B 5 ALA A 82  ? HIS A 83  ? ALA A 82  HIS A 83  
# 
loop_
_pdbx_struct_sheet_hbond.sheet_id 
_pdbx_struct_sheet_hbond.range_id_1 
_pdbx_struct_sheet_hbond.range_id_2 
_pdbx_struct_sheet_hbond.range_1_label_atom_id 
_pdbx_struct_sheet_hbond.range_1_label_comp_id 
_pdbx_struct_sheet_hbond.range_1_label_asym_id 
_pdbx_struct_sheet_hbond.range_1_label_seq_id 
_pdbx_struct_sheet_hbond.range_1_PDB_ins_code 
_pdbx_struct_sheet_hbond.range_1_auth_atom_id 
_pdbx_struct_sheet_hbond.range_1_auth_comp_id 
_pdbx_struct_sheet_hbond.range_1_auth_asym_id 
_pdbx_struct_sheet_hbond.range_1_auth_seq_id 
_pdbx_struct_sheet_hbond.range_2_label_atom_id 
_pdbx_struct_sheet_hbond.range_2_label_comp_id 
_pdbx_struct_sheet_hbond.range_2_label_asym_id 
_pdbx_struct_sheet_hbond.range_2_label_seq_id 
_pdbx_struct_sheet_hbond.range_2_PDB_ins_code 
_pdbx_struct_sheet_hbond.range_2_auth_atom_id 
_pdbx_struct_sheet_hbond.range_2_auth_comp_id 
_pdbx_struct_sheet_hbond.range_2_auth_asym_id 
_pdbx_struct_sheet_hbond.range_2_auth_seq_id 
A 1 2 N VAL A 5   ? N VAL A 5   O ASN A 32  ? O ASN A 32  
A 2 3 N VAL A 31  ? N VAL A 31  O VAL A 95  ? O VAL A 95  
B 1 2 N VAL A 22  ? N VAL A 22  O THR A 126 ? O THR A 126 
B 2 3 O GLY A 123 ? O GLY A 123 N PHE A 110 ? N PHE A 110 
B 3 4 O MET A 109 ? O MET A 109 N SER A 51  ? N SER A 51  
B 4 5 N LEU A 50  ? N LEU A 50  O ALA A 82  ? O ALA A 82  
# 
loop_
_struct_site.id 
_struct_site.pdbx_evidence_code 
_struct_site.pdbx_auth_asym_id 
_struct_site.pdbx_auth_comp_id 
_struct_site.pdbx_auth_seq_id 
_struct_site.pdbx_auth_ins_code 
_struct_site.pdbx_num_residues 
_struct_site.details 
AC1 Software A CU1 901 ? 5  'BINDING SITE FOR RESIDUE CU1 A 901' 
AC2 Software A RTB 903 ? 9  'BINDING SITE FOR RESIDUE RTB A 903' 
AC3 Software A IMF 902 ? 11 'BINDING SITE FOR RESIDUE IMF A 902' 
# 
loop_
_struct_site_gen.id 
_struct_site_gen.site_id 
_struct_site_gen.pdbx_num_res 
_struct_site_gen.label_comp_id 
_struct_site_gen.label_asym_id 
_struct_site_gen.label_seq_id 
_struct_site_gen.pdbx_auth_ins_code 
_struct_site_gen.auth_comp_id 
_struct_site_gen.auth_asym_id 
_struct_site_gen.auth_seq_id 
_struct_site_gen.label_atom_id 
_struct_site_gen.label_alt_id 
_struct_site_gen.symmetry 
_struct_site_gen.details 
1  AC1 5  GLY A 45  ? GLY A 45  . ? 1_555 ? 
2  AC1 5  HIS A 46  ? HIS A 46  . ? 1_555 ? 
3  AC1 5  CYS A 112 ? CYS A 112 . ? 1_555 ? 
4  AC1 5  HIS A 117 ? HIS A 117 . ? 1_555 ? 
5  AC1 5  MET A 121 ? MET A 121 . ? 1_555 ? 
6  AC2 9  HIS A 35  ? HIS A 35  . ? 8_555 ? 
7  AC2 9  GLY A 37  ? GLY A 37  . ? 8_555 ? 
8  AC2 9  ASN A 38  ? ASN A 38  . ? 8_555 ? 
9  AC2 9  LYS A 74  ? LYS A 74  . ? 1_555 ? 
10 AC2 9  ASP A 76  ? ASP A 76  . ? 1_555 ? 
11 AC2 9  ASP A 77  ? ASP A 77  . ? 1_555 ? 
12 AC2 9  VAL A 80  ? VAL A 80  . ? 1_555 ? 
13 AC2 9  HIS A 83  ? HIS A 83  . ? 1_555 ? 
14 AC2 9  GLY A 90  ? GLY A 90  . ? 8_555 ? 
15 AC3 11 LYS A 24  ? LYS A 24  . ? 1_555 ? 
16 AC3 11 LYS A 24  ? LYS A 24  . ? 3_655 ? 
17 AC3 11 CYS A 26  ? CYS A 26  . ? 1_555 ? 
18 AC3 11 LYS A 27  ? LYS A 27  . ? 1_555 ? 
19 AC3 11 ASP A 98  ? ASP A 98  . ? 1_555 ? 
20 AC3 11 VAL A 99  ? VAL A 99  . ? 1_555 ? 
21 AC3 11 VAL A 99  ? VAL A 99  . ? 3_655 ? 
22 AC3 11 SER A 100 ? SER A 100 . ? 1_555 ? 
23 AC3 11 SER A 100 ? SER A 100 . ? 3_655 ? 
24 AC3 11 LEU A 102 ? LEU A 102 . ? 3_655 ? 
25 AC3 11 LEU A 102 ? LEU A 102 . ? 1_555 ? 
# 
_pdbx_entry_details.entry_id                   1JZG 
_pdbx_entry_details.compound_details           ? 
_pdbx_entry_details.source_details             ? 
_pdbx_entry_details.nonpolymer_details         ? 
_pdbx_entry_details.sequence_details           ? 
_pdbx_entry_details.has_ligand_of_interest     ? 
_pdbx_entry_details.has_protein_modification   Y 
# 
_pdbx_validate_rmsd_bond.id                        1 
_pdbx_validate_rmsd_bond.PDB_model_num             1 
_pdbx_validate_rmsd_bond.auth_atom_id_1            CD 
_pdbx_validate_rmsd_bond.auth_asym_id_1            A 
_pdbx_validate_rmsd_bond.auth_comp_id_1            GLU 
_pdbx_validate_rmsd_bond.auth_seq_id_1             2 
_pdbx_validate_rmsd_bond.PDB_ins_code_1            ? 
_pdbx_validate_rmsd_bond.label_alt_id_1            ? 
_pdbx_validate_rmsd_bond.auth_atom_id_2            OE2 
_pdbx_validate_rmsd_bond.auth_asym_id_2            A 
_pdbx_validate_rmsd_bond.auth_comp_id_2            GLU 
_pdbx_validate_rmsd_bond.auth_seq_id_2             2 
_pdbx_validate_rmsd_bond.PDB_ins_code_2            ? 
_pdbx_validate_rmsd_bond.label_alt_id_2            ? 
_pdbx_validate_rmsd_bond.bond_value                1.327 
_pdbx_validate_rmsd_bond.bond_target_value         1.252 
_pdbx_validate_rmsd_bond.bond_deviation            0.075 
_pdbx_validate_rmsd_bond.bond_standard_deviation   0.011 
_pdbx_validate_rmsd_bond.linker_flag               N 
# 
loop_
_pdbx_validate_torsion.id 
_pdbx_validate_torsion.PDB_model_num 
_pdbx_validate_torsion.auth_comp_id 
_pdbx_validate_torsion.auth_asym_id 
_pdbx_validate_torsion.auth_seq_id 
_pdbx_validate_torsion.PDB_ins_code 
_pdbx_validate_torsion.label_alt_id 
_pdbx_validate_torsion.phi 
_pdbx_validate_torsion.psi 
1 1 ASN A 10 ? ? -121.22 -169.98 
2 1 MET A 44 ? A -142.28 42.72   
3 1 MET A 44 ? B -141.17 42.86   
# 
loop_
_pdbx_struct_special_symmetry.id 
_pdbx_struct_special_symmetry.PDB_model_num 
_pdbx_struct_special_symmetry.auth_asym_id 
_pdbx_struct_special_symmetry.auth_comp_id 
_pdbx_struct_special_symmetry.auth_seq_id 
_pdbx_struct_special_symmetry.PDB_ins_code 
_pdbx_struct_special_symmetry.label_asym_id 
_pdbx_struct_special_symmetry.label_comp_id 
_pdbx_struct_special_symmetry.label_seq_id 
1 1 A IMF 902  ? D IMF . 
2 1 A IMF 902  ? D IMF . 
3 1 A HOH 1108 ? E HOH . 
# 
loop_
_chem_comp_atom.comp_id 
_chem_comp_atom.atom_id 
_chem_comp_atom.type_symbol 
_chem_comp_atom.pdbx_aromatic_flag 
_chem_comp_atom.pdbx_stereo_config 
_chem_comp_atom.pdbx_ordinal 
ALA N    N  N N 1   
ALA CA   C  N S 2   
ALA C    C  N N 3   
ALA O    O  N N 4   
ALA CB   C  N N 5   
ALA OXT  O  N N 6   
ALA H    H  N N 7   
ALA H2   H  N N 8   
ALA HA   H  N N 9   
ALA HB1  H  N N 10  
ALA HB2  H  N N 11  
ALA HB3  H  N N 12  
ALA HXT  H  N N 13  
ARG N    N  N N 14  
ARG CA   C  N S 15  
ARG C    C  N N 16  
ARG O    O  N N 17  
ARG CB   C  N N 18  
ARG CG   C  N N 19  
ARG CD   C  N N 20  
ARG NE   N  N N 21  
ARG CZ   C  N N 22  
ARG NH1  N  N N 23  
ARG NH2  N  N N 24  
ARG OXT  O  N N 25  
ARG H    H  N N 26  
ARG H2   H  N N 27  
ARG HA   H  N N 28  
ARG HB2  H  N N 29  
ARG HB3  H  N N 30  
ARG HG2  H  N N 31  
ARG HG3  H  N N 32  
ARG HD2  H  N N 33  
ARG HD3  H  N N 34  
ARG HE   H  N N 35  
ARG HH11 H  N N 36  
ARG HH12 H  N N 37  
ARG HH21 H  N N 38  
ARG HH22 H  N N 39  
ARG HXT  H  N N 40  
ASN N    N  N N 41  
ASN CA   C  N S 42  
ASN C    C  N N 43  
ASN O    O  N N 44  
ASN CB   C  N N 45  
ASN CG   C  N N 46  
ASN OD1  O  N N 47  
ASN ND2  N  N N 48  
ASN OXT  O  N N 49  
ASN H    H  N N 50  
ASN H2   H  N N 51  
ASN HA   H  N N 52  
ASN HB2  H  N N 53  
ASN HB3  H  N N 54  
ASN HD21 H  N N 55  
ASN HD22 H  N N 56  
ASN HXT  H  N N 57  
ASP N    N  N N 58  
ASP CA   C  N S 59  
ASP C    C  N N 60  
ASP O    O  N N 61  
ASP CB   C  N N 62  
ASP CG   C  N N 63  
ASP OD1  O  N N 64  
ASP OD2  O  N N 65  
ASP OXT  O  N N 66  
ASP H    H  N N 67  
ASP H2   H  N N 68  
ASP HA   H  N N 69  
ASP HB2  H  N N 70  
ASP HB3  H  N N 71  
ASP HD2  H  N N 72  
ASP HXT  H  N N 73  
CU1 CU   CU N N 74  
CYS N    N  N N 75  
CYS CA   C  N R 76  
CYS C    C  N N 77  
CYS O    O  N N 78  
CYS CB   C  N N 79  
CYS SG   S  N N 80  
CYS OXT  O  N N 81  
CYS H    H  N N 82  
CYS H2   H  N N 83  
CYS HA   H  N N 84  
CYS HB2  H  N N 85  
CYS HB3  H  N N 86  
CYS HG   H  N N 87  
CYS HXT  H  N N 88  
GLN N    N  N N 89  
GLN CA   C  N S 90  
GLN C    C  N N 91  
GLN O    O  N N 92  
GLN CB   C  N N 93  
GLN CG   C  N N 94  
GLN CD   C  N N 95  
GLN OE1  O  N N 96  
GLN NE2  N  N N 97  
GLN OXT  O  N N 98  
GLN H    H  N N 99  
GLN H2   H  N N 100 
GLN HA   H  N N 101 
GLN HB2  H  N N 102 
GLN HB3  H  N N 103 
GLN HG2  H  N N 104 
GLN HG3  H  N N 105 
GLN HE21 H  N N 106 
GLN HE22 H  N N 107 
GLN HXT  H  N N 108 
GLU N    N  N N 109 
GLU CA   C  N S 110 
GLU C    C  N N 111 
GLU O    O  N N 112 
GLU CB   C  N N 113 
GLU CG   C  N N 114 
GLU CD   C  N N 115 
GLU OE1  O  N N 116 
GLU OE2  O  N N 117 
GLU OXT  O  N N 118 
GLU H    H  N N 119 
GLU H2   H  N N 120 
GLU HA   H  N N 121 
GLU HB2  H  N N 122 
GLU HB3  H  N N 123 
GLU HG2  H  N N 124 
GLU HG3  H  N N 125 
GLU HE2  H  N N 126 
GLU HXT  H  N N 127 
GLY N    N  N N 128 
GLY CA   C  N N 129 
GLY C    C  N N 130 
GLY O    O  N N 131 
GLY OXT  O  N N 132 
GLY H    H  N N 133 
GLY H2   H  N N 134 
GLY HA2  H  N N 135 
GLY HA3  H  N N 136 
GLY HXT  H  N N 137 
HIS N    N  N N 138 
HIS CA   C  N S 139 
HIS C    C  N N 140 
HIS O    O  N N 141 
HIS CB   C  N N 142 
HIS CG   C  Y N 143 
HIS ND1  N  Y N 144 
HIS CD2  C  Y N 145 
HIS CE1  C  Y N 146 
HIS NE2  N  Y N 147 
HIS OXT  O  N N 148 
HIS H    H  N N 149 
HIS H2   H  N N 150 
HIS HA   H  N N 151 
HIS HB2  H  N N 152 
HIS HB3  H  N N 153 
HIS HD1  H  N N 154 
HIS HD2  H  N N 155 
HIS HE1  H  N N 156 
HIS HE2  H  N N 157 
HIS HXT  H  N N 158 
HOH O    O  N N 159 
HOH H1   H  N N 160 
HOH H2   H  N N 161 
ILE N    N  N N 162 
ILE CA   C  N S 163 
ILE C    C  N N 164 
ILE O    O  N N 165 
ILE CB   C  N S 166 
ILE CG1  C  N N 167 
ILE CG2  C  N N 168 
ILE CD1  C  N N 169 
ILE OXT  O  N N 170 
ILE H    H  N N 171 
ILE H2   H  N N 172 
ILE HA   H  N N 173 
ILE HB   H  N N 174 
ILE HG12 H  N N 175 
ILE HG13 H  N N 176 
ILE HG21 H  N N 177 
ILE HG22 H  N N 178 
ILE HG23 H  N N 179 
ILE HD11 H  N N 180 
ILE HD12 H  N N 181 
ILE HD13 H  N N 182 
ILE HXT  H  N N 183 
IMF CU   CU N N 184 
IMF O1   O  N N 185 
IMF O2   O  N N 186 
IMF CG1  C  Y N 187 
IMF CDC  C  Y N 188 
IMF NDB  N  Y N 189 
IMF CEB  C  Y N 190 
IMF NEC  N  Y N 191 
IMF CG2  C  Y N 192 
IMF CDM  C  Y N 193 
IMF NDL  N  Y N 194 
IMF CEL  C  Y N 195 
IMF NEM  N  Y N 196 
IMF CG3  C  Y N 197 
IMF CDW  C  Y N 198 
IMF NDV  N  Y N 199 
IMF CEV  C  Y N 200 
IMF NEW  N  Y N 201 
IMF CG4  C  Y N 202 
IMF CD6  C  Y N 203 
IMF ND5  N  Y N 204 
IMF CE5  C  Y N 205 
IMF NE6  N  Y N 206 
IMF HO11 H  N N 207 
IMF HO12 H  N N 208 
IMF HO21 H  N N 209 
IMF HO22 H  N N 210 
IMF HG1  H  N N 211 
IMF HD21 H  N N 212 
IMF HD11 H  N N 213 
IMF H1E2 H  N N 214 
IMF HG2  H  N N 215 
IMF HD22 H  N N 216 
IMF HD12 H  N N 217 
IMF H2E1 H  N N 218 
IMF HG3  H  N N 219 
IMF HD23 H  N N 220 
IMF HD13 H  N N 221 
IMF HG4  H  N N 222 
IMF HD24 H  N N 223 
IMF HD14 H  N N 224 
IMF H4E1 H  N N 225 
IMF HC1  H  N N 226 
LEU N    N  N N 227 
LEU CA   C  N S 228 
LEU C    C  N N 229 
LEU O    O  N N 230 
LEU CB   C  N N 231 
LEU CG   C  N N 232 
LEU CD1  C  N N 233 
LEU CD2  C  N N 234 
LEU OXT  O  N N 235 
LEU H    H  N N 236 
LEU H2   H  N N 237 
LEU HA   H  N N 238 
LEU HB2  H  N N 239 
LEU HB3  H  N N 240 
LEU HG   H  N N 241 
LEU HD11 H  N N 242 
LEU HD12 H  N N 243 
LEU HD13 H  N N 244 
LEU HD21 H  N N 245 
LEU HD22 H  N N 246 
LEU HD23 H  N N 247 
LEU HXT  H  N N 248 
LYS N    N  N N 249 
LYS CA   C  N S 250 
LYS C    C  N N 251 
LYS O    O  N N 252 
LYS CB   C  N N 253 
LYS CG   C  N N 254 
LYS CD   C  N N 255 
LYS CE   C  N N 256 
LYS NZ   N  N N 257 
LYS OXT  O  N N 258 
LYS H    H  N N 259 
LYS H2   H  N N 260 
LYS HA   H  N N 261 
LYS HB2  H  N N 262 
LYS HB3  H  N N 263 
LYS HG2  H  N N 264 
LYS HG3  H  N N 265 
LYS HD2  H  N N 266 
LYS HD3  H  N N 267 
LYS HE2  H  N N 268 
LYS HE3  H  N N 269 
LYS HZ1  H  N N 270 
LYS HZ2  H  N N 271 
LYS HZ3  H  N N 272 
LYS HXT  H  N N 273 
MET N    N  N N 274 
MET CA   C  N S 275 
MET C    C  N N 276 
MET O    O  N N 277 
MET CB   C  N N 278 
MET CG   C  N N 279 
MET SD   S  N N 280 
MET CE   C  N N 281 
MET OXT  O  N N 282 
MET H    H  N N 283 
MET H2   H  N N 284 
MET HA   H  N N 285 
MET HB2  H  N N 286 
MET HB3  H  N N 287 
MET HG2  H  N N 288 
MET HG3  H  N N 289 
MET HE1  H  N N 290 
MET HE2  H  N N 291 
MET HE3  H  N N 292 
MET HXT  H  N N 293 
PHE N    N  N N 294 
PHE CA   C  N S 295 
PHE C    C  N N 296 
PHE O    O  N N 297 
PHE CB   C  N N 298 
PHE CG   C  Y N 299 
PHE CD1  C  Y N 300 
PHE CD2  C  Y N 301 
PHE CE1  C  Y N 302 
PHE CE2  C  Y N 303 
PHE CZ   C  Y N 304 
PHE OXT  O  N N 305 
PHE H    H  N N 306 
PHE H2   H  N N 307 
PHE HA   H  N N 308 
PHE HB2  H  N N 309 
PHE HB3  H  N N 310 
PHE HD1  H  N N 311 
PHE HD2  H  N N 312 
PHE HE1  H  N N 313 
PHE HE2  H  N N 314 
PHE HZ   H  N N 315 
PHE HXT  H  N N 316 
PRO N    N  N N 317 
PRO CA   C  N S 318 
PRO C    C  N N 319 
PRO O    O  N N 320 
PRO CB   C  N N 321 
PRO CG   C  N N 322 
PRO CD   C  N N 323 
PRO OXT  O  N N 324 
PRO H    H  N N 325 
PRO HA   H  N N 326 
PRO HB2  H  N N 327 
PRO HB3  H  N N 328 
PRO HG2  H  N N 329 
PRO HG3  H  N N 330 
PRO HD2  H  N N 331 
PRO HD3  H  N N 332 
PRO HXT  H  N N 333 
RTB RU   RU N N 334 
RTB N2   N  Y N 335 
RTB N3   N  Y N 336 
RTB N4   N  Y N 337 
RTB N5   N  Y N 338 
RTB N6   N  Y N 339 
RTB C7   C  Y N 340 
RTB C8   C  Y N 341 
RTB C9   C  Y N 342 
RTB C10  C  Y N 343 
RTB C11  C  Y N 344 
RTB C12  C  Y N 345 
RTB C13  C  Y N 346 
RTB C14  C  Y N 347 
RTB C15  C  Y N 348 
RTB C16  C  Y N 349 
RTB C17  C  Y N 350 
RTB C18  C  Y N 351 
RTB C19  C  Y N 352 
RTB C20  C  Y N 353 
RTB C21  C  Y N 354 
RTB C22  C  Y N 355 
RTB C23  C  Y N 356 
RTB C24  C  Y N 357 
RTB C25  C  Y N 358 
RTB C26  C  Y N 359 
RTB C27  C  Y N 360 
RTB C28  C  Y N 361 
RTB C29  C  Y N 362 
RTB C30  C  Y N 363 
RTB C31  C  Y N 364 
RTB C32  C  Y N 365 
RTB C33  C  Y N 366 
RTB H71  H  N N 367 
RTB H81  H  N N 368 
RTB H91  H  N N 369 
RTB H131 H  N N 370 
RTB H141 H  N N 371 
RTB H151 H  N N 372 
RTB H171 H  N N 373 
RTB H181 H  N N 374 
RTB H191 H  N N 375 
RTB H231 H  N N 376 
RTB H241 H  N N 377 
RTB H251 H  N N 378 
RTB H261 H  N N 379 
RTB H281 H  N N 380 
RTB H291 H  N N 381 
RTB H301 H  N N 382 
RTB H311 H  N N 383 
RTB H321 H  N N 384 
RTB H331 H  N N 385 
SER N    N  N N 386 
SER CA   C  N S 387 
SER C    C  N N 388 
SER O    O  N N 389 
SER CB   C  N N 390 
SER OG   O  N N 391 
SER OXT  O  N N 392 
SER H    H  N N 393 
SER H2   H  N N 394 
SER HA   H  N N 395 
SER HB2  H  N N 396 
SER HB3  H  N N 397 
SER HG   H  N N 398 
SER HXT  H  N N 399 
THR N    N  N N 400 
THR CA   C  N S 401 
THR C    C  N N 402 
THR O    O  N N 403 
THR CB   C  N R 404 
THR OG1  O  N N 405 
THR CG2  C  N N 406 
THR OXT  O  N N 407 
THR H    H  N N 408 
THR H2   H  N N 409 
THR HA   H  N N 410 
THR HB   H  N N 411 
THR HG1  H  N N 412 
THR HG21 H  N N 413 
THR HG22 H  N N 414 
THR HG23 H  N N 415 
THR HXT  H  N N 416 
TRP N    N  N N 417 
TRP CA   C  N S 418 
TRP C    C  N N 419 
TRP O    O  N N 420 
TRP CB   C  N N 421 
TRP CG   C  Y N 422 
TRP CD1  C  Y N 423 
TRP CD2  C  Y N 424 
TRP NE1  N  Y N 425 
TRP CE2  C  Y N 426 
TRP CE3  C  Y N 427 
TRP CZ2  C  Y N 428 
TRP CZ3  C  Y N 429 
TRP CH2  C  Y N 430 
TRP OXT  O  N N 431 
TRP H    H  N N 432 
TRP H2   H  N N 433 
TRP HA   H  N N 434 
TRP HB2  H  N N 435 
TRP HB3  H  N N 436 
TRP HD1  H  N N 437 
TRP HE1  H  N N 438 
TRP HE3  H  N N 439 
TRP HZ2  H  N N 440 
TRP HZ3  H  N N 441 
TRP HH2  H  N N 442 
TRP HXT  H  N N 443 
TYR N    N  N N 444 
TYR CA   C  N S 445 
TYR C    C  N N 446 
TYR O    O  N N 447 
TYR CB   C  N N 448 
TYR CG   C  Y N 449 
TYR CD1  C  Y N 450 
TYR CD2  C  Y N 451 
TYR CE1  C  Y N 452 
TYR CE2  C  Y N 453 
TYR CZ   C  Y N 454 
TYR OH   O  N N 455 
TYR OXT  O  N N 456 
TYR H    H  N N 457 
TYR H2   H  N N 458 
TYR HA   H  N N 459 
TYR HB2  H  N N 460 
TYR HB3  H  N N 461 
TYR HD1  H  N N 462 
TYR HD2  H  N N 463 
TYR HE1  H  N N 464 
TYR HE2  H  N N 465 
TYR HH   H  N N 466 
TYR HXT  H  N N 467 
VAL N    N  N N 468 
VAL CA   C  N S 469 
VAL C    C  N N 470 
VAL O    O  N N 471 
VAL CB   C  N N 472 
VAL CG1  C  N N 473 
VAL CG2  C  N N 474 
VAL OXT  O  N N 475 
VAL H    H  N N 476 
VAL H2   H  N N 477 
VAL HA   H  N N 478 
VAL HB   H  N N 479 
VAL HG11 H  N N 480 
VAL HG12 H  N N 481 
VAL HG13 H  N N 482 
VAL HG21 H  N N 483 
VAL HG22 H  N N 484 
VAL HG23 H  N N 485 
VAL HXT  H  N N 486 
# 
loop_
_chem_comp_bond.comp_id 
_chem_comp_bond.atom_id_1 
_chem_comp_bond.atom_id_2 
_chem_comp_bond.value_order 
_chem_comp_bond.pdbx_aromatic_flag 
_chem_comp_bond.pdbx_stereo_config 
_chem_comp_bond.pdbx_ordinal 
ALA N   CA   sing N N 1   
ALA N   H    sing N N 2   
ALA N   H2   sing N N 3   
ALA CA  C    sing N N 4   
ALA CA  CB   sing N N 5   
ALA CA  HA   sing N N 6   
ALA C   O    doub N N 7   
ALA C   OXT  sing N N 8   
ALA CB  HB1  sing N N 9   
ALA CB  HB2  sing N N 10  
ALA CB  HB3  sing N N 11  
ALA OXT HXT  sing N N 12  
ARG N   CA   sing N N 13  
ARG N   H    sing N N 14  
ARG N   H2   sing N N 15  
ARG CA  C    sing N N 16  
ARG CA  CB   sing N N 17  
ARG CA  HA   sing N N 18  
ARG C   O    doub N N 19  
ARG C   OXT  sing N N 20  
ARG CB  CG   sing N N 21  
ARG CB  HB2  sing N N 22  
ARG CB  HB3  sing N N 23  
ARG CG  CD   sing N N 24  
ARG CG  HG2  sing N N 25  
ARG CG  HG3  sing N N 26  
ARG CD  NE   sing N N 27  
ARG CD  HD2  sing N N 28  
ARG CD  HD3  sing N N 29  
ARG NE  CZ   sing N N 30  
ARG NE  HE   sing N N 31  
ARG CZ  NH1  sing N N 32  
ARG CZ  NH2  doub N N 33  
ARG NH1 HH11 sing N N 34  
ARG NH1 HH12 sing N N 35  
ARG NH2 HH21 sing N N 36  
ARG NH2 HH22 sing N N 37  
ARG OXT HXT  sing N N 38  
ASN N   CA   sing N N 39  
ASN N   H    sing N N 40  
ASN N   H2   sing N N 41  
ASN CA  C    sing N N 42  
ASN CA  CB   sing N N 43  
ASN CA  HA   sing N N 44  
ASN C   O    doub N N 45  
ASN C   OXT  sing N N 46  
ASN CB  CG   sing N N 47  
ASN CB  HB2  sing N N 48  
ASN CB  HB3  sing N N 49  
ASN CG  OD1  doub N N 50  
ASN CG  ND2  sing N N 51  
ASN ND2 HD21 sing N N 52  
ASN ND2 HD22 sing N N 53  
ASN OXT HXT  sing N N 54  
ASP N   CA   sing N N 55  
ASP N   H    sing N N 56  
ASP N   H2   sing N N 57  
ASP CA  C    sing N N 58  
ASP CA  CB   sing N N 59  
ASP CA  HA   sing N N 60  
ASP C   O    doub N N 61  
ASP C   OXT  sing N N 62  
ASP CB  CG   sing N N 63  
ASP CB  HB2  sing N N 64  
ASP CB  HB3  sing N N 65  
ASP CG  OD1  doub N N 66  
ASP CG  OD2  sing N N 67  
ASP OD2 HD2  sing N N 68  
ASP OXT HXT  sing N N 69  
CYS N   CA   sing N N 70  
CYS N   H    sing N N 71  
CYS N   H2   sing N N 72  
CYS CA  C    sing N N 73  
CYS CA  CB   sing N N 74  
CYS CA  HA   sing N N 75  
CYS C   O    doub N N 76  
CYS C   OXT  sing N N 77  
CYS CB  SG   sing N N 78  
CYS CB  HB2  sing N N 79  
CYS CB  HB3  sing N N 80  
CYS SG  HG   sing N N 81  
CYS OXT HXT  sing N N 82  
GLN N   CA   sing N N 83  
GLN N   H    sing N N 84  
GLN N   H2   sing N N 85  
GLN CA  C    sing N N 86  
GLN CA  CB   sing N N 87  
GLN CA  HA   sing N N 88  
GLN C   O    doub N N 89  
GLN C   OXT  sing N N 90  
GLN CB  CG   sing N N 91  
GLN CB  HB2  sing N N 92  
GLN CB  HB3  sing N N 93  
GLN CG  CD   sing N N 94  
GLN CG  HG2  sing N N 95  
GLN CG  HG3  sing N N 96  
GLN CD  OE1  doub N N 97  
GLN CD  NE2  sing N N 98  
GLN NE2 HE21 sing N N 99  
GLN NE2 HE22 sing N N 100 
GLN OXT HXT  sing N N 101 
GLU N   CA   sing N N 102 
GLU N   H    sing N N 103 
GLU N   H2   sing N N 104 
GLU CA  C    sing N N 105 
GLU CA  CB   sing N N 106 
GLU CA  HA   sing N N 107 
GLU C   O    doub N N 108 
GLU C   OXT  sing N N 109 
GLU CB  CG   sing N N 110 
GLU CB  HB2  sing N N 111 
GLU CB  HB3  sing N N 112 
GLU CG  CD   sing N N 113 
GLU CG  HG2  sing N N 114 
GLU CG  HG3  sing N N 115 
GLU CD  OE1  doub N N 116 
GLU CD  OE2  sing N N 117 
GLU OE2 HE2  sing N N 118 
GLU OXT HXT  sing N N 119 
GLY N   CA   sing N N 120 
GLY N   H    sing N N 121 
GLY N   H2   sing N N 122 
GLY CA  C    sing N N 123 
GLY CA  HA2  sing N N 124 
GLY CA  HA3  sing N N 125 
GLY C   O    doub N N 126 
GLY C   OXT  sing N N 127 
GLY OXT HXT  sing N N 128 
HIS N   CA   sing N N 129 
HIS N   H    sing N N 130 
HIS N   H2   sing N N 131 
HIS CA  C    sing N N 132 
HIS CA  CB   sing N N 133 
HIS CA  HA   sing N N 134 
HIS C   O    doub N N 135 
HIS C   OXT  sing N N 136 
HIS CB  CG   sing N N 137 
HIS CB  HB2  sing N N 138 
HIS CB  HB3  sing N N 139 
HIS CG  ND1  sing Y N 140 
HIS CG  CD2  doub Y N 141 
HIS ND1 CE1  doub Y N 142 
HIS ND1 HD1  sing N N 143 
HIS CD2 NE2  sing Y N 144 
HIS CD2 HD2  sing N N 145 
HIS CE1 NE2  sing Y N 146 
HIS CE1 HE1  sing N N 147 
HIS NE2 HE2  sing N N 148 
HIS OXT HXT  sing N N 149 
HOH O   H1   sing N N 150 
HOH O   H2   sing N N 151 
ILE N   CA   sing N N 152 
ILE N   H    sing N N 153 
ILE N   H2   sing N N 154 
ILE CA  C    sing N N 155 
ILE CA  CB   sing N N 156 
ILE CA  HA   sing N N 157 
ILE C   O    doub N N 158 
ILE C   OXT  sing N N 159 
ILE CB  CG1  sing N N 160 
ILE CB  CG2  sing N N 161 
ILE CB  HB   sing N N 162 
ILE CG1 CD1  sing N N 163 
ILE CG1 HG12 sing N N 164 
ILE CG1 HG13 sing N N 165 
ILE CG2 HG21 sing N N 166 
ILE CG2 HG22 sing N N 167 
ILE CG2 HG23 sing N N 168 
ILE CD1 HD11 sing N N 169 
ILE CD1 HD12 sing N N 170 
ILE CD1 HD13 sing N N 171 
ILE OXT HXT  sing N N 172 
IMF CU  O1   sing N N 173 
IMF CU  O2   sing N N 174 
IMF CU  NEC  sing N N 175 
IMF CU  NEM  sing N N 176 
IMF CU  NEW  sing N N 177 
IMF CU  NE6  sing N N 178 
IMF O1  HO11 sing N N 179 
IMF O1  HO12 sing N N 180 
IMF O2  HO21 sing N N 181 
IMF O2  HO22 sing N N 182 
IMF CG1 CDC  doub Y N 183 
IMF CG1 NDB  sing Y N 184 
IMF CG1 HG1  sing N N 185 
IMF CDC NEC  sing Y N 186 
IMF CDC HD21 sing N N 187 
IMF NDB CEB  sing Y N 188 
IMF NDB HD11 sing N N 189 
IMF CEB NEC  doub Y N 190 
IMF CEB H1E2 sing N N 191 
IMF CG2 CDM  doub Y N 192 
IMF CG2 NDL  sing Y N 193 
IMF CG2 HG2  sing N N 194 
IMF CDM NEM  sing Y N 195 
IMF CDM HD22 sing N N 196 
IMF NDL CEL  sing Y N 197 
IMF NDL HD12 sing N N 198 
IMF CEL NEM  doub Y N 199 
IMF CEL H2E1 sing N N 200 
IMF CG3 CDW  doub Y N 201 
IMF CG3 NDV  sing Y N 202 
IMF CG3 HG3  sing N N 203 
IMF CDW NEW  sing Y N 204 
IMF CDW HD23 sing N N 205 
IMF NDV CEV  sing Y N 206 
IMF NDV HD13 sing N N 207 
IMF CEV NEW  doub Y N 208 
IMF CG4 CD6  doub Y N 209 
IMF CG4 ND5  sing Y N 210 
IMF CG4 HG4  sing N N 211 
IMF CD6 NE6  sing Y N 212 
IMF CD6 HD24 sing N N 213 
IMF ND5 CE5  sing Y N 214 
IMF ND5 HD14 sing N N 215 
IMF CE5 NE6  doub Y N 216 
IMF CE5 H4E1 sing N N 217 
IMF HC1 CEV  sing N N 218 
LEU N   CA   sing N N 219 
LEU N   H    sing N N 220 
LEU N   H2   sing N N 221 
LEU CA  C    sing N N 222 
LEU CA  CB   sing N N 223 
LEU CA  HA   sing N N 224 
LEU C   O    doub N N 225 
LEU C   OXT  sing N N 226 
LEU CB  CG   sing N N 227 
LEU CB  HB2  sing N N 228 
LEU CB  HB3  sing N N 229 
LEU CG  CD1  sing N N 230 
LEU CG  CD2  sing N N 231 
LEU CG  HG   sing N N 232 
LEU CD1 HD11 sing N N 233 
LEU CD1 HD12 sing N N 234 
LEU CD1 HD13 sing N N 235 
LEU CD2 HD21 sing N N 236 
LEU CD2 HD22 sing N N 237 
LEU CD2 HD23 sing N N 238 
LEU OXT HXT  sing N N 239 
LYS N   CA   sing N N 240 
LYS N   H    sing N N 241 
LYS N   H2   sing N N 242 
LYS CA  C    sing N N 243 
LYS CA  CB   sing N N 244 
LYS CA  HA   sing N N 245 
LYS C   O    doub N N 246 
LYS C   OXT  sing N N 247 
LYS CB  CG   sing N N 248 
LYS CB  HB2  sing N N 249 
LYS CB  HB3  sing N N 250 
LYS CG  CD   sing N N 251 
LYS CG  HG2  sing N N 252 
LYS CG  HG3  sing N N 253 
LYS CD  CE   sing N N 254 
LYS CD  HD2  sing N N 255 
LYS CD  HD3  sing N N 256 
LYS CE  NZ   sing N N 257 
LYS CE  HE2  sing N N 258 
LYS CE  HE3  sing N N 259 
LYS NZ  HZ1  sing N N 260 
LYS NZ  HZ2  sing N N 261 
LYS NZ  HZ3  sing N N 262 
LYS OXT HXT  sing N N 263 
MET N   CA   sing N N 264 
MET N   H    sing N N 265 
MET N   H2   sing N N 266 
MET CA  C    sing N N 267 
MET CA  CB   sing N N 268 
MET CA  HA   sing N N 269 
MET C   O    doub N N 270 
MET C   OXT  sing N N 271 
MET CB  CG   sing N N 272 
MET CB  HB2  sing N N 273 
MET CB  HB3  sing N N 274 
MET CG  SD   sing N N 275 
MET CG  HG2  sing N N 276 
MET CG  HG3  sing N N 277 
MET SD  CE   sing N N 278 
MET CE  HE1  sing N N 279 
MET CE  HE2  sing N N 280 
MET CE  HE3  sing N N 281 
MET OXT HXT  sing N N 282 
PHE N   CA   sing N N 283 
PHE N   H    sing N N 284 
PHE N   H2   sing N N 285 
PHE CA  C    sing N N 286 
PHE CA  CB   sing N N 287 
PHE CA  HA   sing N N 288 
PHE C   O    doub N N 289 
PHE C   OXT  sing N N 290 
PHE CB  CG   sing N N 291 
PHE CB  HB2  sing N N 292 
PHE CB  HB3  sing N N 293 
PHE CG  CD1  doub Y N 294 
PHE CG  CD2  sing Y N 295 
PHE CD1 CE1  sing Y N 296 
PHE CD1 HD1  sing N N 297 
PHE CD2 CE2  doub Y N 298 
PHE CD2 HD2  sing N N 299 
PHE CE1 CZ   doub Y N 300 
PHE CE1 HE1  sing N N 301 
PHE CE2 CZ   sing Y N 302 
PHE CE2 HE2  sing N N 303 
PHE CZ  HZ   sing N N 304 
PHE OXT HXT  sing N N 305 
PRO N   CA   sing N N 306 
PRO N   CD   sing N N 307 
PRO N   H    sing N N 308 
PRO CA  C    sing N N 309 
PRO CA  CB   sing N N 310 
PRO CA  HA   sing N N 311 
PRO C   O    doub N N 312 
PRO C   OXT  sing N N 313 
PRO CB  CG   sing N N 314 
PRO CB  HB2  sing N N 315 
PRO CB  HB3  sing N N 316 
PRO CG  CD   sing N N 317 
PRO CG  HG2  sing N N 318 
PRO CG  HG3  sing N N 319 
PRO CD  HD2  sing N N 320 
PRO CD  HD3  sing N N 321 
PRO OXT HXT  sing N N 322 
RTB RU  N2   sing N N 323 
RTB RU  N3   sing N N 324 
RTB RU  N4   sing N N 325 
RTB RU  N5   sing N N 326 
RTB RU  N6   sing N N 327 
RTB N2  C7   sing Y N 328 
RTB N2  C11  doub Y N 329 
RTB N3  C12  sing Y N 330 
RTB N3  C16  doub Y N 331 
RTB N4  C17  sing Y N 332 
RTB N4  C21  doub Y N 333 
RTB N5  C22  doub Y N 334 
RTB N5  C23  sing Y N 335 
RTB N6  C27  sing Y N 336 
RTB N6  C28  doub Y N 337 
RTB C7  C8   doub Y N 338 
RTB C7  H71  sing N N 339 
RTB C8  C9   sing Y N 340 
RTB C8  H81  sing N N 341 
RTB C9  C10  doub Y N 342 
RTB C9  H91  sing N N 343 
RTB C10 C11  sing Y N 344 
RTB C10 C33  sing Y N 345 
RTB C11 C21  sing Y N 346 
RTB C12 C13  doub Y N 347 
RTB C12 C22  sing N N 348 
RTB C13 C14  sing Y N 349 
RTB C13 H131 sing N N 350 
RTB C14 C15  doub Y N 351 
RTB C14 H141 sing N N 352 
RTB C15 C16  sing Y N 353 
RTB C15 H151 sing N N 354 
RTB C16 C27  sing N N 355 
RTB C17 C18  doub Y N 356 
RTB C17 H171 sing N N 357 
RTB C18 C19  sing Y N 358 
RTB C18 H181 sing N N 359 
RTB C19 C20  doub Y N 360 
RTB C19 H191 sing N N 361 
RTB C20 C21  sing Y N 362 
RTB C20 C32  sing Y N 363 
RTB C22 C26  sing Y N 364 
RTB C23 C24  doub Y N 365 
RTB C23 H231 sing N N 366 
RTB C24 C25  sing Y N 367 
RTB C24 H241 sing N N 368 
RTB C25 C26  doub Y N 369 
RTB C25 H251 sing N N 370 
RTB C26 H261 sing N N 371 
RTB C27 C31  doub Y N 372 
RTB C28 C29  sing Y N 373 
RTB C28 H281 sing N N 374 
RTB C29 C30  doub Y N 375 
RTB C29 H291 sing N N 376 
RTB C30 C31  sing Y N 377 
RTB C30 H301 sing N N 378 
RTB C31 H311 sing N N 379 
RTB C32 C33  doub Y N 380 
RTB C32 H321 sing N N 381 
RTB C33 H331 sing N N 382 
SER N   CA   sing N N 383 
SER N   H    sing N N 384 
SER N   H2   sing N N 385 
SER CA  C    sing N N 386 
SER CA  CB   sing N N 387 
SER CA  HA   sing N N 388 
SER C   O    doub N N 389 
SER C   OXT  sing N N 390 
SER CB  OG   sing N N 391 
SER CB  HB2  sing N N 392 
SER CB  HB3  sing N N 393 
SER OG  HG   sing N N 394 
SER OXT HXT  sing N N 395 
THR N   CA   sing N N 396 
THR N   H    sing N N 397 
THR N   H2   sing N N 398 
THR CA  C    sing N N 399 
THR CA  CB   sing N N 400 
THR CA  HA   sing N N 401 
THR C   O    doub N N 402 
THR C   OXT  sing N N 403 
THR CB  OG1  sing N N 404 
THR CB  CG2  sing N N 405 
THR CB  HB   sing N N 406 
THR OG1 HG1  sing N N 407 
THR CG2 HG21 sing N N 408 
THR CG2 HG22 sing N N 409 
THR CG2 HG23 sing N N 410 
THR OXT HXT  sing N N 411 
TRP N   CA   sing N N 412 
TRP N   H    sing N N 413 
TRP N   H2   sing N N 414 
TRP CA  C    sing N N 415 
TRP CA  CB   sing N N 416 
TRP CA  HA   sing N N 417 
TRP C   O    doub N N 418 
TRP C   OXT  sing N N 419 
TRP CB  CG   sing N N 420 
TRP CB  HB2  sing N N 421 
TRP CB  HB3  sing N N 422 
TRP CG  CD1  doub Y N 423 
TRP CG  CD2  sing Y N 424 
TRP CD1 NE1  sing Y N 425 
TRP CD1 HD1  sing N N 426 
TRP CD2 CE2  doub Y N 427 
TRP CD2 CE3  sing Y N 428 
TRP NE1 CE2  sing Y N 429 
TRP NE1 HE1  sing N N 430 
TRP CE2 CZ2  sing Y N 431 
TRP CE3 CZ3  doub Y N 432 
TRP CE3 HE3  sing N N 433 
TRP CZ2 CH2  doub Y N 434 
TRP CZ2 HZ2  sing N N 435 
TRP CZ3 CH2  sing Y N 436 
TRP CZ3 HZ3  sing N N 437 
TRP CH2 HH2  sing N N 438 
TRP OXT HXT  sing N N 439 
TYR N   CA   sing N N 440 
TYR N   H    sing N N 441 
TYR N   H2   sing N N 442 
TYR CA  C    sing N N 443 
TYR CA  CB   sing N N 444 
TYR CA  HA   sing N N 445 
TYR C   O    doub N N 446 
TYR C   OXT  sing N N 447 
TYR CB  CG   sing N N 448 
TYR CB  HB2  sing N N 449 
TYR CB  HB3  sing N N 450 
TYR CG  CD1  doub Y N 451 
TYR CG  CD2  sing Y N 452 
TYR CD1 CE1  sing Y N 453 
TYR CD1 HD1  sing N N 454 
TYR CD2 CE2  doub Y N 455 
TYR CD2 HD2  sing N N 456 
TYR CE1 CZ   doub Y N 457 
TYR CE1 HE1  sing N N 458 
TYR CE2 CZ   sing Y N 459 
TYR CE2 HE2  sing N N 460 
TYR CZ  OH   sing N N 461 
TYR OH  HH   sing N N 462 
TYR OXT HXT  sing N N 463 
VAL N   CA   sing N N 464 
VAL N   H    sing N N 465 
VAL N   H2   sing N N 466 
VAL CA  C    sing N N 467 
VAL CA  CB   sing N N 468 
VAL CA  HA   sing N N 469 
VAL C   O    doub N N 470 
VAL C   OXT  sing N N 471 
VAL CB  CG1  sing N N 472 
VAL CB  CG2  sing N N 473 
VAL CB  HB   sing N N 474 
VAL CG1 HG11 sing N N 475 
VAL CG1 HG12 sing N N 476 
VAL CG1 HG13 sing N N 477 
VAL CG2 HG21 sing N N 478 
VAL CG2 HG22 sing N N 479 
VAL CG2 HG23 sing N N 480 
VAL OXT HXT  sing N N 481 
# 
_pdbx_initial_refinement_model.id               1 
_pdbx_initial_refinement_model.entity_id_list   ? 
_pdbx_initial_refinement_model.type             'experimental model' 
_pdbx_initial_refinement_model.source_name      PDB 
_pdbx_initial_refinement_model.accession_code   1JZF 
_pdbx_initial_refinement_model.details          ? 
# 
_atom_sites.entry_id                    1JZG 
_atom_sites.fract_transf_matrix[1][1]   -0.00677684 
_atom_sites.fract_transf_matrix[1][2]   0.00876156 
_atom_sites.fract_transf_matrix[1][3]   0.01538556 
_atom_sites.fract_transf_matrix[2][1]   0.00100480 
_atom_sites.fract_transf_matrix[2][2]   -0.01388389 
_atom_sites.fract_transf_matrix[2][3]   0.00834899 
_atom_sites.fract_transf_matrix[3][1]   0.01223176 
_atom_sites.fract_transf_matrix[3][2]   0.00307282 
_atom_sites.fract_transf_matrix[3][3]   0.00363783 
_atom_sites.fract_transf_vector[1]      0.206960 
_atom_sites.fract_transf_vector[2]      0.176019 
_atom_sites.fract_transf_vector[3]      0.121916 
# 
loop_
_atom_type.symbol 
C  
CU 
N  
O  
RU 
S  
# 
loop_
_atom_site.group_PDB 
_atom_site.id 
_atom_site.type_symbol 
_atom_site.label_atom_id 
_atom_site.label_alt_id 
_atom_site.label_comp_id 
_atom_site.label_asym_id 
_atom_site.label_entity_id 
_atom_site.label_seq_id 
_atom_site.pdbx_PDB_ins_code 
_atom_site.Cartn_x 
_atom_site.Cartn_y 
_atom_site.Cartn_z 
_atom_site.occupancy 
_atom_site.B_iso_or_equiv 
_atom_site.pdbx_formal_charge 
_atom_site.auth_seq_id 
_atom_site.auth_comp_id 
_atom_site.auth_asym_id 
_atom_site.auth_atom_id 
_atom_site.pdbx_PDB_model_num 
ATOM   1    N  N   . ALA A 1 1   ? -10.331 -17.202 10.267  1.00 21.78 ? 1    ALA A N   1 
ATOM   2    C  CA  . ALA A 1 1   ? -10.179 -16.052 9.332   1.00 21.73 ? 1    ALA A CA  1 
ATOM   3    C  C   . ALA A 1 1   ? -8.746  -15.953 8.812   1.00 21.63 ? 1    ALA A C   1 
ATOM   4    O  O   . ALA A 1 1   ? -7.807  -16.342 9.504   1.00 21.77 ? 1    ALA A O   1 
ATOM   5    C  CB  . ALA A 1 1   ? -10.559 -14.763 10.046  1.00 21.80 ? 1    ALA A CB  1 
ATOM   6    N  N   . GLU A 1 2   ? -8.578  -15.471 7.581   1.00 21.46 ? 2    GLU A N   1 
ATOM   7    C  CA  . GLU A 1 2   ? -7.241  -15.294 7.011   1.00 21.21 ? 2    GLU A CA  1 
ATOM   8    C  C   . GLU A 1 2   ? -6.870  -13.848 7.288   1.00 20.79 ? 2    GLU A C   1 
ATOM   9    O  O   . GLU A 1 2   ? -7.346  -12.938 6.611   1.00 20.82 ? 2    GLU A O   1 
ATOM   10   C  CB  . GLU A 1 2   ? -7.234  -15.554 5.503   1.00 21.66 ? 2    GLU A CB  1 
ATOM   11   C  CG  . GLU A 1 2   ? -5.834  -15.706 4.917   1.00 22.39 ? 2    GLU A CG  1 
ATOM   12   C  CD  . GLU A 1 2   ? -5.849  -16.288 3.516   1.00 22.76 ? 2    GLU A CD  1 
ATOM   13   O  OE1 . GLU A 1 2   ? -6.897  -16.375 2.879   1.00 23.19 ? 2    GLU A OE1 1 
ATOM   14   O  OE2 . GLU A 1 2   ? -4.683  -16.701 3.033   1.00 23.22 ? 2    GLU A OE2 1 
ATOM   15   N  N   . CYS A 1 3   ? -5.990  -13.644 8.259   1.00 20.14 ? 3    CYS A N   1 
ATOM   16   C  CA  . CYS A 1 3   ? -5.610  -12.298 8.658   1.00 19.49 ? 3    CYS A CA  1 
ATOM   17   C  C   . CYS A 1 3   ? -4.315  -11.725 8.083   1.00 19.03 ? 3    CYS A C   1 
ATOM   18   O  O   . CYS A 1 3   ? -3.674  -10.864 8.692   1.00 18.76 ? 3    CYS A O   1 
ATOM   19   C  CB  . CYS A 1 3   ? -5.654  -12.199 10.179  1.00 19.52 ? 3    CYS A CB  1 
ATOM   20   S  SG  . CYS A 1 3   ? -7.247  -12.778 10.857  1.00 19.74 ? 3    CYS A SG  1 
ATOM   21   N  N   . SER A 1 4   ? -3.967  -12.178 6.882   1.00 18.52 ? 4    SER A N   1 
ATOM   22   C  CA  . SER A 1 4   ? -2.779  -11.700 6.187   1.00 18.01 ? 4    SER A CA  1 
ATOM   23   C  C   . SER A 1 4   ? -2.932  -11.921 4.691   1.00 17.63 ? 4    SER A C   1 
ATOM   24   O  O   . SER A 1 4   ? -3.771  -12.706 4.244   1.00 17.59 ? 4    SER A O   1 
ATOM   25   C  CB  . SER A 1 4   ? -1.515  -12.403 6.683   1.00 18.09 ? 4    SER A CB  1 
ATOM   26   O  OG  . SER A 1 4   ? -1.483  -13.758 6.274   1.00 18.34 ? 4    SER A OG  1 
ATOM   27   N  N   . VAL A 1 5   ? -2.116  -11.210 3.923   1.00 17.24 ? 5    VAL A N   1 
ATOM   28   C  CA  . VAL A 1 5   ? -2.129  -11.334 2.474   1.00 16.83 ? 5    VAL A CA  1 
ATOM   29   C  C   . VAL A 1 5   ? -0.729  -11.053 1.934   1.00 16.67 ? 5    VAL A C   1 
ATOM   30   O  O   . VAL A 1 5   ? -0.004  -10.208 2.466   1.00 16.61 ? 5    VAL A O   1 
ATOM   31   C  CB  . VAL A 1 5   ? -3.178  -10.375 1.827   1.00 16.76 ? 5    VAL A CB  1 
ATOM   32   C  CG1 . VAL A 1 5   ? -2.770  -8.920  2.000   1.00 16.68 ? 5    VAL A CG1 1 
ATOM   33   C  CG2 . VAL A 1 5   ? -3.376  -10.714 0.354   1.00 16.70 ? 5    VAL A CG2 1 
ATOM   34   N  N   . ASP A 1 6   ? -0.319  -11.847 0.952   1.00 16.48 ? 6    ASP A N   1 
ATOM   35   C  CA  . ASP A 1 6   ? 0.980   -11.679 0.308   1.00 16.31 ? 6    ASP A CA  1 
ATOM   36   C  C   . ASP A 1 6   ? 0.728   -10.964 -1.019  1.00 16.09 ? 6    ASP A C   1 
ATOM   37   O  O   . ASP A 1 6   ? -0.072  -11.428 -1.838  1.00 16.11 ? 6    ASP A O   1 
ATOM   38   C  CB  . ASP A 1 6   ? 1.647   -13.041 0.061   1.00 16.70 ? 6    ASP A CB  1 
ATOM   39   C  CG  . ASP A 1 6   ? 1.998   -13.779 1.347   1.00 17.00 ? 6    ASP A CG  1 
ATOM   40   O  OD1 . ASP A 1 6   ? 2.008   -13.163 2.436   1.00 17.13 ? 6    ASP A OD1 1 
ATOM   41   O  OD2 . ASP A 1 6   ? 2.279   -14.991 1.259   1.00 17.50 ? 6    ASP A OD2 1 
ATOM   42   N  N   A ILE A 1 7   ? 1.410   -9.843  -1.227  0.60 15.92 ? 7    ILE A N   1 
ATOM   43   N  N   B ILE A 1 7   ? 1.413   -9.842  -1.214  0.40 15.92 ? 7    ILE A N   1 
ATOM   44   C  CA  A ILE A 1 7   ? 1.260   -9.026  -2.436  0.60 15.82 ? 7    ILE A CA  1 
ATOM   45   C  CA  B ILE A 1 7   ? 1.271   -9.027  -2.427  0.40 15.79 ? 7    ILE A CA  1 
ATOM   46   C  C   A ILE A 1 7   ? 2.612   -8.747  -3.100  0.60 15.74 ? 7    ILE A C   1 
ATOM   47   C  C   B ILE A 1 7   ? 2.617   -8.746  -3.098  0.40 15.70 ? 7    ILE A C   1 
ATOM   48   O  O   A ILE A 1 7   ? 3.622   -8.549  -2.423  0.60 15.73 ? 7    ILE A O   1 
ATOM   49   O  O   B ILE A 1 7   ? 3.631   -8.552  -2.427  0.40 15.68 ? 7    ILE A O   1 
ATOM   50   C  CB  A ILE A 1 7   ? 0.573   -7.670  -2.101  0.60 15.86 ? 7    ILE A CB  1 
ATOM   51   C  CB  B ILE A 1 7   ? 0.553   -7.679  -2.116  0.40 15.80 ? 7    ILE A CB  1 
ATOM   52   C  CG1 A ILE A 1 7   ? -0.816  -7.913  -1.508  0.60 15.82 ? 7    ILE A CG1 1 
ATOM   53   C  CG1 B ILE A 1 7   ? 0.206   -6.940  -3.414  0.40 15.81 ? 7    ILE A CG1 1 
ATOM   54   C  CG2 A ILE A 1 7   ? 0.446   -6.794  -3.355  0.60 15.77 ? 7    ILE A CG2 1 
ATOM   55   C  CG2 B ILE A 1 7   ? 1.436   -6.790  -1.243  0.40 15.71 ? 7    ILE A CG2 1 
ATOM   56   C  CD1 A ILE A 1 7   ? -1.504  -6.661  -1.020  0.60 15.95 ? 7    ILE A CD1 1 
ATOM   57   C  CD1 B ILE A 1 7   ? -1.017  -6.066  -3.301  0.40 15.85 ? 7    ILE A CD1 1 
ATOM   58   N  N   . GLN A 1 8   ? 2.609   -8.719  -4.427  1.00 15.59 ? 8    GLN A N   1 
ATOM   59   C  CA  . GLN A 1 8   ? 3.810   -8.452  -5.211  1.00 15.50 ? 8    GLN A CA  1 
ATOM   60   C  C   . GLN A 1 8   ? 3.607   -7.217  -6.083  1.00 15.39 ? 8    GLN A C   1 
ATOM   61   O  O   . GLN A 1 8   ? 2.497   -6.948  -6.542  1.00 15.31 ? 8    GLN A O   1 
ATOM   62   C  CB  . GLN A 1 8   ? 4.119   -9.639  -6.138  1.00 15.56 ? 8    GLN A CB  1 
ATOM   63   C  CG  . GLN A 1 8   ? 4.538   -10.918 -5.444  1.00 15.88 ? 8    GLN A CG  1 
ATOM   64   C  CD  . GLN A 1 8   ? 4.517   -12.125 -6.368  1.00 16.19 ? 8    GLN A CD  1 
ATOM   65   O  OE1 . GLN A 1 8   ? 4.605   -11.992 -7.589  1.00 16.40 ? 8    GLN A OE1 1 
ATOM   66   N  NE2 . GLN A 1 8   ? 4.386   -13.309 -5.789  1.00 16.39 ? 8    GLN A NE2 1 
ATOM   67   N  N   . GLY A 1 9   ? 4.680   -6.453  -6.258  1.00 15.18 ? 9    GLY A N   1 
ATOM   68   C  CA  . GLY A 1 9   ? 4.678   -5.275  -7.109  1.00 15.16 ? 9    GLY A CA  1 
ATOM   69   C  C   . GLY A 1 9   ? 5.802   -5.624  -8.066  1.00 15.13 ? 9    GLY A C   1 
ATOM   70   O  O   . GLY A 1 9   ? 6.890   -5.967  -7.605  1.00 15.03 ? 9    GLY A O   1 
ATOM   71   N  N   . ASN A 1 10  ? 5.588   -5.528  -9.375  1.00 15.11 ? 10   ASN A N   1 
ATOM   72   C  CA  . ASN A 1 10  ? 6.631   -5.934  -10.323 1.00 15.12 ? 10   ASN A CA  1 
ATOM   73   C  C   . ASN A 1 10  ? 7.123   -4.852  -11.300 1.00 15.22 ? 10   ASN A C   1 
ATOM   74   O  O   . ASN A 1 10  ? 6.784   -3.682  -11.142 1.00 15.12 ? 10   ASN A O   1 
ATOM   75   C  CB  . ASN A 1 10  ? 6.143   -7.165  -11.084 1.00 15.22 ? 10   ASN A CB  1 
ATOM   76   C  CG  . ASN A 1 10  ? 4.934   -6.871  -11.950 1.00 15.19 ? 10   ASN A CG  1 
ATOM   77   O  OD1 . ASN A 1 10  ? 4.645   -5.717  -12.263 1.00 15.34 ? 10   ASN A OD1 1 
ATOM   78   N  ND2 . ASN A 1 10  ? 4.226   -7.919  -12.358 1.00 15.47 ? 10   ASN A ND2 1 
ATOM   79   N  N   . ASP A 1 11  ? 7.915   -5.240  -12.301 1.00 15.32 ? 11   ASP A N   1 
ATOM   80   C  CA  . ASP A 1 11  ? 8.422   -4.263  -13.272 1.00 15.59 ? 11   ASP A CA  1 
ATOM   81   C  C   . ASP A 1 11  ? 7.366   -3.775  -14.266 1.00 15.66 ? 11   ASP A C   1 
ATOM   82   O  O   . ASP A 1 11  ? 7.612   -2.837  -15.024 1.00 15.81 ? 11   ASP A O   1 
ATOM   83   C  CB  . ASP A 1 11  ? 9.631   -4.806  -14.046 1.00 15.72 ? 11   ASP A CB  1 
ATOM   84   C  CG  . ASP A 1 11  ? 10.886  -4.930  -13.194 1.00 15.87 ? 11   ASP A CG  1 
ATOM   85   O  OD1 . ASP A 1 11  ? 11.001  -4.295  -12.120 1.00 16.01 ? 11   ASP A OD1 1 
ATOM   86   O  OD2 . ASP A 1 11  ? 11.788  -5.666  -13.633 1.00 16.09 ? 11   ASP A OD2 1 
ATOM   87   N  N   . GLN A 1 12  ? 6.217   -4.445  -14.297 1.00 15.70 ? 12   GLN A N   1 
ATOM   88   C  CA  . GLN A 1 12  ? 5.120   -4.054  -15.184 1.00 15.68 ? 12   GLN A CA  1 
ATOM   89   C  C   . GLN A 1 12  ? 4.219   -3.032  -14.479 1.00 15.45 ? 12   GLN A C   1 
ATOM   90   O  O   . GLN A 1 12  ? 3.134   -2.708  -14.965 1.00 15.48 ? 12   GLN A O   1 
ATOM   91   C  CB  . GLN A 1 12  ? 4.309   -5.285  -15.632 1.00 16.09 ? 12   GLN A CB  1 
ATOM   92   C  CG  . GLN A 1 12  ? 4.950   -6.137  -16.743 1.00 16.90 ? 12   GLN A CG  1 
ATOM   93   C  CD  . GLN A 1 12  ? 6.218   -6.870  -16.304 1.00 17.29 ? 12   GLN A CD  1 
ATOM   94   O  OE1 . GLN A 1 12  ? 6.190   -7.689  -15.384 1.00 17.66 ? 12   GLN A OE1 1 
ATOM   95   N  NE2 . GLN A 1 12  ? 7.328   -6.589  -16.976 1.00 17.54 ? 12   GLN A NE2 1 
ATOM   96   N  N   . MET A 1 13  ? 4.674   -2.531  -13.328 1.00 15.03 ? 13   MET A N   1 
ATOM   97   C  CA  . MET A 1 13  ? 3.944   -1.525  -12.550 1.00 14.69 ? 13   MET A CA  1 
ATOM   98   C  C   . MET A 1 13  ? 2.540   -2.009  -12.170 1.00 14.46 ? 13   MET A C   1 
ATOM   99   O  O   . MET A 1 13  ? 1.551   -1.286  -12.320 1.00 14.29 ? 13   MET A O   1 
ATOM   100  C  CB  . MET A 1 13  ? 3.879   -0.212  -13.338 1.00 14.73 ? 13   MET A CB  1 
ATOM   101  C  CG  . MET A 1 13  ? 3.645   1.039   -12.506 1.00 14.73 ? 13   MET A CG  1 
ATOM   102  S  SD  . MET A 1 13  ? 3.563   2.514   -13.536 1.00 14.64 ? 13   MET A SD  1 
ATOM   103  C  CE  . MET A 1 13  ? 1.961   2.269   -14.287 1.00 14.98 ? 13   MET A CE  1 
ATOM   104  N  N   . GLN A 1 14  ? 2.470   -3.245  -11.679 1.00 14.29 ? 14   GLN A N   1 
ATOM   105  C  CA  . GLN A 1 14  ? 1.219   -3.860  -11.272 1.00 14.17 ? 14   GLN A CA  1 
ATOM   106  C  C   . GLN A 1 14  ? 1.362   -4.620  -9.963  1.00 13.92 ? 14   GLN A C   1 
ATOM   107  O  O   . GLN A 1 14  ? 2.428   -5.171  -9.670  1.00 13.86 ? 14   GLN A O   1 
ATOM   108  C  CB  . GLN A 1 14  ? 0.723   -4.859  -12.336 1.00 14.62 ? 14   GLN A CB  1 
ATOM   109  C  CG  . GLN A 1 14  ? 0.341   -4.233  -13.677 1.00 15.34 ? 14   GLN A CG  1 
ATOM   110  C  CD  . GLN A 1 14  ? -0.263  -5.220  -14.677 1.00 15.64 ? 14   GLN A CD  1 
ATOM   111  O  OE1 . GLN A 1 14  ? -1.457  -5.123  -15.003 1.00 16.42 ? 14   GLN A OE1 1 
ATOM   112  N  NE2 . GLN A 1 14  ? 0.547   -6.121  -15.204 1.00 15.68 ? 14   GLN A NE2 1 
ATOM   113  N  N   . PHE A 1 15  ? 0.314   -4.584  -9.146  1.00 13.62 ? 15   PHE A N   1 
ATOM   114  C  CA  . PHE A 1 15  ? 0.273   -5.355  -7.912  1.00 13.43 ? 15   PHE A CA  1 
ATOM   115  C  C   . PHE A 1 15  ? -0.406  -6.636  -8.397  1.00 13.40 ? 15   PHE A C   1 
ATOM   116  O  O   . PHE A 1 15  ? -1.039  -6.636  -9.462  1.00 13.42 ? 15   PHE A O   1 
ATOM   117  C  CB  . PHE A 1 15  ? -0.663  -4.726  -6.869  1.00 13.04 ? 15   PHE A CB  1 
ATOM   118  C  CG  . PHE A 1 15  ? -0.056  -3.615  -6.059  1.00 12.75 ? 15   PHE A CG  1 
ATOM   119  C  CD1 . PHE A 1 15  ? 1.150   -3.786  -5.376  1.00 12.44 ? 15   PHE A CD1 1 
ATOM   120  C  CD2 . PHE A 1 15  ? -0.754  -2.427  -5.892  1.00 12.46 ? 15   PHE A CD2 1 
ATOM   121  C  CE1 . PHE A 1 15  ? 1.633   -2.782  -4.531  1.00 12.39 ? 15   PHE A CE1 1 
ATOM   122  C  CE2 . PHE A 1 15  ? -0.282  -1.424  -5.055  1.00 12.32 ? 15   PHE A CE2 1 
ATOM   123  C  CZ  . PHE A 1 15  ? 0.914   -1.602  -4.369  1.00 12.34 ? 15   PHE A CZ  1 
ATOM   124  N  N   . ASN A 1 16  ? -0.328  -7.717  -7.629  1.00 13.45 ? 16   ASN A N   1 
ATOM   125  C  CA  . ASN A 1 16  ? -0.975  -8.945  -8.070  1.00 13.59 ? 16   ASN A CA  1 
ATOM   126  C  C   . ASN A 1 16  ? -2.341  -9.233  -7.451  1.00 13.66 ? 16   ASN A C   1 
ATOM   127  O  O   . ASN A 1 16  ? -2.775  -10.383 -7.375  1.00 13.79 ? 16   ASN A O   1 
ATOM   128  C  CB  . ASN A 1 16  ? -0.039  -10.150 -7.976  1.00 13.61 ? 16   ASN A CB  1 
ATOM   129  C  CG  . ASN A 1 16  ? 0.327   -10.496 -6.563  1.00 13.63 ? 16   ASN A CG  1 
ATOM   130  O  OD1 . ASN A 1 16  ? 0.171   -9.686  -5.650  1.00 13.75 ? 16   ASN A OD1 1 
ATOM   131  N  ND2 . ASN A 1 16  ? 0.819   -11.710 -6.368  1.00 13.79 ? 16   ASN A ND2 1 
ATOM   132  N  N   . THR A 1 17  ? -2.969  -8.182  -6.934  1.00 13.62 ? 17   THR A N   1 
ATOM   133  C  CA  . THR A 1 17  ? -4.334  -8.256  -6.411  1.00 13.66 ? 17   THR A CA  1 
ATOM   134  C  C   . THR A 1 17  ? -4.962  -6.887  -6.559  1.00 13.48 ? 17   THR A C   1 
ATOM   135  O  O   . THR A 1 17  ? -4.288  -5.862  -6.448  1.00 13.25 ? 17   THR A O   1 
ATOM   136  C  CB  . THR A 1 17  ? -4.484  -8.723  -4.946  1.00 13.78 ? 17   THR A CB  1 
ATOM   137  O  OG1 . THR A 1 17  ? -5.888  -8.751  -4.626  1.00 14.12 ? 17   THR A OG1 1 
ATOM   138  C  CG2 . THR A 1 17  ? -3.796  -7.781  -3.984  1.00 13.95 ? 17   THR A CG2 1 
ATOM   139  N  N   . ASN A 1 18  ? -6.253  -6.890  -6.857  1.00 13.46 ? 18   ASN A N   1 
ATOM   140  C  CA  . ASN A 1 18  ? -7.020  -5.667  -7.049  1.00 13.40 ? 18   ASN A CA  1 
ATOM   141  C  C   . ASN A 1 18  ? -7.969  -5.410  -5.895  1.00 13.38 ? 18   ASN A C   1 
ATOM   142  O  O   . ASN A 1 18  ? -8.603  -4.357  -5.841  1.00 13.18 ? 18   ASN A O   1 
ATOM   143  C  CB  . ASN A 1 18  ? -7.873  -5.781  -8.313  1.00 13.47 ? 18   ASN A CB  1 
ATOM   144  C  CG  . ASN A 1 18  ? -7.052  -5.860  -9.563  1.00 13.51 ? 18   ASN A CG  1 
ATOM   145  O  OD1 . ASN A 1 18  ? -6.056  -5.158  -9.708  1.00 13.67 ? 18   ASN A OD1 1 
ATOM   146  N  ND2 . ASN A 1 18  ? -7.477  -6.706  -10.496 1.00 13.63 ? 18   ASN A ND2 1 
ATOM   147  N  N   . ALA A 1 19  ? -8.055  -6.361  -4.969  1.00 13.46 ? 19   ALA A N   1 
ATOM   148  C  CA  . ALA A 1 19  ? -8.984  -6.242  -3.860  1.00 13.82 ? 19   ALA A CA  1 
ATOM   149  C  C   . ALA A 1 19  ? -8.575  -7.086  -2.660  1.00 14.07 ? 19   ALA A C   1 
ATOM   150  O  O   . ALA A 1 19  ? -8.180  -8.244  -2.808  1.00 14.09 ? 19   ALA A O   1 
ATOM   151  C  CB  . ALA A 1 19  ? -10.373 -6.658  -4.332  1.00 13.90 ? 19   ALA A CB  1 
ATOM   152  N  N   . ILE A 1 20  ? -8.702  -6.501  -1.473  1.00 14.40 ? 20   ILE A N   1 
ATOM   153  C  CA  . ILE A 1 20  ? -8.361  -7.176  -0.226  1.00 14.74 ? 20   ILE A CA  1 
ATOM   154  C  C   . ILE A 1 20  ? -9.567  -7.091  0.698   1.00 15.12 ? 20   ILE A C   1 
ATOM   155  O  O   . ILE A 1 20  ? -10.192 -6.039  0.823   1.00 15.24 ? 20   ILE A O   1 
ATOM   156  C  CB  . ILE A 1 20  ? -7.154  -6.487  0.481   1.00 14.66 ? 20   ILE A CB  1 
ATOM   157  C  CG1 . ILE A 1 20  ? -5.896  -6.585  -0.382  1.00 14.61 ? 20   ILE A CG1 1 
ATOM   158  C  CG2 . ILE A 1 20  ? -6.888  -7.111  1.857   1.00 14.76 ? 20   ILE A CG2 1 
ATOM   159  C  CD1 . ILE A 1 20  ? -4.751  -5.756  0.149   1.00 14.67 ? 20   ILE A CD1 1 
ATOM   160  N  N   . THR A 1 21  ? -9.941  -8.226  1.277   1.00 15.64 ? 21   THR A N   1 
ATOM   161  C  CA  . THR A 1 21  ? -11.045 -8.259  2.222   1.00 16.09 ? 21   THR A CA  1 
ATOM   162  C  C   . THR A 1 21  ? -10.454 -8.574  3.580   1.00 16.32 ? 21   THR A C   1 
ATOM   163  O  O   . THR A 1 21  ? -9.693  -9.531  3.725   1.00 16.27 ? 21   THR A O   1 
ATOM   164  C  CB  . THR A 1 21  ? -12.088 -9.344  1.878   1.00 16.26 ? 21   THR A CB  1 
ATOM   165  O  OG1 . THR A 1 21  ? -12.752 -9.007  0.655   1.00 16.68 ? 21   THR A OG1 1 
ATOM   166  C  CG2 . THR A 1 21  ? -13.121 -9.456  3.000   1.00 16.46 ? 21   THR A CG2 1 
ATOM   167  N  N   . VAL A 1 22  ? -10.743 -7.723  4.557   1.00 16.54 ? 22   VAL A N   1 
ATOM   168  C  CA  . VAL A 1 22  ? -10.260 -7.937  5.916   1.00 16.85 ? 22   VAL A CA  1 
ATOM   169  C  C   . VAL A 1 22  ? -11.446 -8.450  6.720   1.00 17.19 ? 22   VAL A C   1 
ATOM   170  O  O   . VAL A 1 22  ? -12.475 -7.783  6.823   1.00 17.11 ? 22   VAL A O   1 
ATOM   171  C  CB  . VAL A 1 22  ? -9.703  -6.634  6.544   1.00 16.76 ? 22   VAL A CB  1 
ATOM   172  C  CG1 . VAL A 1 22  ? -9.341  -6.864  8.008   1.00 16.65 ? 22   VAL A CG1 1 
ATOM   173  C  CG2 . VAL A 1 22  ? -8.476  -6.166  5.776   1.00 16.75 ? 22   VAL A CG2 1 
ATOM   174  N  N   . ASP A 1 23  ? -11.319 -9.673  7.224   1.00 17.75 ? 23   ASP A N   1 
ATOM   175  C  CA  . ASP A 1 23  ? -12.373 -10.305 8.016   1.00 18.37 ? 23   ASP A CA  1 
ATOM   176  C  C   . ASP A 1 23  ? -12.466 -9.618  9.379   1.00 18.68 ? 23   ASP A C   1 
ATOM   177  O  O   . ASP A 1 23  ? -11.453 -9.422  10.048  1.00 18.60 ? 23   ASP A O   1 
ATOM   178  C  CB  . ASP A 1 23  ? -12.059 -11.794 8.201   1.00 18.69 ? 23   ASP A CB  1 
ATOM   179  C  CG  . ASP A 1 23  ? -13.231 -12.589 8.757   1.00 19.07 ? 23   ASP A CG  1 
ATOM   180  O  OD1 . ASP A 1 23  ? -13.767 -12.234 9.827   1.00 19.23 ? 23   ASP A OD1 1 
ATOM   181  O  OD2 . ASP A 1 23  ? -13.603 -13.601 8.130   1.00 19.48 ? 23   ASP A OD2 1 
ATOM   182  N  N   . LYS A 1 24  ? -13.693 -9.281  9.781   1.00 19.08 ? 24   LYS A N   1 
ATOM   183  C  CA  . LYS A 1 24  ? -13.965 -8.625  11.065  1.00 19.59 ? 24   LYS A CA  1 
ATOM   184  C  C   . LYS A 1 24  ? -13.478 -9.399  12.280  1.00 19.71 ? 24   LYS A C   1 
ATOM   185  O  O   . LYS A 1 24  ? -13.365 -8.840  13.374  1.00 19.75 ? 24   LYS A O   1 
ATOM   186  C  CB  . LYS A 1 24  ? -15.463 -8.423  11.253  1.00 19.92 ? 24   LYS A CB  1 
ATOM   187  C  CG  . LYS A 1 24  ? -16.034 -7.176  10.655  1.00 20.44 ? 24   LYS A CG  1 
ATOM   188  C  CD  . LYS A 1 24  ? -17.414 -6.935  11.240  1.00 20.78 ? 24   LYS A CD  1 
ATOM   189  C  CE  . LYS A 1 24  ? -18.368 -8.103  11.005  1.00 21.02 ? 24   LYS A CE  1 
ATOM   190  N  NZ  . LYS A 1 24  ? -19.773 -7.713  11.301  1.00 21.35 ? 24   LYS A NZ  1 
ATOM   191  N  N   . SER A 1 25  ? -13.307 -10.706 12.116  1.00 19.76 ? 25   SER A N   1 
ATOM   192  C  CA  . SER A 1 25  ? -12.838 -11.554 13.205  1.00 19.81 ? 25   SER A CA  1 
ATOM   193  C  C   . SER A 1 25  ? -11.376 -11.257 13.519  1.00 19.71 ? 25   SER A C   1 
ATOM   194  O  O   . SER A 1 25  ? -10.923 -11.473 14.642  1.00 19.74 ? 25   SER A O   1 
ATOM   195  C  CB  . SER A 1 25  ? -13.016 -13.035 12.850  1.00 19.96 ? 25   SER A CB  1 
ATOM   196  O  OG  . SER A 1 25  ? -14.385 -13.372 12.703  1.00 20.46 ? 25   SER A OG  1 
ATOM   197  N  N   . CYS A 1 26  ? -10.646 -10.740 12.534  1.00 19.52 ? 26   CYS A N   1 
ATOM   198  C  CA  . CYS A 1 26  ? -9.232  -10.412 12.711  1.00 19.39 ? 26   CYS A CA  1 
ATOM   199  C  C   . CYS A 1 26  ? -9.029  -9.203  13.619  1.00 19.28 ? 26   CYS A C   1 
ATOM   200  O  O   . CYS A 1 26  ? -9.724  -8.200  13.483  1.00 19.42 ? 26   CYS A O   1 
ATOM   201  C  CB  . CYS A 1 26  ? -8.572  -10.105 11.362  1.00 19.41 ? 26   CYS A CB  1 
ATOM   202  S  SG  . CYS A 1 26  ? -8.604  -11.448 10.135  1.00 19.52 ? 26   CYS A SG  1 
ATOM   203  N  N   . LYS A 1 27  ? -8.086  -9.315  14.552  1.00 19.07 ? 27   LYS A N   1 
ATOM   204  C  CA  . LYS A 1 27  ? -7.751  -8.212  15.456  1.00 18.69 ? 27   LYS A CA  1 
ATOM   205  C  C   . LYS A 1 27  ? -6.655  -7.401  14.798  1.00 18.18 ? 27   LYS A C   1 
ATOM   206  O  O   . LYS A 1 27  ? -6.579  -6.182  14.957  1.00 18.12 ? 27   LYS A O   1 
ATOM   207  C  CB  . LYS A 1 27  ? -7.284  -8.740  16.804  1.00 19.26 ? 27   LYS A CB  1 
ATOM   208  C  CG  . LYS A 1 27  ? -8.435  -9.148  17.671  1.00 19.96 ? 27   LYS A CG  1 
ATOM   209  C  CD  . LYS A 1 27  ? -8.032  -10.167 18.694  1.00 20.46 ? 27   LYS A CD  1 
ATOM   210  C  CE  . LYS A 1 27  ? -9.270  -10.646 19.413  1.00 20.74 ? 27   LYS A CE  1 
ATOM   211  N  NZ  . LYS A 1 27  ? -9.067  -11.934 20.118  1.00 21.11 ? 27   LYS A NZ  1 
ATOM   212  N  N   A GLN A 1 28  ? -5.773  -8.101  14.094  0.33 17.74 ? 28   GLN A N   1 
ATOM   213  N  N   B GLN A 1 28  ? -5.772  -8.102  14.096  0.63 17.86 ? 28   GLN A N   1 
ATOM   214  C  CA  A GLN A 1 28  ? -4.680  -7.475  13.364  0.33 17.29 ? 28   GLN A CA  1 
ATOM   215  C  CA  B GLN A 1 28  ? -4.679  -7.476  13.363  0.63 17.50 ? 28   GLN A CA  1 
ATOM   216  C  C   A GLN A 1 28  ? -4.687  -8.039  11.953  0.33 16.90 ? 28   GLN A C   1 
ATOM   217  C  C   B GLN A 1 28  ? -4.688  -8.040  11.951  0.63 17.06 ? 28   GLN A C   1 
ATOM   218  O  O   A GLN A 1 28  ? -5.232  -9.119  11.708  0.33 16.77 ? 28   GLN A O   1 
ATOM   219  O  O   B GLN A 1 28  ? -5.232  -9.119  11.708  0.63 16.92 ? 28   GLN A O   1 
ATOM   220  C  CB  A GLN A 1 28  ? -3.329  -7.749  14.025  0.33 17.39 ? 28   GLN A CB  1 
ATOM   221  C  CB  B GLN A 1 28  ? -3.319  -7.739  14.016  0.63 17.82 ? 28   GLN A CB  1 
ATOM   222  C  CG  A GLN A 1 28  ? -2.973  -6.825  15.183  0.33 17.62 ? 28   GLN A CG  1 
ATOM   223  C  CG  B GLN A 1 28  ? -3.044  -6.936  15.281  0.63 18.34 ? 28   GLN A CG  1 
ATOM   224  C  CD  A GLN A 1 28  ? -1.550  -7.037  15.665  0.33 17.70 ? 28   GLN A CD  1 
ATOM   225  C  CD  B GLN A 1 28  ? -3.635  -7.568  16.517  0.63 18.53 ? 28   GLN A CD  1 
ATOM   226  O  OE1 A GLN A 1 28  ? -0.740  -6.118  15.658  0.33 17.79 ? 28   GLN A OE1 1 
ATOM   227  O  OE1 B GLN A 1 28  ? -3.727  -8.783  16.617  0.63 18.76 ? 28   GLN A OE1 1 
ATOM   228  N  NE2 A GLN A 1 28  ? -1.237  -8.257  16.065  0.33 17.77 ? 28   GLN A NE2 1 
ATOM   229  N  NE2 B GLN A 1 28  ? -4.028  -6.742  17.473  0.63 18.74 ? 28   GLN A NE2 1 
ATOM   230  N  N   . PHE A 1 29  ? -4.120  -7.280  11.022  1.00 16.43 ? 29   PHE A N   1 
ATOM   231  C  CA  . PHE A 1 29  ? -4.038  -7.691  9.626   1.00 15.80 ? 29   PHE A CA  1 
ATOM   232  C  C   . PHE A 1 29  ? -2.626  -7.381  9.158   1.00 15.15 ? 29   PHE A C   1 
ATOM   233  O  O   . PHE A 1 29  ? -2.086  -6.310  9.439   1.00 14.92 ? 29   PHE A O   1 
ATOM   234  C  CB  . PHE A 1 29  ? -5.051  -6.952  8.747   1.00 15.53 ? 29   PHE A CB  1 
ATOM   235  C  CG  . PHE A 1 29  ? -5.210  -7.560  7.381   1.00 15.24 ? 29   PHE A CG  1 
ATOM   236  C  CD1 . PHE A 1 29  ? -5.957  -8.719  7.214   1.00 15.22 ? 29   PHE A CD1 1 
ATOM   237  C  CD2 . PHE A 1 29  ? -4.585  -6.998  6.270   1.00 15.21 ? 29   PHE A CD2 1 
ATOM   238  C  CE1 . PHE A 1 29  ? -6.082  -9.317  5.963   1.00 15.20 ? 29   PHE A CE1 1 
ATOM   239  C  CE2 . PHE A 1 29  ? -4.703  -7.590  5.012   1.00 15.18 ? 29   PHE A CE2 1 
ATOM   240  C  CZ  . PHE A 1 29  ? -5.454  -8.753  4.857   1.00 15.11 ? 29   PHE A CZ  1 
ATOM   241  N  N   . THR A 1 30  ? -2.056  -8.309  8.404   1.00 14.63 ? 30   THR A N   1 
ATOM   242  C  CA  . THR A 1 30  ? -0.690  -8.165  7.926   1.00 14.27 ? 30   THR A CA  1 
ATOM   243  C  C   . THR A 1 30  ? -0.584  -8.242  6.408   1.00 13.91 ? 30   THR A C   1 
ATOM   244  O  O   . THR A 1 30  ? -1.205  -9.096  5.779   1.00 13.77 ? 30   THR A O   1 
ATOM   245  C  CB  . THR A 1 30  ? 0.186   -9.283  8.529   1.00 14.21 ? 30   THR A CB  1 
ATOM   246  O  OG1 . THR A 1 30  ? 0.182   -9.171  9.962   1.00 14.29 ? 30   THR A OG1 1 
ATOM   247  C  CG2 . THR A 1 30  ? 1.615   -9.215  8.016   1.00 14.30 ? 30   THR A CG2 1 
ATOM   248  N  N   . VAL A 1 31  ? 0.188   -7.325  5.833   1.00 13.58 ? 31   VAL A N   1 
ATOM   249  C  CA  . VAL A 1 31  ? 0.420   -7.312  4.388   1.00 13.33 ? 31   VAL A CA  1 
ATOM   250  C  C   . VAL A 1 31  ? 1.905   -7.580  4.171   1.00 13.20 ? 31   VAL A C   1 
ATOM   251  O  O   . VAL A 1 31  ? 2.749   -6.890  4.735   1.00 13.07 ? 31   VAL A O   1 
ATOM   252  C  CB  . VAL A 1 31  ? 0.083   -5.949  3.738   1.00 13.21 ? 31   VAL A CB  1 
ATOM   253  C  CG1 . VAL A 1 31  ? 0.476   -5.962  2.257   1.00 13.19 ? 31   VAL A CG1 1 
ATOM   254  C  CG2 . VAL A 1 31  ? -1.390  -5.637  3.895   1.00 13.25 ? 31   VAL A CG2 1 
ATOM   255  N  N   . ASN A 1 32  ? 2.206   -8.605  3.380   1.00 13.14 ? 32   ASN A N   1 
ATOM   256  C  CA  . ASN A 1 32  ? 3.590   -8.956  3.079   1.00 13.32 ? 32   ASN A CA  1 
ATOM   257  C  C   . ASN A 1 32  ? 3.863   -8.620  1.614   1.00 13.33 ? 32   ASN A C   1 
ATOM   258  O  O   . ASN A 1 32  ? 3.440   -9.340  0.709   1.00 13.41 ? 32   ASN A O   1 
ATOM   259  C  CB  . ASN A 1 32  ? 3.840   -10.446 3.339   1.00 13.36 ? 32   ASN A CB  1 
ATOM   260  C  CG  . ASN A 1 32  ? 3.488   -10.860 4.756   1.00 13.50 ? 32   ASN A CG  1 
ATOM   261  O  OD1 . ASN A 1 32  ? 4.020   -10.319 5.726   1.00 13.56 ? 32   ASN A OD1 1 
ATOM   262  N  ND2 . ASN A 1 32  ? 2.583   -11.820 4.883   1.00 13.74 ? 32   ASN A ND2 1 
ATOM   263  N  N   . LEU A 1 33  ? 4.559   -7.508  1.402   1.00 13.46 ? 33   LEU A N   1 
ATOM   264  C  CA  . LEU A 1 33  ? 4.898   -7.027  0.065   1.00 13.60 ? 33   LEU A CA  1 
ATOM   265  C  C   . LEU A 1 33  ? 6.274   -7.481  -0.390  1.00 13.79 ? 33   LEU A C   1 
ATOM   266  O  O   . LEU A 1 33  ? 7.222   -7.478  0.393   1.00 13.88 ? 33   LEU A O   1 
ATOM   267  C  CB  . LEU A 1 33  ? 4.872   -5.496  0.045   1.00 13.49 ? 33   LEU A CB  1 
ATOM   268  C  CG  . LEU A 1 33  ? 5.176   -4.849  -1.308  1.00 13.46 ? 33   LEU A CG  1 
ATOM   269  C  CD1 . LEU A 1 33  ? 4.022   -5.084  -2.263  1.00 13.49 ? 33   LEU A CD1 1 
ATOM   270  C  CD2 . LEU A 1 33  ? 5.423   -3.361  -1.136  1.00 13.34 ? 33   LEU A CD2 1 
ATOM   271  N  N   . SER A 1 34  ? 6.388   -7.848  -1.663  1.00 14.02 ? 34   SER A N   1 
ATOM   272  C  CA  . SER A 1 34  ? 7.670   -8.254  -2.242  1.00 14.43 ? 34   SER A CA  1 
ATOM   273  C  C   . SER A 1 34  ? 7.774   -7.687  -3.654  1.00 14.64 ? 34   SER A C   1 
ATOM   274  O  O   . SER A 1 34  ? 6.768   -7.309  -4.257  1.00 14.62 ? 34   SER A O   1 
ATOM   275  C  CB  . SER A 1 34  ? 7.839   -9.778  -2.243  1.00 14.46 ? 34   SER A CB  1 
ATOM   276  O  OG  . SER A 1 34  ? 6.857   -10.412 -3.033  1.00 14.90 ? 34   SER A OG  1 
ATOM   277  N  N   . HIS A 1 35  ? 8.991   -7.635  -4.180  1.00 14.92 ? 35   HIS A N   1 
ATOM   278  C  CA  . HIS A 1 35  ? 9.237   -7.074  -5.507  1.00 15.26 ? 35   HIS A CA  1 
ATOM   279  C  C   . HIS A 1 35  ? 9.990   -8.080  -6.370  1.00 15.61 ? 35   HIS A C   1 
ATOM   280  O  O   . HIS A 1 35  ? 11.217  -8.171  -6.302  1.00 15.71 ? 35   HIS A O   1 
ATOM   281  C  CB  . HIS A 1 35  ? 10.053  -5.794  -5.344  1.00 15.11 ? 35   HIS A CB  1 
ATOM   282  C  CG  . HIS A 1 35  ? 10.092  -4.925  -6.562  1.00 15.00 ? 35   HIS A CG  1 
ATOM   283  N  ND1 . HIS A 1 35  ? 10.306  -5.415  -7.833  1.00 14.97 ? 35   HIS A ND1 1 
ATOM   284  C  CD2 . HIS A 1 35  ? 9.989   -3.580  -6.695  1.00 14.98 ? 35   HIS A CD2 1 
ATOM   285  C  CE1 . HIS A 1 35  ? 10.334  -4.416  -8.689  1.00 15.00 ? 35   HIS A CE1 1 
ATOM   286  N  NE2 . HIS A 1 35  ? 10.146  -3.289  -8.026  1.00 14.86 ? 35   HIS A NE2 1 
ATOM   287  N  N   . PRO A 1 36  ? 9.260   -8.861  -7.194  1.00 15.96 ? 36   PRO A N   1 
ATOM   288  C  CA  . PRO A 1 36  ? 9.906   -9.851  -8.061  1.00 16.33 ? 36   PRO A CA  1 
ATOM   289  C  C   . PRO A 1 36  ? 10.506  -9.274  -9.344  1.00 16.65 ? 36   PRO A C   1 
ATOM   290  O  O   . PRO A 1 36  ? 10.956  -10.020 -10.214 1.00 16.75 ? 36   PRO A O   1 
ATOM   291  C  CB  . PRO A 1 36  ? 8.769   -10.828 -8.343  1.00 16.26 ? 36   PRO A CB  1 
ATOM   292  C  CG  . PRO A 1 36  ? 7.583   -9.927  -8.420  1.00 16.21 ? 36   PRO A CG  1 
ATOM   293  C  CD  . PRO A 1 36  ? 7.797   -8.970  -7.261  1.00 16.07 ? 36   PRO A CD  1 
ATOM   294  N  N   . GLY A 1 37  ? 10.535  -7.947  -9.454  1.00 17.02 ? 37   GLY A N   1 
ATOM   295  C  CA  . GLY A 1 37  ? 11.094  -7.313  -10.636 1.00 17.45 ? 37   GLY A CA  1 
ATOM   296  C  C   . GLY A 1 37  ? 12.612  -7.214  -10.585 1.00 17.80 ? 37   GLY A C   1 
ATOM   297  O  O   . GLY A 1 37  ? 13.233  -7.690  -9.636  1.00 17.79 ? 37   GLY A O   1 
ATOM   298  N  N   . ASN A 1 38  ? 13.208  -6.601  -11.607 1.00 18.09 ? 38   ASN A N   1 
ATOM   299  C  CA  . ASN A 1 38  ? 14.662  -6.433  -11.696 1.00 18.42 ? 38   ASN A CA  1 
ATOM   300  C  C   . ASN A 1 38  ? 15.089  -4.996  -11.448 1.00 18.55 ? 38   ASN A C   1 
ATOM   301  O  O   . ASN A 1 38  ? 16.259  -4.726  -11.158 1.00 18.70 ? 38   ASN A O   1 
ATOM   302  C  CB  . ASN A 1 38  ? 15.161  -6.816  -13.091 1.00 18.61 ? 38   ASN A CB  1 
ATOM   303  C  CG  . ASN A 1 38  ? 14.915  -8.264  -13.419 1.00 18.86 ? 38   ASN A CG  1 
ATOM   304  O  OD1 . ASN A 1 38  ? 14.224  -8.581  -14.385 1.00 19.16 ? 38   ASN A OD1 1 
ATOM   305  N  ND2 . ASN A 1 38  ? 15.481  -9.154  -12.622 1.00 18.83 ? 38   ASN A ND2 1 
ATOM   306  N  N   . LEU A 1 39  ? 14.146  -4.073  -11.587 1.00 18.61 ? 39   LEU A N   1 
ATOM   307  C  CA  . LEU A 1 39  ? 14.418  -2.651  -11.422 1.00 18.66 ? 39   LEU A CA  1 
ATOM   308  C  C   . LEU A 1 39  ? 14.578  -2.187  -9.976  1.00 18.60 ? 39   LEU A C   1 
ATOM   309  O  O   . LEU A 1 39  ? 13.908  -2.687  -9.076  1.00 18.57 ? 39   LEU A O   1 
ATOM   310  C  CB  . LEU A 1 39  ? 13.335  -1.830  -12.123 1.00 18.76 ? 39   LEU A CB  1 
ATOM   311  C  CG  . LEU A 1 39  ? 13.262  -1.981  -13.645 1.00 19.02 ? 39   LEU A CG  1 
ATOM   312  C  CD1 . LEU A 1 39  ? 12.139  -1.102  -14.216 1.00 19.05 ? 39   LEU A CD1 1 
ATOM   313  C  CD2 . LEU A 1 39  ? 14.588  -1.583  -14.253 1.00 19.08 ? 39   LEU A CD2 1 
ATOM   314  N  N   . PRO A 1 40  ? 15.497  -1.225  -9.743  1.00 18.62 ? 40   PRO A N   1 
ATOM   315  C  CA  . PRO A 1 40  ? 15.748  -0.679  -8.399  1.00 18.57 ? 40   PRO A CA  1 
ATOM   316  C  C   . PRO A 1 40  ? 14.619  0.246   -7.933  1.00 18.54 ? 40   PRO A C   1 
ATOM   317  O  O   . PRO A 1 40  ? 13.812  0.699   -8.747  1.00 18.39 ? 40   PRO A O   1 
ATOM   318  C  CB  . PRO A 1 40  ? 17.074  0.064   -8.588  1.00 18.69 ? 40   PRO A CB  1 
ATOM   319  C  CG  . PRO A 1 40  ? 17.014  0.509   -10.010 1.00 18.65 ? 40   PRO A CG  1 
ATOM   320  C  CD  . PRO A 1 40  ? 16.464  -0.700  -10.719 1.00 18.65 ? 40   PRO A CD  1 
ATOM   321  N  N   . LYS A 1 41  ? 14.572  0.554   -6.635  1.00 18.52 ? 41   LYS A N   1 
ATOM   322  C  CA  . LYS A 1 41  ? 13.491  1.389   -6.106  1.00 18.57 ? 41   LYS A CA  1 
ATOM   323  C  C   . LYS A 1 41  ? 13.439  2.829   -6.590  1.00 18.44 ? 41   LYS A C   1 
ATOM   324  O  O   . LYS A 1 41  ? 12.401  3.486   -6.472  1.00 18.37 ? 41   LYS A O   1 
ATOM   325  C  CB  . LYS A 1 41  ? 13.421  1.339   -4.576  1.00 18.89 ? 41   LYS A CB  1 
ATOM   326  C  CG  . LYS A 1 41  ? 14.475  2.133   -3.840  1.00 19.20 ? 41   LYS A CG  1 
ATOM   327  C  CD  . LYS A 1 41  ? 14.126  2.236   -2.367  1.00 19.60 ? 41   LYS A CD  1 
ATOM   328  C  CE  . LYS A 1 41  ? 15.250  2.908   -1.601  1.00 19.80 ? 41   LYS A CE  1 
ATOM   329  N  NZ  . LYS A 1 41  ? 15.011  2.930   -0.137  1.00 20.21 ? 41   LYS A NZ  1 
ATOM   330  N  N   . ASN A 1 42  ? 14.546  3.327   -7.129  1.00 18.27 ? 42   ASN A N   1 
ATOM   331  C  CA  . ASN A 1 42  ? 14.561  4.688   -7.628  1.00 17.96 ? 42   ASN A CA  1 
ATOM   332  C  C   . ASN A 1 42  ? 13.864  4.833   -8.985  1.00 17.64 ? 42   ASN A C   1 
ATOM   333  O  O   . ASN A 1 42  ? 13.506  5.939   -9.383  1.00 17.71 ? 42   ASN A O   1 
ATOM   334  C  CB  . ASN A 1 42  ? 15.995  5.237   -7.687  1.00 18.44 ? 42   ASN A CB  1 
ATOM   335  C  CG  . ASN A 1 42  ? 16.833  4.568   -8.750  1.00 18.72 ? 42   ASN A CG  1 
ATOM   336  O  OD1 . ASN A 1 42  ? 17.317  5.224   -9.674  1.00 19.31 ? 42   ASN A OD1 1 
ATOM   337  N  ND2 . ASN A 1 42  ? 17.010  3.262   -8.630  1.00 18.94 ? 42   ASN A ND2 1 
ATOM   338  N  N   A VAL A 1 43  ? 13.665  3.710   -9.693  0.45 17.39 ? 43   VAL A N   1 
ATOM   339  N  N   B VAL A 1 43  ? 13.656  3.712   -9.687  0.45 17.39 ? 43   VAL A N   1 
ATOM   340  C  CA  A VAL A 1 43  ? 12.990  3.755   -10.988 0.45 17.06 ? 43   VAL A CA  1 
ATOM   341  C  CA  B VAL A 1 43  ? 12.991  3.748   -10.995 0.45 17.03 ? 43   VAL A CA  1 
ATOM   342  C  C   A VAL A 1 43  ? 11.674  2.981   -11.003 0.45 16.84 ? 43   VAL A C   1 
ATOM   343  C  C   B VAL A 1 43  ? 11.667  2.989   -10.997 0.45 16.84 ? 43   VAL A C   1 
ATOM   344  O  O   A VAL A 1 43  ? 10.748  3.335   -11.740 0.45 16.79 ? 43   VAL A O   1 
ATOM   345  O  O   B VAL A 1 43  ? 10.734  3.354   -11.719 0.45 16.78 ? 43   VAL A O   1 
ATOM   346  C  CB  A VAL A 1 43  ? 13.894  3.225   -12.143 0.45 17.11 ? 43   VAL A CB  1 
ATOM   347  C  CB  B VAL A 1 43  ? 13.883  3.164   -12.119 0.45 17.09 ? 43   VAL A CB  1 
ATOM   348  C  CG1 A VAL A 1 43  ? 15.217  3.974   -12.186 0.45 17.18 ? 43   VAL A CG1 1 
ATOM   349  C  CG1 B VAL A 1 43  ? 13.240  3.398   -13.488 0.45 17.08 ? 43   VAL A CG1 1 
ATOM   350  C  CG2 A VAL A 1 43  ? 14.120  1.733   -12.012 0.45 17.11 ? 43   VAL A CG2 1 
ATOM   351  C  CG2 B VAL A 1 43  ? 15.270  3.788   -12.085 0.45 17.17 ? 43   VAL A CG2 1 
ATOM   352  N  N   A MET A 1 44  ? 11.583  1.943   -10.174 0.50 16.46 ? 44   MET A N   1 
ATOM   353  N  N   B MET A 1 44  ? 11.587  1.942   -10.182 0.50 16.45 ? 44   MET A N   1 
ATOM   354  C  CA  A MET A 1 44  ? 10.384  1.110   -10.097 0.50 16.02 ? 44   MET A CA  1 
ATOM   355  C  CA  B MET A 1 44  ? 10.385  1.111   -10.098 0.50 16.01 ? 44   MET A CA  1 
ATOM   356  C  C   A MET A 1 44  ? 10.106  0.686   -8.649  0.50 15.66 ? 44   MET A C   1 
ATOM   357  C  C   B MET A 1 44  ? 10.106  0.687   -8.650  0.50 15.65 ? 44   MET A C   1 
ATOM   358  O  O   A MET A 1 44  ? 9.749   -0.461  -8.367  0.50 15.58 ? 44   MET A O   1 
ATOM   359  O  O   B MET A 1 44  ? 9.749   -0.461  -8.367  0.50 15.58 ? 44   MET A O   1 
ATOM   360  C  CB  A MET A 1 44  ? 10.559  -0.114  -11.016 0.50 16.17 ? 44   MET A CB  1 
ATOM   361  C  CB  B MET A 1 44  ? 10.557  -0.112  -11.014 0.50 16.16 ? 44   MET A CB  1 
ATOM   362  C  CG  A MET A 1 44  ? 9.337   -1.008  -11.201 0.50 16.21 ? 44   MET A CG  1 
ATOM   363  C  CG  B MET A 1 44  ? 9.337   -1.007  -11.201 0.50 16.20 ? 44   MET A CG  1 
ATOM   364  S  SD  A MET A 1 44  ? 7.931   -0.210  -11.997 0.50 16.41 ? 44   MET A SD  1 
ATOM   365  S  SD  B MET A 1 44  ? 7.931   -0.210  -11.997 0.50 16.40 ? 44   MET A SD  1 
ATOM   366  C  CE  A MET A 1 44  ? 8.615   0.172   -13.614 0.50 16.33 ? 44   MET A CE  1 
ATOM   367  C  CE  B MET A 1 44  ? 8.615   0.172   -13.614 0.50 16.33 ? 44   MET A CE  1 
ATOM   368  N  N   . GLY A 1 45  ? 10.259  1.641   -7.731  1.00 15.41 ? 45   GLY A N   1 
ATOM   369  C  CA  . GLY A 1 45  ? 10.016  1.369   -6.327  1.00 14.69 ? 45   GLY A CA  1 
ATOM   370  C  C   . GLY A 1 45  ? 8.535   1.243   -6.038  1.00 14.05 ? 45   GLY A C   1 
ATOM   371  O  O   . GLY A 1 45  ? 7.704   1.900   -6.668  1.00 13.83 ? 45   GLY A O   1 
ATOM   372  N  N   . HIS A 1 46  ? 8.200   0.368   -5.100  1.00 13.53 ? 46   HIS A N   1 
ATOM   373  C  CA  . HIS A 1 46  ? 6.808   0.157   -4.729  1.00 12.92 ? 46   HIS A CA  1 
ATOM   374  C  C   . HIS A 1 46  ? 6.607   0.107   -3.229  1.00 12.72 ? 46   HIS A C   1 
ATOM   375  O  O   . HIS A 1 46  ? 7.430   -0.445  -2.495  1.00 12.52 ? 46   HIS A O   1 
ATOM   376  C  CB  . HIS A 1 46  ? 6.286   -1.183  -5.249  1.00 12.87 ? 46   HIS A CB  1 
ATOM   377  C  CG  . HIS A 1 46  ? 6.393   -1.363  -6.728  1.00 12.80 ? 46   HIS A CG  1 
ATOM   378  N  ND1 . HIS A 1 46  ? 6.010   -0.400  -7.631  1.00 12.81 ? 46   HIS A ND1 1 
ATOM   379  C  CD2 . HIS A 1 46  ? 6.802   -2.424  -7.459  1.00 12.76 ? 46   HIS A CD2 1 
ATOM   380  C  CE1 . HIS A 1 46  ? 6.176   -0.859  -8.860  1.00 12.67 ? 46   HIS A CE1 1 
ATOM   381  N  NE2 . HIS A 1 46  ? 6.657   -2.085  -8.783  1.00 12.79 ? 46   HIS A NE2 1 
ATOM   382  N  N   . ASN A 1 47  ? 5.512   0.704   -2.782  1.00 12.39 ? 47   ASN A N   1 
ATOM   383  C  CA  . ASN A 1 47  ? 5.109   0.625   -1.391  1.00 11.99 ? 47   ASN A CA  1 
ATOM   384  C  C   . ASN A 1 47  ? 3.634   0.248   -1.404  1.00 11.74 ? 47   ASN A C   1 
ATOM   385  O  O   . ASN A 1 47  ? 3.008   0.189   -2.472  1.00 11.68 ? 47   ASN A O   1 
ATOM   386  C  CB  . ASN A 1 47  ? 5.380   1.915   -0.580  1.00 12.12 ? 47   ASN A CB  1 
ATOM   387  C  CG  . ASN A 1 47  ? 4.785   3.164   -1.199  1.00 12.18 ? 47   ASN A CG  1 
ATOM   388  O  OD1 . ASN A 1 47  ? 3.985   3.101   -2.132  1.00 12.24 ? 47   ASN A OD1 1 
ATOM   389  N  ND2 . ASN A 1 47  ? 5.183   4.320   -0.671  1.00 12.29 ? 47   ASN A ND2 1 
ATOM   390  N  N   . TRP A 1 48  ? 3.127   -0.164  -0.249  1.00 11.46 ? 48   TRP A N   1 
ATOM   391  C  CA  . TRP A 1 48  ? 1.727   -0.528  -0.090  1.00 11.17 ? 48   TRP A CA  1 
ATOM   392  C  C   . TRP A 1 48  ? 1.239   0.451   0.962   1.00 11.16 ? 48   TRP A C   1 
ATOM   393  O  O   . TRP A 1 48  ? 1.651   0.390   2.121   1.00 11.24 ? 48   TRP A O   1 
ATOM   394  C  CB  . TRP A 1 48  ? 1.582   -1.979  0.398   1.00 11.05 ? 48   TRP A CB  1 
ATOM   395  C  CG  . TRP A 1 48  ? 0.151   -2.441  0.493   1.00 10.94 ? 48   TRP A CG  1 
ATOM   396  C  CD1 . TRP A 1 48  ? -0.585  -3.020  -0.501  1.00 10.94 ? 48   TRP A CD1 1 
ATOM   397  C  CD2 . TRP A 1 48  ? -0.705  -2.350  1.637   1.00 10.95 ? 48   TRP A CD2 1 
ATOM   398  N  NE1 . TRP A 1 48  ? -1.854  -3.291  -0.045  1.00 10.90 ? 48   TRP A NE1 1 
ATOM   399  C  CE2 . TRP A 1 48  ? -1.958  -2.891  1.264   1.00 10.84 ? 48   TRP A CE2 1 
ATOM   400  C  CE3 . TRP A 1 48  ? -0.540  -1.861  2.938   1.00 10.94 ? 48   TRP A CE3 1 
ATOM   401  C  CZ2 . TRP A 1 48  ? -3.039  -2.957  2.147   1.00 10.92 ? 48   TRP A CZ2 1 
ATOM   402  C  CZ3 . TRP A 1 48  ? -1.617  -1.925  3.818   1.00 10.86 ? 48   TRP A CZ3 1 
ATOM   403  C  CH2 . TRP A 1 48  ? -2.850  -2.469  3.416   1.00 10.83 ? 48   TRP A CH2 1 
ATOM   404  N  N   . VAL A 1 49  ? 0.397   1.384   0.534   1.00 11.02 ? 49   VAL A N   1 
ATOM   405  C  CA  . VAL A 1 49  ? -0.133  2.435   1.399   1.00 10.93 ? 49   VAL A CA  1 
ATOM   406  C  C   . VAL A 1 49  ? -1.645  2.318   1.470   1.00 10.99 ? 49   VAL A C   1 
ATOM   407  O  O   . VAL A 1 49  ? -2.307  2.154   0.444   1.00 10.81 ? 49   VAL A O   1 
ATOM   408  C  CB  . VAL A 1 49  ? 0.242   3.821   0.825   1.00 10.92 ? 49   VAL A CB  1 
ATOM   409  C  CG1 . VAL A 1 49  ? -0.282  4.940   1.706   1.00 10.96 ? 49   VAL A CG1 1 
ATOM   410  C  CG2 . VAL A 1 49  ? 1.755   3.919   0.639   1.00 10.86 ? 49   VAL A CG2 1 
ATOM   411  N  N   . LEU A 1 50  ? -2.191  2.459   2.673   1.00 11.19 ? 50   LEU A N   1 
ATOM   412  C  CA  . LEU A 1 50  ? -3.622  2.349   2.897   1.00 11.35 ? 50   LEU A CA  1 
ATOM   413  C  C   . LEU A 1 50  ? -4.238  3.632   3.416   1.00 11.46 ? 50   LEU A C   1 
ATOM   414  O  O   . LEU A 1 50  ? -3.712  4.265   4.331   1.00 11.47 ? 50   LEU A O   1 
ATOM   415  C  CB  . LEU A 1 50  ? -3.897  1.238   3.907   1.00 11.50 ? 50   LEU A CB  1 
ATOM   416  C  CG  . LEU A 1 50  ? -5.340  0.920   4.297   1.00 11.63 ? 50   LEU A CG  1 
ATOM   417  C  CD1 . LEU A 1 50  ? -6.068  0.279   3.121   1.00 11.74 ? 50   LEU A CD1 1 
ATOM   418  C  CD2 . LEU A 1 50  ? -5.335  -0.023  5.483   1.00 11.87 ? 50   LEU A CD2 1 
ATOM   419  N  N   . SER A 1 51  ? -5.372  3.995   2.832   1.00 11.59 ? 51   SER A N   1 
ATOM   420  C  CA  . SER A 1 51  ? -6.108  5.185   3.235   1.00 11.73 ? 51   SER A CA  1 
ATOM   421  C  C   . SER A 1 51  ? -7.556  4.953   2.850   1.00 11.87 ? 51   SER A C   1 
ATOM   422  O  O   . SER A 1 51  ? -7.891  3.939   2.243   1.00 11.77 ? 51   SER A O   1 
ATOM   423  C  CB  . SER A 1 51  ? -5.586  6.423   2.494   1.00 11.68 ? 51   SER A CB  1 
ATOM   424  O  OG  . SER A 1 51  ? -6.038  6.452   1.148   1.00 11.60 ? 51   SER A OG  1 
ATOM   425  N  N   . THR A 1 52  ? -8.434  5.856   3.258   1.00 12.23 ? 52   THR A N   1 
ATOM   426  C  CA  . THR A 1 52  ? -9.824  5.722   2.845   1.00 12.59 ? 52   THR A CA  1 
ATOM   427  C  C   . THR A 1 52  ? -9.802  6.067   1.353   1.00 12.72 ? 52   THR A C   1 
ATOM   428  O  O   . THR A 1 52  ? -8.874  6.729   0.880   1.00 12.75 ? 52   THR A O   1 
ATOM   429  C  CB  . THR A 1 52  ? -10.723 6.734   3.555   1.00 12.63 ? 52   THR A CB  1 
ATOM   430  O  OG1 . THR A 1 52  ? -10.248 8.060   3.280   1.00 12.83 ? 52   THR A OG1 1 
ATOM   431  C  CG2 . THR A 1 52  ? -10.747 6.497   5.057   1.00 12.82 ? 52   THR A CG2 1 
ATOM   432  N  N   . ALA A 1 53  ? -10.802 5.612   0.606   1.00 13.09 ? 53   ALA A N   1 
ATOM   433  C  CA  . ALA A 1 53  ? -10.875 5.915   -0.825  1.00 13.43 ? 53   ALA A CA  1 
ATOM   434  C  C   . ALA A 1 53  ? -10.933 7.425   -1.016  1.00 13.74 ? 53   ALA A C   1 
ATOM   435  O  O   . ALA A 1 53  ? -10.354 7.972   -1.952  1.00 13.79 ? 53   ALA A O   1 
ATOM   436  C  CB  . ALA A 1 53  ? -12.107 5.267   -1.433  1.00 13.54 ? 53   ALA A CB  1 
ATOM   437  N  N   . ALA A 1 54  ? -11.616 8.091   -0.090  1.00 13.98 ? 54   ALA A N   1 
ATOM   438  C  CA  . ALA A 1 54  ? -11.782 9.540   -0.120  1.00 14.28 ? 54   ALA A CA  1 
ATOM   439  C  C   . ALA A 1 54  ? -10.467 10.314  0.010   1.00 14.44 ? 54   ALA A C   1 
ATOM   440  O  O   . ALA A 1 54  ? -10.310 11.368  -0.597  1.00 14.58 ? 54   ALA A O   1 
ATOM   441  C  CB  . ALA A 1 54  ? -12.760 9.966   0.965   1.00 14.18 ? 54   ALA A CB  1 
ATOM   442  N  N   . ASP A 1 55  ? -9.525  9.784   0.786   1.00 14.66 ? 55   ASP A N   1 
ATOM   443  C  CA  . ASP A 1 55  ? -8.233  10.443  0.989   1.00 14.80 ? 55   ASP A CA  1 
ATOM   444  C  C   . ASP A 1 55  ? -7.131  10.027  0.032   1.00 14.88 ? 55   ASP A C   1 
ATOM   445  O  O   . ASP A 1 55  ? -6.054  10.628  0.045   1.00 14.75 ? 55   ASP A O   1 
ATOM   446  C  CB  . ASP A 1 55  ? -7.681  10.157  2.386   1.00 14.93 ? 55   ASP A CB  1 
ATOM   447  C  CG  . ASP A 1 55  ? -8.389  10.926  3.481   1.00 15.23 ? 55   ASP A CG  1 
ATOM   448  O  OD1 . ASP A 1 55  ? -8.885  12.039  3.220   1.00 15.52 ? 55   ASP A OD1 1 
ATOM   449  O  OD2 . ASP A 1 55  ? -8.412  10.421  4.624   1.00 15.38 ? 55   ASP A OD2 1 
ATOM   450  N  N   A MET A 1 56  ? -7.393  9.029   -0.813  0.48 14.95 ? 56   MET A N   1 
ATOM   451  N  N   B MET A 1 56  ? -7.393  9.029   -0.813  0.51 14.94 ? 56   MET A N   1 
ATOM   452  C  CA  A MET A 1 56  ? -6.358  8.550   -1.727  0.48 15.14 ? 56   MET A CA  1 
ATOM   453  C  CA  B MET A 1 56  ? -6.359  8.549   -1.728  0.51 15.13 ? 56   MET A CA  1 
ATOM   454  C  C   A MET A 1 56  ? -5.681  9.601   -2.592  0.48 15.23 ? 56   MET A C   1 
ATOM   455  C  C   B MET A 1 56  ? -5.681  9.601   -2.592  0.51 15.23 ? 56   MET A C   1 
ATOM   456  O  O   A MET A 1 56  ? -4.452  9.679   -2.610  0.48 15.24 ? 56   MET A O   1 
ATOM   457  O  O   B MET A 1 56  ? -4.452  9.679   -2.610  0.51 15.22 ? 56   MET A O   1 
ATOM   458  C  CB  A MET A 1 56  ? -6.863  7.415   -2.612  0.48 15.21 ? 56   MET A CB  1 
ATOM   459  C  CB  B MET A 1 56  ? -6.867  7.419   -2.614  0.51 15.17 ? 56   MET A CB  1 
ATOM   460  C  CG  A MET A 1 56  ? -5.811  6.950   -3.608  0.48 15.44 ? 56   MET A CG  1 
ATOM   461  C  CG  B MET A 1 56  ? -5.821  6.951   -3.605  0.51 15.38 ? 56   MET A CG  1 
ATOM   462  S  SD  A MET A 1 56  ? -6.341  5.574   -4.615  0.48 15.78 ? 56   MET A SD  1 
ATOM   463  S  SD  B MET A 1 56  ? -6.346  5.575   -4.615  0.51 15.73 ? 56   MET A SD  1 
ATOM   464  C  CE  A MET A 1 56  ? -7.495  6.394   -5.653  0.48 15.63 ? 56   MET A CE  1 
ATOM   465  C  CE  B MET A 1 56  ? -5.054  5.555   -5.802  0.51 15.49 ? 56   MET A CE  1 
ATOM   466  N  N   . GLN A 1 57  ? -6.463  10.397  -3.312  1.00 15.40 ? 57   GLN A N   1 
ATOM   467  C  CA  . GLN A 1 57  ? -5.891  11.418  -4.183  1.00 15.68 ? 57   GLN A CA  1 
ATOM   468  C  C   . GLN A 1 57  ? -4.985  12.407  -3.460  1.00 15.83 ? 57   GLN A C   1 
ATOM   469  O  O   . GLN A 1 57  ? -3.911  12.733  -3.964  1.00 15.78 ? 57   GLN A O   1 
ATOM   470  C  CB  . GLN A 1 57  ? -6.982  12.141  -4.978  1.00 16.12 ? 57   GLN A CB  1 
ATOM   471  C  CG  . GLN A 1 57  ? -6.435  13.087  -6.047  1.00 16.86 ? 57   GLN A CG  1 
ATOM   472  C  CD  . GLN A 1 57  ? -5.557  12.397  -7.082  1.00 17.24 ? 57   GLN A CD  1 
ATOM   473  O  OE1 . GLN A 1 57  ? -5.980  11.458  -7.749  1.00 17.77 ? 57   GLN A OE1 1 
ATOM   474  N  NE2 . GLN A 1 57  ? -4.326  12.884  -7.231  1.00 17.63 ? 57   GLN A NE2 1 
ATOM   475  N  N   . GLY A 1 58  ? -5.379  12.832  -2.262  1.00 15.90 ? 58   GLY A N   1 
ATOM   476  C  CA  . GLY A 1 58  ? -4.550  13.755  -1.506  1.00 16.04 ? 58   GLY A CA  1 
ATOM   477  C  C   . GLY A 1 58  ? -3.233  13.115  -1.103  1.00 16.18 ? 58   GLY A C   1 
ATOM   478  O  O   . GLY A 1 58  ? -2.169  13.725  -1.231  1.00 16.18 ? 58   GLY A O   1 
ATOM   479  N  N   . VAL A 1 59  ? -3.305  11.878  -0.618  1.00 16.30 ? 59   VAL A N   1 
ATOM   480  C  CA  . VAL A 1 59  ? -2.106  11.158  -0.198  1.00 16.54 ? 59   VAL A CA  1 
ATOM   481  C  C   . VAL A 1 59  ? -1.132  10.958  -1.360  1.00 16.86 ? 59   VAL A C   1 
ATOM   482  O  O   . VAL A 1 59  ? 0.070   11.160  -1.207  1.00 16.71 ? 59   VAL A O   1 
ATOM   483  C  CB  . VAL A 1 59  ? -2.465  9.793   0.438   1.00 16.46 ? 59   VAL A CB  1 
ATOM   484  C  CG1 . VAL A 1 59  ? -1.204  8.986   0.709   1.00 16.32 ? 59   VAL A CG1 1 
ATOM   485  C  CG2 . VAL A 1 59  ? -3.239  10.005  1.732   1.00 16.36 ? 59   VAL A CG2 1 
ATOM   486  N  N   . VAL A 1 60  ? -1.661  10.594  -2.524  1.00 17.24 ? 60   VAL A N   1 
ATOM   487  C  CA  . VAL A 1 60  ? -0.834  10.365  -3.710  1.00 17.65 ? 60   VAL A CA  1 
ATOM   488  C  C   . VAL A 1 60  ? -0.170  11.646  -4.210  1.00 18.07 ? 60   VAL A C   1 
ATOM   489  O  O   . VAL A 1 60  ? 1.032   11.675  -4.473  1.00 17.95 ? 60   VAL A O   1 
ATOM   490  C  CB  . VAL A 1 60  ? -1.678  9.732   -4.837  1.00 17.58 ? 60   VAL A CB  1 
ATOM   491  C  CG1 . VAL A 1 60  ? -0.896  9.689   -6.142  1.00 17.63 ? 60   VAL A CG1 1 
ATOM   492  C  CG2 . VAL A 1 60  ? -2.089  8.334   -4.436  1.00 17.65 ? 60   VAL A CG2 1 
ATOM   493  N  N   . THR A 1 61  ? -0.969  12.700  -4.323  1.00 18.59 ? 61   THR A N   1 
ATOM   494  C  CA  . THR A 1 61  ? -0.509  14.005  -4.782  1.00 19.29 ? 61   THR A CA  1 
ATOM   495  C  C   . THR A 1 61  ? 0.606   14.560  -3.900  1.00 19.79 ? 61   THR A C   1 
ATOM   496  O  O   . THR A 1 61  ? 1.670   14.931  -4.393  1.00 19.82 ? 61   THR A O   1 
ATOM   497  C  CB  . THR A 1 61  ? -1.690  14.996  -4.817  1.00 19.22 ? 61   THR A CB  1 
ATOM   498  O  OG1 . THR A 1 61  ? -2.603  14.601  -5.847  1.00 19.37 ? 61   THR A OG1 1 
ATOM   499  C  CG2 . THR A 1 61  ? -1.217  16.425  -5.069  1.00 19.30 ? 61   THR A CG2 1 
ATOM   500  N  N   . ASP A 1 62  ? 0.373   14.594  -2.594  1.00 20.35 ? 62   ASP A N   1 
ATOM   501  C  CA  . ASP A 1 62  ? 1.385   15.114  -1.690  1.00 21.03 ? 62   ASP A CA  1 
ATOM   502  C  C   . ASP A 1 62  ? 2.582   14.175  -1.572  1.00 21.44 ? 62   ASP A C   1 
ATOM   503  O  O   . ASP A 1 62  ? 3.708   14.630  -1.383  1.00 21.48 ? 62   ASP A O   1 
ATOM   504  C  CB  . ASP A 1 62  ? 0.775   15.444  -0.328  1.00 21.23 ? 62   ASP A CB  1 
ATOM   505  C  CG  . ASP A 1 62  ? -0.318  16.507  -0.419  1.00 21.37 ? 62   ASP A CG  1 
ATOM   506  O  OD1 . ASP A 1 62  ? -0.292  17.331  -1.364  1.00 21.58 ? 62   ASP A OD1 1 
ATOM   507  O  OD2 . ASP A 1 62  ? -1.209  16.513  0.451   1.00 21.45 ? 62   ASP A OD2 1 
ATOM   508  N  N   . GLY A 1 63  ? 2.351   12.879  -1.776  1.00 21.89 ? 63   GLY A N   1 
ATOM   509  C  CA  . GLY A 1 63  ? 3.428   11.907  -1.701  1.00 22.57 ? 63   GLY A CA  1 
ATOM   510  C  C   . GLY A 1 63  ? 4.452   12.080  -2.806  1.00 23.08 ? 63   GLY A C   1 
ATOM   511  O  O   . GLY A 1 63  ? 5.660   12.029  -2.561  1.00 23.12 ? 63   GLY A O   1 
ATOM   512  N  N   . MET A 1 64  ? 3.973   12.284  -4.026  1.00 23.57 ? 64   MET A N   1 
ATOM   513  C  CA  . MET A 1 64  ? 4.851   12.476  -5.175  1.00 24.11 ? 64   MET A CA  1 
ATOM   514  C  C   . MET A 1 64  ? 5.796   13.659  -4.979  1.00 24.25 ? 64   MET A C   1 
ATOM   515  O  O   . MET A 1 64  ? 6.971   13.586  -5.330  1.00 24.35 ? 64   MET A O   1 
ATOM   516  C  CB  . MET A 1 64  ? 4.029   12.709  -6.439  1.00 24.51 ? 64   MET A CB  1 
ATOM   517  C  CG  . MET A 1 64  ? 4.876   13.175  -7.606  1.00 25.07 ? 64   MET A CG  1 
ATOM   518  S  SD  . MET A 1 64  ? 3.954   14.118  -8.796  1.00 25.87 ? 64   MET A SD  1 
ATOM   519  C  CE  . MET A 1 64  ? 3.242   12.815  -9.655  1.00 25.62 ? 64   MET A CE  1 
ATOM   520  N  N   . ALA A 1 65  ? 5.275   14.750  -4.426  1.00 24.31 ? 65   ALA A N   1 
ATOM   521  C  CA  . ALA A 1 65  ? 6.058   15.963  -4.193  1.00 24.38 ? 65   ALA A CA  1 
ATOM   522  C  C   . ALA A 1 65  ? 7.043   15.838  -3.039  1.00 24.43 ? 65   ALA A C   1 
ATOM   523  O  O   . ALA A 1 65  ? 7.870   16.729  -2.818  1.00 24.47 ? 65   ALA A O   1 
ATOM   524  C  CB  . ALA A 1 65  ? 5.125   17.134  -3.942  1.00 24.44 ? 65   ALA A CB  1 
ATOM   525  N  N   . SER A 1 66  ? 6.942   14.736  -2.304  1.00 24.42 ? 66   SER A N   1 
ATOM   526  C  CA  . SER A 1 66  ? 7.794   14.486  -1.151  1.00 24.36 ? 66   SER A CA  1 
ATOM   527  C  C   . SER A 1 66  ? 9.192   13.952  -1.465  1.00 24.30 ? 66   SER A C   1 
ATOM   528  O  O   . SER A 1 66  ? 10.123  14.162  -0.686  1.00 24.30 ? 66   SER A O   1 
ATOM   529  C  CB  . SER A 1 66  ? 7.064   13.572  -0.166  1.00 24.41 ? 66   SER A CB  1 
ATOM   530  O  OG  . SER A 1 66  ? 5.884   14.204  0.308   1.00 24.44 ? 66   SER A OG  1 
ATOM   531  N  N   . GLY A 1 67  ? 9.348   13.269  -2.596  1.00 24.23 ? 67   GLY A N   1 
ATOM   532  C  CA  . GLY A 1 67  ? 10.655  12.752  -2.963  1.00 24.15 ? 67   GLY A CA  1 
ATOM   533  C  C   . GLY A 1 67  ? 10.970  11.351  -2.472  1.00 24.07 ? 67   GLY A C   1 
ATOM   534  O  O   . GLY A 1 67  ? 10.329  10.834  -1.556  1.00 24.04 ? 67   GLY A O   1 
ATOM   535  N  N   . LEU A 1 68  ? 11.979  10.749  -3.097  1.00 24.12 ? 68   LEU A N   1 
ATOM   536  C  CA  . LEU A 1 68  ? 12.438  9.396   -2.788  1.00 24.10 ? 68   LEU A CA  1 
ATOM   537  C  C   . LEU A 1 68  ? 12.910  9.209   -1.346  1.00 24.12 ? 68   LEU A C   1 
ATOM   538  O  O   . LEU A 1 68  ? 12.640  8.179   -0.728  1.00 24.09 ? 68   LEU A O   1 
ATOM   539  C  CB  . LEU A 1 68  ? 13.568  9.017   -3.745  1.00 24.14 ? 68   LEU A CB  1 
ATOM   540  C  CG  . LEU A 1 68  ? 14.194  7.633   -3.590  1.00 24.14 ? 68   LEU A CG  1 
ATOM   541  C  CD1 . LEU A 1 68  ? 13.161  6.566   -3.905  1.00 24.17 ? 68   LEU A CD1 1 
ATOM   542  C  CD2 . LEU A 1 68  ? 15.396  7.505   -4.510  1.00 24.21 ? 68   LEU A CD2 1 
ATOM   543  N  N   . ASP A 1 69  ? 13.638  10.196  -0.833  1.00 24.07 ? 69   ASP A N   1 
ATOM   544  C  CA  . ASP A 1 69  ? 14.157  10.156  0.531   1.00 24.02 ? 69   ASP A CA  1 
ATOM   545  C  C   . ASP A 1 69  ? 13.045  10.129  1.579   1.00 23.80 ? 69   ASP A C   1 
ATOM   546  O  O   . ASP A 1 69  ? 13.271  9.743   2.725   1.00 23.84 ? 69   ASP A O   1 
ATOM   547  C  CB  . ASP A 1 69  ? 15.084  11.354  0.776   1.00 24.30 ? 69   ASP A CB  1 
ATOM   548  C  CG  . ASP A 1 69  ? 14.353  12.689  0.743   1.00 24.53 ? 69   ASP A CG  1 
ATOM   549  O  OD1 . ASP A 1 69  ? 13.405  12.853  -0.058  1.00 24.76 ? 69   ASP A OD1 1 
ATOM   550  O  OD2 . ASP A 1 69  ? 14.732  13.585  1.524   1.00 24.80 ? 69   ASP A OD2 1 
ATOM   551  N  N   . LYS A 1 70  ? 11.851  10.556  1.183   1.00 23.54 ? 70   LYS A N   1 
ATOM   552  C  CA  . LYS A 1 70  ? 10.702  10.575  2.080   1.00 23.19 ? 70   LYS A CA  1 
ATOM   553  C  C   . LYS A 1 70  ? 9.760   9.411   1.778   1.00 22.84 ? 70   LYS A C   1 
ATOM   554  O  O   . LYS A 1 70  ? 8.639   9.363   2.286   1.00 22.83 ? 70   LYS A O   1 
ATOM   555  C  CB  . LYS A 1 70  ? 9.953   11.901  1.949   1.00 23.38 ? 70   LYS A CB  1 
ATOM   556  C  CG  . LYS A 1 70  ? 10.704  13.092  2.516   1.00 23.61 ? 70   LYS A CG  1 
ATOM   557  C  CD  . LYS A 1 70  ? 10.593  13.138  4.027   1.00 23.90 ? 70   LYS A CD  1 
ATOM   558  C  CE  . LYS A 1 70  ? 11.399  14.282  4.619   1.00 24.01 ? 70   LYS A CE  1 
ATOM   559  N  NZ  . LYS A 1 70  ? 12.830  13.921  4.802   1.00 24.22 ? 70   LYS A NZ  1 
ATOM   560  N  N   . ASP A 1 71  ? 10.236  8.471   0.961   1.00 22.41 ? 71   ASP A N   1 
ATOM   561  C  CA  . ASP A 1 71  ? 9.454   7.303   0.566   1.00 21.95 ? 71   ASP A CA  1 
ATOM   562  C  C   . ASP A 1 71  ? 8.174   7.713   -0.152  1.00 21.63 ? 71   ASP A C   1 
ATOM   563  O  O   . ASP A 1 71  ? 7.160   7.020   -0.079  1.00 21.52 ? 71   ASP A O   1 
ATOM   564  C  CB  . ASP A 1 71  ? 9.111   6.439   1.786   1.00 22.04 ? 71   ASP A CB  1 
ATOM   565  C  CG  . ASP A 1 71  ? 9.949   5.181   1.867   1.00 22.04 ? 71   ASP A CG  1 
ATOM   566  O  OD1 . ASP A 1 71  ? 11.107  5.192   1.399   1.00 22.04 ? 71   ASP A OD1 1 
ATOM   567  O  OD2 . ASP A 1 71  ? 9.444   4.174   2.400   1.00 22.08 ? 71   ASP A OD2 1 
ATOM   568  N  N   . TYR A 1 72  ? 8.231   8.860   -0.824  1.00 21.23 ? 72   TYR A N   1 
ATOM   569  C  CA  . TYR A 1 72  ? 7.093   9.394   -1.561  1.00 20.87 ? 72   TYR A CA  1 
ATOM   570  C  C   . TYR A 1 72  ? 5.814   9.476   -0.733  1.00 20.80 ? 72   TYR A C   1 
ATOM   571  O  O   . TYR A 1 72  ? 4.728   9.106   -1.184  1.00 20.65 ? 72   TYR A O   1 
ATOM   572  C  CB  . TYR A 1 72  ? 6.890   8.611   -2.858  1.00 20.65 ? 72   TYR A CB  1 
ATOM   573  C  CG  . TYR A 1 72  ? 8.000   8.856   -3.855  1.00 20.40 ? 72   TYR A CG  1 
ATOM   574  C  CD1 . TYR A 1 72  ? 8.197   10.125  -4.405  1.00 20.27 ? 72   TYR A CD1 1 
ATOM   575  C  CD2 . TYR A 1 72  ? 8.860   7.832   -4.243  1.00 20.30 ? 72   TYR A CD2 1 
ATOM   576  C  CE1 . TYR A 1 72  ? 9.224   10.364  -5.316  1.00 20.17 ? 72   TYR A CE1 1 
ATOM   577  C  CE2 . TYR A 1 72  ? 9.890   8.059   -5.152  1.00 20.22 ? 72   TYR A CE2 1 
ATOM   578  C  CZ  . TYR A 1 72  ? 10.065  9.326   -5.684  1.00 20.18 ? 72   TYR A CZ  1 
ATOM   579  O  OH  . TYR A 1 72  ? 11.075  9.542   -6.592  1.00 20.07 ? 72   TYR A OH  1 
ATOM   580  N  N   . LEU A 1 73  ? 5.965   9.962   0.494   1.00 20.76 ? 73   LEU A N   1 
ATOM   581  C  CA  . LEU A 1 73  ? 4.855   10.139  1.415   1.00 20.74 ? 73   LEU A CA  1 
ATOM   582  C  C   . LEU A 1 73  ? 5.045   11.455  2.142   1.00 20.86 ? 73   LEU A C   1 
ATOM   583  O  O   . LEU A 1 73  ? 6.170   11.829  2.489   1.00 20.77 ? 73   LEU A O   1 
ATOM   584  C  CB  . LEU A 1 73  ? 4.802   9.009   2.450   1.00 20.70 ? 73   LEU A CB  1 
ATOM   585  C  CG  . LEU A 1 73  ? 4.385   7.602   2.024   1.00 20.57 ? 73   LEU A CG  1 
ATOM   586  C  CD1 . LEU A 1 73  ? 4.611   6.625   3.170   1.00 20.53 ? 73   LEU A CD1 1 
ATOM   587  C  CD2 . LEU A 1 73  ? 2.929   7.598   1.591   1.00 20.51 ? 73   LEU A CD2 1 
ATOM   588  N  N   . LYS A 1 74  ? 3.945   12.174  2.333   1.00 20.91 ? 74   LYS A N   1 
ATOM   589  C  CA  . LYS A 1 74  ? 3.965   13.440  3.046   1.00 21.04 ? 74   LYS A CA  1 
ATOM   590  C  C   . LYS A 1 74  ? 4.254   13.102  4.504   1.00 21.00 ? 74   LYS A C   1 
ATOM   591  O  O   . LYS A 1 74  ? 3.545   12.292  5.106   1.00 20.88 ? 74   LYS A O   1 
ATOM   592  C  CB  . LYS A 1 74  ? 2.600   14.127  2.927   1.00 21.25 ? 74   LYS A CB  1 
ATOM   593  C  CG  . LYS A 1 74  ? 2.462   15.408  3.729   1.00 21.57 ? 74   LYS A CG  1 
ATOM   594  C  CD  . LYS A 1 74  ? 1.029   15.930  3.710   1.00 21.84 ? 74   LYS A CD  1 
ATOM   595  C  CE  . LYS A 1 74  ? 0.910   17.208  4.528   1.00 22.06 ? 74   LYS A CE  1 
ATOM   596  N  NZ  . LYS A 1 74  ? -0.461  17.789  4.511   1.00 22.31 ? 74   LYS A NZ  1 
ATOM   597  N  N   . PRO A 1 75  ? 5.329   13.670  5.074   1.00 20.99 ? 75   PRO A N   1 
ATOM   598  C  CA  . PRO A 1 75  ? 5.703   13.418  6.466   1.00 20.93 ? 75   PRO A CA  1 
ATOM   599  C  C   . PRO A 1 75  ? 4.542   13.565  7.438   1.00 20.84 ? 75   PRO A C   1 
ATOM   600  O  O   . PRO A 1 75  ? 3.807   14.556  7.404   1.00 20.87 ? 75   PRO A O   1 
ATOM   601  C  CB  . PRO A 1 75  ? 6.780   14.469  6.712   1.00 20.97 ? 75   PRO A CB  1 
ATOM   602  C  CG  . PRO A 1 75  ? 7.481   14.496  5.403   1.00 21.04 ? 75   PRO A CG  1 
ATOM   603  C  CD  . PRO A 1 75  ? 6.322   14.549  4.428   1.00 21.02 ? 75   PRO A CD  1 
ATOM   604  N  N   . ASP A 1 76  ? 4.355   12.536  8.256   1.00 20.67 ? 76   ASP A N   1 
ATOM   605  C  CA  . ASP A 1 76  ? 3.303   12.481  9.271   1.00 20.44 ? 76   ASP A CA  1 
ATOM   606  C  C   . ASP A 1 76  ? 1.876   12.623  8.730   1.00 20.13 ? 76   ASP A C   1 
ATOM   607  O  O   . ASP A 1 76  ? 0.967   13.005  9.464   1.00 20.17 ? 76   ASP A O   1 
ATOM   608  C  CB  . ASP A 1 76  ? 3.570   13.522  10.365  1.00 20.75 ? 76   ASP A CB  1 
ATOM   609  C  CG  . ASP A 1 76  ? 4.999   13.482  10.875  1.00 20.98 ? 76   ASP A CG  1 
ATOM   610  O  OD1 . ASP A 1 76  ? 5.705   14.502  10.734  1.00 21.35 ? 76   ASP A OD1 1 
ATOM   611  O  OD2 . ASP A 1 76  ? 5.425   12.429  11.401  1.00 21.23 ? 76   ASP A OD2 1 
ATOM   612  N  N   . ASP A 1 77  ? 1.676   12.264  7.464   1.00 19.73 ? 77   ASP A N   1 
ATOM   613  C  CA  . ASP A 1 77  ? 0.356   12.352  6.837   1.00 19.33 ? 77   ASP A CA  1 
ATOM   614  C  C   . ASP A 1 77  ? -0.683  11.553  7.633   1.00 18.99 ? 77   ASP A C   1 
ATOM   615  O  O   . ASP A 1 77  ? -0.658  10.321  7.640   1.00 18.94 ? 77   ASP A O   1 
ATOM   616  C  CB  . ASP A 1 77  ? 0.431   11.835  5.396   1.00 19.28 ? 77   ASP A CB  1 
ATOM   617  C  CG  . ASP A 1 77  ? -0.769  12.244  4.552   1.00 19.23 ? 77   ASP A CG  1 
ATOM   618  O  OD1 . ASP A 1 77  ? -1.864  12.481  5.105   1.00 19.20 ? 77   ASP A OD1 1 
ATOM   619  O  OD2 . ASP A 1 77  ? -0.610  12.320  3.319   1.00 19.52 ? 77   ASP A OD2 1 
ATOM   620  N  N   . SER A 1 78  ? -1.605  12.266  8.280   1.00 18.66 ? 78   SER A N   1 
ATOM   621  C  CA  . SER A 1 78  ? -2.659  11.652  9.087   1.00 18.22 ? 78   SER A CA  1 
ATOM   622  C  C   . SER A 1 78  ? -3.668  10.826  8.282   1.00 17.78 ? 78   SER A C   1 
ATOM   623  O  O   . SER A 1 78  ? -4.462  10.085  8.860   1.00 17.74 ? 78   SER A O   1 
ATOM   624  C  CB  . SER A 1 78  ? -3.413  12.726  9.879   1.00 18.32 ? 78   SER A CB  1 
ATOM   625  O  OG  . SER A 1 78  ? -4.131  13.585  9.011   1.00 18.67 ? 78   SER A OG  1 
ATOM   626  N  N   . ARG A 1 79  ? -3.659  10.977  6.961   1.00 17.24 ? 79   ARG A N   1 
ATOM   627  C  CA  . ARG A 1 79  ? -4.585  10.234  6.111   1.00 16.68 ? 79   ARG A CA  1 
ATOM   628  C  C   . ARG A 1 79  ? -4.122  8.805   5.846   1.00 16.24 ? 79   ARG A C   1 
ATOM   629  O  O   . ARG A 1 79  ? -4.906  7.968   5.401   1.00 16.08 ? 79   ARG A O   1 
ATOM   630  C  CB  . ARG A 1 79  ? -4.804  10.966  4.789   1.00 16.73 ? 79   ARG A CB  1 
ATOM   631  C  CG  . ARG A 1 79  ? -5.429  12.330  4.951   1.00 16.81 ? 79   ARG A CG  1 
ATOM   632  C  CD  . ARG A 1 79  ? -5.323  13.124  3.669   1.00 16.90 ? 79   ARG A CD  1 
ATOM   633  N  NE  . ARG A 1 79  ? -3.935  13.384  3.306   1.00 16.93 ? 79   ARG A NE  1 
ATOM   634  C  CZ  . ARG A 1 79  ? -3.558  14.226  2.351   1.00 16.98 ? 79   ARG A CZ  1 
ATOM   635  N  NH1 . ARG A 1 79  ? -4.472  14.891  1.658   1.00 17.07 ? 79   ARG A NH1 1 
ATOM   636  N  NH2 . ARG A 1 79  ? -2.273  14.395  2.080   1.00 16.96 ? 79   ARG A NH2 1 
ATOM   637  N  N   . VAL A 1 80  ? -2.841  8.548   6.087   1.00 15.72 ? 80   VAL A N   1 
ATOM   638  C  CA  . VAL A 1 80  ? -2.277  7.218   5.893   1.00 15.25 ? 80   VAL A CA  1 
ATOM   639  C  C   . VAL A 1 80  ? -2.594  6.377   7.126   1.00 14.96 ? 80   VAL A C   1 
ATOM   640  O  O   . VAL A 1 80  ? -2.249  6.752   8.249   1.00 14.89 ? 80   VAL A O   1 
ATOM   641  C  CB  . VAL A 1 80  ? -0.747  7.278   5.663   1.00 15.38 ? 80   VAL A CB  1 
ATOM   642  C  CG1 . VAL A 1 80  ? -0.154  5.873   5.634   1.00 15.37 ? 80   VAL A CG1 1 
ATOM   643  C  CG2 . VAL A 1 80  ? -0.444  7.995   4.358   1.00 15.34 ? 80   VAL A CG2 1 
ATOM   644  N  N   . ILE A 1 81  ? -3.306  5.275   6.915   1.00 14.52 ? 81   ILE A N   1 
ATOM   645  C  CA  . ILE A 1 81  ? -3.687  4.366   7.993   1.00 14.23 ? 81   ILE A CA  1 
ATOM   646  C  C   . ILE A 1 81  ? -2.538  3.411   8.333   1.00 14.13 ? 81   ILE A C   1 
ATOM   647  O  O   . ILE A 1 81  ? -2.299  3.102   9.499   1.00 14.15 ? 81   ILE A O   1 
ATOM   648  C  CB  . ILE A 1 81  ? -4.944  3.541   7.608   1.00 14.21 ? 81   ILE A CB  1 
ATOM   649  C  CG1 . ILE A 1 81  ? -6.139  4.466   7.355   1.00 14.21 ? 81   ILE A CG1 1 
ATOM   650  C  CG2 . ILE A 1 81  ? -5.275  2.532   8.695   1.00 14.19 ? 81   ILE A CG2 1 
ATOM   651  C  CD1 . ILE A 1 81  ? -7.292  3.780   6.641   1.00 14.35 ? 81   ILE A CD1 1 
ATOM   652  N  N   . ALA A 1 82  ? -1.843  2.942   7.301   1.00 13.92 ? 82   ALA A N   1 
ATOM   653  C  CA  . ALA A 1 82  ? -0.710  2.027   7.461   1.00 13.85 ? 82   ALA A CA  1 
ATOM   654  C  C   . ALA A 1 82  ? 0.033   1.977   6.143   1.00 13.84 ? 82   ALA A C   1 
ATOM   655  O  O   . ALA A 1 82  ? -0.540  2.275   5.094   1.00 13.75 ? 82   ALA A O   1 
ATOM   656  C  CB  . ALA A 1 82  ? -1.200  0.633   7.836   1.00 13.64 ? 82   ALA A CB  1 
ATOM   657  N  N   . HIS A 1 83  ? 1.301   1.589   6.186   1.00 13.88 ? 83   HIS A N   1 
ATOM   658  C  CA  . HIS A 1 83  ? 2.109   1.504   4.975   1.00 13.93 ? 83   HIS A CA  1 
ATOM   659  C  C   . HIS A 1 83  ? 3.371   0.698   5.193   1.00 14.03 ? 83   HIS A C   1 
ATOM   660  O  O   . HIS A 1 83  ? 3.883   0.602   6.306   1.00 14.13 ? 83   HIS A O   1 
ATOM   661  C  CB  . HIS A 1 83  ? 2.533   2.900   4.503   1.00 14.05 ? 83   HIS A CB  1 
ATOM   662  C  CG  . HIS A 1 83  ? 3.479   3.590   5.447   1.00 14.05 ? 83   HIS A CG  1 
ATOM   663  N  ND1 . HIS A 1 83  ? 4.853   3.519   5.302   1.00 14.22 ? 83   HIS A ND1 1 
ATOM   664  C  CD2 . HIS A 1 83  ? 3.259   4.288   6.587   1.00 14.16 ? 83   HIS A CD2 1 
ATOM   665  C  CE1 . HIS A 1 83  ? 5.426   4.140   6.324   1.00 14.31 ? 83   HIS A CE1 1 
ATOM   666  N  NE2 . HIS A 1 83  ? 4.480   4.611   7.121   1.00 14.40 ? 83   HIS A NE2 1 
ATOM   667  N  N   . THR A 1 84  ? 3.857   0.109   4.111   1.00 14.11 ? 84   THR A N   1 
ATOM   668  C  CA  . THR A 1 84  ? 5.107   -0.625  4.138   1.00 14.30 ? 84   THR A CA  1 
ATOM   669  C  C   . THR A 1 84  ? 6.103   0.423   3.665   1.00 14.60 ? 84   THR A C   1 
ATOM   670  O  O   . THR A 1 84  ? 5.720   1.543   3.313   1.00 14.64 ? 84   THR A O   1 
ATOM   671  C  CB  . THR A 1 84  ? 5.143   -1.753  3.092   1.00 14.23 ? 84   THR A CB  1 
ATOM   672  O  OG1 . THR A 1 84  ? 5.052   -1.184  1.774   1.00 14.01 ? 84   THR A OG1 1 
ATOM   673  C  CG2 . THR A 1 84  ? 4.012   -2.733  3.304   1.00 14.09 ? 84   THR A CG2 1 
ATOM   674  N  N   . LYS A 1 85  ? 7.377   0.068   3.647   1.00 15.01 ? 85   LYS A N   1 
ATOM   675  C  CA  . LYS A 1 85  ? 8.377   0.996   3.156   1.00 15.55 ? 85   LYS A CA  1 
ATOM   676  C  C   . LYS A 1 85  ? 8.417   0.806   1.641   1.00 15.65 ? 85   LYS A C   1 
ATOM   677  O  O   . LYS A 1 85  ? 7.803   -0.124  1.107   1.00 15.62 ? 85   LYS A O   1 
ATOM   678  C  CB  . LYS A 1 85  ? 9.746   0.688   3.768   1.00 16.01 ? 85   LYS A CB  1 
ATOM   679  C  CG  . LYS A 1 85  ? 10.344  -0.643  3.334   1.00 16.56 ? 85   LYS A CG  1 
ATOM   680  C  CD  . LYS A 1 85  ? 11.573  -0.980  4.154   1.00 17.04 ? 85   LYS A CD  1 
ATOM   681  C  CE  . LYS A 1 85  ? 12.206  -2.290  3.716   1.00 17.47 ? 85   LYS A CE  1 
ATOM   682  N  NZ  . LYS A 1 85  ? 12.946  -2.181  2.426   1.00 17.96 ? 85   LYS A NZ  1 
ATOM   683  N  N   . LEU A 1 86  ? 9.099   1.714   0.952   1.00 15.76 ? 86   LEU A N   1 
ATOM   684  C  CA  . LEU A 1 86  ? 9.242   1.625   -0.499  1.00 15.94 ? 86   LEU A CA  1 
ATOM   685  C  C   . LEU A 1 86  ? 10.357  0.612   -0.751  1.00 16.02 ? 86   LEU A C   1 
ATOM   686  O  O   . LEU A 1 86  ? 11.439  0.714   -0.161  1.00 16.23 ? 86   LEU A O   1 
ATOM   687  C  CB  . LEU A 1 86  ? 9.635   2.986   -1.075  1.00 15.89 ? 86   LEU A CB  1 
ATOM   688  C  CG  . LEU A 1 86  ? 9.587   3.174   -2.595  1.00 15.90 ? 86   LEU A CG  1 
ATOM   689  C  CD1 . LEU A 1 86  ? 8.169   3.492   -3.018  1.00 15.77 ? 86   LEU A CD1 1 
ATOM   690  C  CD2 . LEU A 1 86  ? 10.509  4.308   -3.015  1.00 15.92 ? 86   LEU A CD2 1 
ATOM   691  N  N   . ILE A 1 87  ? 10.097  -0.370  -1.606  1.00 16.10 ? 87   ILE A N   1 
ATOM   692  C  CA  . ILE A 1 87  ? 11.074  -1.406  -1.915  1.00 16.20 ? 87   ILE A CA  1 
ATOM   693  C  C   . ILE A 1 87  ? 11.347  -1.549  -3.411  1.00 16.28 ? 87   ILE A C   1 
ATOM   694  O  O   . ILE A 1 87  ? 10.521  -1.184  -4.250  1.00 16.23 ? 87   ILE A O   1 
ATOM   695  C  CB  . ILE A 1 87  ? 10.628  -2.793  -1.375  1.00 16.17 ? 87   ILE A CB  1 
ATOM   696  C  CG1 . ILE A 1 87  ? 9.338   -3.247  -2.068  1.00 16.23 ? 87   ILE A CG1 1 
ATOM   697  C  CG2 . ILE A 1 87  ? 10.451  -2.744  0.136   1.00 16.22 ? 87   ILE A CG2 1 
ATOM   698  C  CD1 . ILE A 1 87  ? 8.894   -4.640  -1.691  1.00 16.25 ? 87   ILE A CD1 1 
ATOM   699  N  N   . GLY A 1 88  ? 12.533  -2.054  -3.725  1.00 16.46 ? 88   GLY A N   1 
ATOM   700  C  CA  . GLY A 1 88  ? 12.923  -2.281  -5.100  1.00 16.68 ? 88   GLY A CA  1 
ATOM   701  C  C   . GLY A 1 88  ? 13.154  -3.764  -5.301  1.00 16.82 ? 88   GLY A C   1 
ATOM   702  O  O   . GLY A 1 88  ? 12.883  -4.568  -4.406  1.00 16.67 ? 88   GLY A O   1 
ATOM   703  N  N   . SER A 1 89  ? 13.660  -4.124  -6.476  1.00 16.99 ? 89   SER A N   1 
ATOM   704  C  CA  . SER A 1 89  ? 13.941  -5.513  -6.826  1.00 17.32 ? 89   SER A CA  1 
ATOM   705  C  C   . SER A 1 89  ? 14.567  -6.357  -5.723  1.00 17.44 ? 89   SER A C   1 
ATOM   706  O  O   . SER A 1 89  ? 15.535  -5.947  -5.082  1.00 17.63 ? 89   SER A O   1 
ATOM   707  C  CB  . SER A 1 89  ? 14.868  -5.557  -8.039  1.00 17.45 ? 89   SER A CB  1 
ATOM   708  O  OG  . SER A 1 89  ? 15.328  -6.877  -8.276  1.00 17.70 ? 89   SER A OG  1 
ATOM   709  N  N   . GLY A 1 90  ? 14.008  -7.546  -5.524  1.00 17.57 ? 90   GLY A N   1 
ATOM   710  C  CA  . GLY A 1 90  ? 14.539  -8.460  -4.530  1.00 17.74 ? 90   GLY A CA  1 
ATOM   711  C  C   . GLY A 1 90  ? 14.332  -8.141  -3.066  1.00 17.81 ? 90   GLY A C   1 
ATOM   712  O  O   . GLY A 1 90  ? 14.811  -8.879  -2.207  1.00 17.83 ? 90   GLY A O   1 
ATOM   713  N  N   A GLU A 1 91  ? 13.658  -7.035  -2.773  0.60 17.87 ? 91   GLU A N   1 
ATOM   714  N  N   B GLU A 1 91  ? 13.660  -7.032  -2.776  0.29 17.77 ? 91   GLU A N   1 
ATOM   715  C  CA  A GLU A 1 91  ? 13.403  -6.662  -1.387  0.60 17.96 ? 91   GLU A CA  1 
ATOM   716  C  CA  B GLU A 1 91  ? 13.400  -6.662  -1.391  0.29 17.78 ? 91   GLU A CA  1 
ATOM   717  C  C   A GLU A 1 91  ? 11.992  -7.073  -0.993  0.60 17.90 ? 91   GLU A C   1 
ATOM   718  C  C   B GLU A 1 91  ? 11.990  -7.072  -0.995  0.29 17.78 ? 91   GLU A C   1 
ATOM   719  O  O   A GLU A 1 91  ? 11.193  -7.478  -1.841  0.60 17.83 ? 91   GLU A O   1 
ATOM   720  O  O   B GLU A 1 91  ? 11.192  -7.478  -1.840  0.29 17.71 ? 91   GLU A O   1 
ATOM   721  C  CB  A GLU A 1 91  ? 13.610  -5.158  -1.179  0.60 18.19 ? 91   GLU A CB  1 
ATOM   722  C  CB  B GLU A 1 91  ? 13.612  -5.162  -1.168  0.29 17.85 ? 91   GLU A CB  1 
ATOM   723  C  CG  A GLU A 1 91  ? 15.059  -4.709  -1.379  0.60 18.55 ? 91   GLU A CG  1 
ATOM   724  C  CG  B GLU A 1 91  ? 15.083  -4.758  -1.067  0.29 18.00 ? 91   GLU A CG  1 
ATOM   725  C  CD  A GLU A 1 91  ? 15.258  -3.207  -1.238  0.60 18.72 ? 91   GLU A CD  1 
ATOM   726  C  CD  B GLU A 1 91  ? 15.276  -3.291  -0.722  0.29 18.08 ? 91   GLU A CD  1 
ATOM   727  O  OE1 A GLU A 1 91  ? 14.350  -2.432  -1.599  0.60 18.86 ? 91   GLU A OE1 1 
ATOM   728  O  OE1 B GLU A 1 91  ? 14.442  -2.727  0.016   0.29 18.16 ? 91   GLU A OE1 1 
ATOM   729  O  OE2 A GLU A 1 91  ? 16.347  -2.800  -0.767  0.60 19.09 ? 91   GLU A OE2 1 
ATOM   730  O  OE2 B GLU A 1 91  ? 16.295  -2.707  -1.165  0.29 18.24 ? 91   GLU A OE2 1 
ATOM   731  N  N   . LYS A 1 92  ? 11.710  -7.007  0.306   1.00 17.84 ? 92   LYS A N   1 
ATOM   732  C  CA  . LYS A 1 92  ? 10.399  -7.354  0.843   1.00 17.84 ? 92   LYS A CA  1 
ATOM   733  C  C   . LYS A 1 92  ? 10.184  -6.555  2.119   1.00 17.71 ? 92   LYS A C   1 
ATOM   734  O  O   . LYS A 1 92  ? 11.140  -6.087  2.735   1.00 17.77 ? 92   LYS A O   1 
ATOM   735  C  CB  . LYS A 1 92  ? 10.295  -8.858  1.153   1.00 18.15 ? 92   LYS A CB  1 
ATOM   736  C  CG  . LYS A 1 92  ? 11.242  -9.361  2.231   1.00 18.55 ? 92   LYS A CG  1 
ATOM   737  C  CD  . LYS A 1 92  ? 11.007  -10.835 2.491   1.00 18.99 ? 92   LYS A CD  1 
ATOM   738  C  CE  . LYS A 1 92  ? 12.005  -11.402 3.474   1.00 19.33 ? 92   LYS A CE  1 
ATOM   739  N  NZ  . LYS A 1 92  ? 11.691  -12.821 3.787   1.00 19.69 ? 92   LYS A NZ  1 
ATOM   740  N  N   . ASP A 1 93  ? 8.924   -6.332  2.470   1.00 17.47 ? 93   ASP A N   1 
ATOM   741  C  CA  . ASP A 1 93  ? 8.590   -5.608  3.694   1.00 17.26 ? 93   ASP A CA  1 
ATOM   742  C  C   . ASP A 1 93  ? 7.167   -5.933  4.085   1.00 17.07 ? 93   ASP A C   1 
ATOM   743  O  O   . ASP A 1 93  ? 6.308   -6.155  3.228   1.00 17.05 ? 93   ASP A O   1 
ATOM   744  C  CB  . ASP A 1 93  ? 8.756   -4.089  3.544   1.00 17.49 ? 93   ASP A CB  1 
ATOM   745  C  CG  . ASP A 1 93  ? 8.691   -3.357  4.887   1.00 17.62 ? 93   ASP A CG  1 
ATOM   746  O  OD1 . ASP A 1 93  ? 9.404   -3.769  5.833   1.00 17.77 ? 93   ASP A OD1 1 
ATOM   747  O  OD2 . ASP A 1 93  ? 7.935   -2.373  5.007   1.00 17.65 ? 93   ASP A OD2 1 
ATOM   748  N  N   . SER A 1 94  ? 6.925   -5.981  5.388   1.00 16.75 ? 94   SER A N   1 
ATOM   749  C  CA  . SER A 1 94  ? 5.602   -6.280  5.912   1.00 16.45 ? 94   SER A CA  1 
ATOM   750  C  C   . SER A 1 94  ? 5.120   -5.198  6.855   1.00 16.23 ? 94   SER A C   1 
ATOM   751  O  O   . SER A 1 94  ? 5.918   -4.489  7.471   1.00 16.31 ? 94   SER A O   1 
ATOM   752  C  CB  . SER A 1 94  ? 5.619   -7.594  6.693   1.00 16.58 ? 94   SER A CB  1 
ATOM   753  O  OG  . SER A 1 94  ? 6.141   -8.656  5.922   1.00 16.56 ? 94   SER A OG  1 
ATOM   754  N  N   . VAL A 1 95  ? 3.801   -5.078  6.947   1.00 15.90 ? 95   VAL A N   1 
ATOM   755  C  CA  . VAL A 1 95  ? 3.179   -4.136  7.858   1.00 15.62 ? 95   VAL A CA  1 
ATOM   756  C  C   . VAL A 1 95  ? 1.964   -4.815  8.463   1.00 15.45 ? 95   VAL A C   1 
ATOM   757  O  O   . VAL A 1 95  ? 1.233   -5.547  7.787   1.00 15.33 ? 95   VAL A O   1 
ATOM   758  C  CB  . VAL A 1 95  ? 2.768   -2.792  7.187   1.00 15.56 ? 95   VAL A CB  1 
ATOM   759  C  CG1 . VAL A 1 95  ? 1.669   -3.004  6.155   1.00 15.53 ? 95   VAL A CG1 1 
ATOM   760  C  CG2 . VAL A 1 95  ? 2.310   -1.795  8.260   1.00 15.47 ? 95   VAL A CG2 1 
ATOM   761  N  N   . THR A 1 96  ? 1.841   -4.669  9.776   1.00 15.30 ? 96   THR A N   1 
ATOM   762  C  CA  . THR A 1 96  ? 0.723   -5.215  10.527  1.00 15.39 ? 96   THR A CA  1 
ATOM   763  C  C   . THR A 1 96  ? 0.037   -4.015  11.164  1.00 15.44 ? 96   THR A C   1 
ATOM   764  O  O   . THR A 1 96  ? 0.709   -3.113  11.671  1.00 15.58 ? 96   THR A O   1 
ATOM   765  C  CB  . THR A 1 96  ? 1.194   -6.166  11.657  1.00 15.23 ? 96   THR A CB  1 
ATOM   766  O  OG1 . THR A 1 96  ? 1.916   -7.268  11.099  1.00 15.25 ? 96   THR A OG1 1 
ATOM   767  C  CG2 . THR A 1 96  ? 0.002   -6.695  12.443  1.00 15.29 ? 96   THR A CG2 1 
ATOM   768  N  N   . PHE A 1 97  ? -1.288  -3.963  11.068  1.00 15.62 ? 97   PHE A N   1 
ATOM   769  C  CA  . PHE A 1 97  ? -2.057  -2.877  11.668  1.00 15.80 ? 97   PHE A CA  1 
ATOM   770  C  C   . PHE A 1 97  ? -3.280  -3.427  12.379  1.00 16.01 ? 97   PHE A C   1 
ATOM   771  O  O   . PHE A 1 97  ? -3.709  -4.558  12.122  1.00 15.99 ? 97   PHE A O   1 
ATOM   772  C  CB  . PHE A 1 97  ? -2.461  -1.805  10.635  1.00 15.76 ? 97   PHE A CB  1 
ATOM   773  C  CG  . PHE A 1 97  ? -3.313  -2.323  9.505   1.00 15.48 ? 97   PHE A CG  1 
ATOM   774  C  CD1 . PHE A 1 97  ? -2.716  -2.855  8.366   1.00 15.43 ? 97   PHE A CD1 1 
ATOM   775  C  CD2 . PHE A 1 97  ? -4.704  -2.294  9.581   1.00 15.51 ? 97   PHE A CD2 1 
ATOM   776  C  CE1 . PHE A 1 97  ? -3.489  -3.351  7.320   1.00 15.48 ? 97   PHE A CE1 1 
ATOM   777  C  CE2 . PHE A 1 97  ? -5.487  -2.790  8.538   1.00 15.43 ? 97   PHE A CE2 1 
ATOM   778  C  CZ  . PHE A 1 97  ? -4.876  -3.320  7.406   1.00 15.42 ? 97   PHE A CZ  1 
ATOM   779  N  N   A ASP A 1 98  ? -3.829  -2.635  13.293  0.65 16.31 ? 98   ASP A N   1 
ATOM   780  N  N   B ASP A 1 98  ? -3.819  -2.634  13.293  0.31 16.07 ? 98   ASP A N   1 
ATOM   781  C  CA  A ASP A 1 98  ? -5.011  -3.032  14.047  0.65 16.59 ? 98   ASP A CA  1 
ATOM   782  C  CA  B ASP A 1 98  ? -4.996  -3.039  14.041  0.31 16.20 ? 98   ASP A CA  1 
ATOM   783  C  C   A ASP A 1 98  ? -6.269  -2.896  13.205  0.65 16.54 ? 98   ASP A C   1 
ATOM   784  C  C   B ASP A 1 98  ? -6.243  -2.911  13.167  0.31 16.28 ? 98   ASP A C   1 
ATOM   785  O  O   A ASP A 1 98  ? -6.510  -1.854  12.601  0.65 16.61 ? 98   ASP A O   1 
ATOM   786  O  O   B ASP A 1 98  ? -6.507  -1.849  12.594  0.31 16.25 ? 98   ASP A O   1 
ATOM   787  C  CB  A ASP A 1 98  ? -5.132  -2.190  15.321  0.65 17.04 ? 98   ASP A CB  1 
ATOM   788  C  CB  B ASP A 1 98  ? -5.128  -2.177  15.304  0.31 16.19 ? 98   ASP A CB  1 
ATOM   789  C  CG  A ASP A 1 98  ? -4.058  -2.516  16.331  0.65 17.38 ? 98   ASP A CG  1 
ATOM   790  C  CG  B ASP A 1 98  ? -6.339  -2.521  16.126  0.31 16.17 ? 98   ASP A CG  1 
ATOM   791  O  OD1 A ASP A 1 98  ? -3.634  -1.609  17.074  0.65 17.75 ? 98   ASP A OD1 1 
ATOM   792  O  OD1 B ASP A 1 98  ? -6.433  -2.033  17.255  0.31 16.23 ? 98   ASP A OD1 1 
ATOM   793  O  OD2 A ASP A 1 98  ? -3.631  -3.688  16.381  0.65 17.71 ? 98   ASP A OD2 1 
ATOM   794  O  OD2 B ASP A 1 98  ? -7.224  -3.244  15.659  0.31 16.18 ? 98   ASP A OD2 1 
ATOM   795  N  N   . VAL A 1 99  ? -7.050  -3.969  13.145  1.00 16.50 ? 99   VAL A N   1 
ATOM   796  C  CA  . VAL A 1 99  ? -8.284  -3.975  12.367  1.00 16.61 ? 99   VAL A CA  1 
ATOM   797  C  C   . VAL A 1 99  ? -9.293  -2.935  12.884  1.00 16.70 ? 99   VAL A C   1 
ATOM   798  O  O   . VAL A 1 99  ? -10.129 -2.457  12.123  1.00 16.64 ? 99   VAL A O   1 
ATOM   799  C  CB  . VAL A 1 99  ? -8.894  -5.396  12.295  1.00 16.63 ? 99   VAL A CB  1 
ATOM   800  C  CG1 . VAL A 1 99  ? -10.248 -5.359  11.603  1.00 16.67 ? 99   VAL A CG1 1 
ATOM   801  C  CG2 . VAL A 1 99  ? -7.950  -6.313  11.520  1.00 16.68 ? 99   VAL A CG2 1 
ATOM   802  N  N   . SER A 1 100 ? -9.155  -2.523  14.145  1.00 16.87 ? 100  SER A N   1 
ATOM   803  C  CA  . SER A 1 100 ? -10.043 -1.510  14.706  1.00 16.99 ? 100  SER A CA  1 
ATOM   804  C  C   . SER A 1 100 ? -9.779  -0.135  14.096  1.00 17.01 ? 100  SER A C   1 
ATOM   805  O  O   . SER A 1 100 ? -10.468 0.831   14.416  1.00 16.96 ? 100  SER A O   1 
ATOM   806  C  CB  . SER A 1 100 ? -9.956  -1.467  16.232  1.00 16.98 ? 100  SER A CB  1 
ATOM   807  O  OG  . SER A 1 100 ? -8.643  -1.239  16.661  1.00 17.44 ? 100  SER A OG  1 
ATOM   808  N  N   . LYS A 1 101 ? -8.767  -0.042  13.236  1.00 16.97 ? 101  LYS A N   1 
ATOM   809  C  CA  . LYS A 1 101 ? -8.487  1.215   12.546  1.00 17.08 ? 101  LYS A CA  1 
ATOM   810  C  C   . LYS A 1 101 ? -9.403  1.313   11.317  1.00 16.87 ? 101  LYS A C   1 
ATOM   811  O  O   . LYS A 1 101 ? -9.407  2.323   10.618  1.00 16.89 ? 101  LYS A O   1 
ATOM   812  C  CB  . LYS A 1 101 ? -7.007  1.332   12.143  1.00 17.39 ? 101  LYS A CB  1 
ATOM   813  C  CG  . LYS A 1 101 ? -6.097  1.729   13.296  1.00 17.90 ? 101  LYS A CG  1 
ATOM   814  C  CD  . LYS A 1 101 ? -4.654  1.988   12.872  1.00 18.39 ? 101  LYS A CD  1 
ATOM   815  C  CE  . LYS A 1 101 ? -3.835  2.518   14.042  1.00 18.66 ? 101  LYS A CE  1 
ATOM   816  N  NZ  . LYS A 1 101 ? -3.713  1.536   15.160  1.00 19.05 ? 101  LYS A NZ  1 
ATOM   817  N  N   . LEU A 1 102 ? -10.193 0.261   11.079  1.00 16.76 ? 102  LEU A N   1 
ATOM   818  C  CA  . LEU A 1 102 ? -11.130 0.213   9.954   1.00 16.73 ? 102  LEU A CA  1 
ATOM   819  C  C   . LEU A 1 102 ? -12.565 0.072   10.456  1.00 16.92 ? 102  LEU A C   1 
ATOM   820  O  O   . LEU A 1 102 ? -12.795 -0.379  11.575  1.00 16.91 ? 102  LEU A O   1 
ATOM   821  C  CB  . LEU A 1 102 ? -10.830 -0.996  9.058   1.00 16.64 ? 102  LEU A CB  1 
ATOM   822  C  CG  . LEU A 1 102 ? -9.402  -1.237  8.582   1.00 16.52 ? 102  LEU A CG  1 
ATOM   823  C  CD1 . LEU A 1 102 ? -9.366  -2.499  7.737   1.00 16.51 ? 102  LEU A CD1 1 
ATOM   824  C  CD2 . LEU A 1 102 ? -8.899  -0.043  7.791   1.00 16.40 ? 102  LEU A CD2 1 
ATOM   825  N  N   . LYS A 1 103 ? -13.525 0.456   9.618   1.00 17.02 ? 103  LYS A N   1 
ATOM   826  C  CA  . LYS A 1 103 ? -14.935 0.331   9.969   1.00 17.33 ? 103  LYS A CA  1 
ATOM   827  C  C   . LYS A 1 103 ? -15.726 -0.154  8.767   1.00 17.52 ? 103  LYS A C   1 
ATOM   828  O  O   . LYS A 1 103 ? -15.299 0.007   7.619   1.00 17.43 ? 103  LYS A O   1 
ATOM   829  C  CB  . LYS A 1 103 ? -15.520 1.664   10.475  1.00 17.41 ? 103  LYS A CB  1 
ATOM   830  C  CG  . LYS A 1 103 ? -15.649 2.756   9.420   1.00 17.53 ? 103  LYS A CG  1 
ATOM   831  C  CD  . LYS A 1 103 ? -16.194 4.047   10.016  1.00 17.71 ? 103  LYS A CD  1 
ATOM   832  C  CE  . LYS A 1 103 ? -16.396 5.116   8.950   1.00 17.80 ? 103  LYS A CE  1 
ATOM   833  N  NZ  . LYS A 1 103 ? -16.894 6.383   9.534   1.00 18.02 ? 103  LYS A NZ  1 
ATOM   834  N  N   . GLU A 1 104 ? -16.856 -0.796  9.036   1.00 17.90 ? 104  GLU A N   1 
ATOM   835  C  CA  . GLU A 1 104 ? -17.721 -1.286  7.978   1.00 18.24 ? 104  GLU A CA  1 
ATOM   836  C  C   . GLU A 1 104 ? -18.431 -0.101  7.343   1.00 18.25 ? 104  GLU A C   1 
ATOM   837  O  O   . GLU A 1 104 ? -18.697 0.903   8.008   1.00 18.31 ? 104  GLU A O   1 
ATOM   838  C  CB  . GLU A 1 104 ? -18.773 -2.228  8.551   1.00 18.80 ? 104  GLU A CB  1 
ATOM   839  C  CG  . GLU A 1 104 ? -18.238 -3.516  9.116   1.00 19.65 ? 104  GLU A CG  1 
ATOM   840  C  CD  . GLU A 1 104 ? -19.352 -4.411  9.600   1.00 20.13 ? 104  GLU A CD  1 
ATOM   841  O  OE1 . GLU A 1 104 ? -20.072 -4.009  10.539  1.00 20.66 ? 104  GLU A OE1 1 
ATOM   842  O  OE2 . GLU A 1 104 ? -19.524 -5.504  9.031   1.00 20.67 ? 104  GLU A OE2 1 
ATOM   843  N  N   . GLY A 1 105 ? -18.749 -0.228  6.058   1.00 18.09 ? 105  GLY A N   1 
ATOM   844  C  CA  . GLY A 1 105 ? -19.445 0.832   5.348   1.00 17.90 ? 105  GLY A CA  1 
ATOM   845  C  C   . GLY A 1 105 ? -18.565 1.940   4.807   1.00 17.58 ? 105  GLY A C   1 
ATOM   846  O  O   . GLY A 1 105 ? -19.065 2.947   4.309   1.00 18.00 ? 105  GLY A O   1 
ATOM   847  N  N   . GLU A 1 106 ? -17.255 1.785   4.949   1.00 17.10 ? 106  GLU A N   1 
ATOM   848  C  CA  . GLU A 1 106 ? -16.317 2.775   4.443   1.00 16.48 ? 106  GLU A CA  1 
ATOM   849  C  C   . GLU A 1 106 ? -15.401 2.084   3.446   1.00 16.07 ? 106  GLU A C   1 
ATOM   850  O  O   . GLU A 1 106 ? -14.928 0.974   3.693   1.00 15.96 ? 106  GLU A O   1 
ATOM   851  C  CB  . GLU A 1 106 ? -15.503 3.390   5.586   1.00 16.55 ? 106  GLU A CB  1 
ATOM   852  C  CG  . GLU A 1 106 ? -14.458 4.400   5.119   1.00 16.56 ? 106  GLU A CG  1 
ATOM   853  C  CD  . GLU A 1 106 ? -13.969 5.299   6.234   1.00 16.58 ? 106  GLU A CD  1 
ATOM   854  O  OE1 . GLU A 1 106 ? -13.366 4.789   7.197   1.00 16.64 ? 106  GLU A OE1 1 
ATOM   855  O  OE2 . GLU A 1 106 ? -14.187 6.523   6.149   1.00 16.78 ? 106  GLU A OE2 1 
ATOM   856  N  N   . GLN A 1 107 ? -15.216 2.711   2.290   1.00 15.48 ? 107  GLN A N   1 
ATOM   857  C  CA  . GLN A 1 107 ? -14.355 2.150   1.253   1.00 15.05 ? 107  GLN A CA  1 
ATOM   858  C  C   . GLN A 1 107 ? -12.911 2.605   1.463   1.00 14.37 ? 107  GLN A C   1 
ATOM   859  O  O   . GLN A 1 107 ? -12.650 3.792   1.671   1.00 14.16 ? 107  GLN A O   1 
ATOM   860  C  CB  . GLN A 1 107 ? -14.848 2.560   -0.151  1.00 15.50 ? 107  GLN A CB  1 
ATOM   861  C  CG  . GLN A 1 107 ? -16.199 1.934   -0.577  1.00 16.62 ? 107  GLN A CG  1 
ATOM   862  C  CD  . GLN A 1 107 ? -16.726 2.423   -1.938  1.00 17.09 ? 107  GLN A CD  1 
ATOM   863  O  OE1 . GLN A 1 107 ? -17.146 1.617   -2.775  1.00 17.71 ? 107  GLN A OE1 1 
ATOM   864  N  NE2 . GLN A 1 107 ? -16.751 3.730   -2.138  1.00 17.54 ? 107  GLN A NE2 1 
ATOM   865  N  N   . TYR A 1 108 ? -11.989 1.646   1.491   1.00 13.63 ? 108  TYR A N   1 
ATOM   866  C  CA  . TYR A 1 108 ? -10.566 1.938   1.640   1.00 12.95 ? 108  TYR A CA  1 
ATOM   867  C  C   . TYR A 1 108 ? -9.872  1.574   0.346   1.00 12.58 ? 108  TYR A C   1 
ATOM   868  O  O   . TYR A 1 108 ? -10.398 0.806   -0.464  1.00 12.44 ? 108  TYR A O   1 
ATOM   869  C  CB  . TYR A 1 108 ? -9.928  1.116   2.763   1.00 12.85 ? 108  TYR A CB  1 
ATOM   870  C  CG  . TYR A 1 108 ? -10.529 1.371   4.114   1.00 12.79 ? 108  TYR A CG  1 
ATOM   871  C  CD1 . TYR A 1 108 ? -10.158 2.485   4.856   1.00 12.78 ? 108  TYR A CD1 1 
ATOM   872  C  CD2 . TYR A 1 108 ? -11.539 0.553   4.602   1.00 12.76 ? 108  TYR A CD2 1 
ATOM   873  C  CE1 . TYR A 1 108 ? -10.793 2.792   6.050   1.00 12.80 ? 108  TYR A CE1 1 
ATOM   874  C  CE2 . TYR A 1 108 ? -12.183 0.844   5.790   1.00 12.82 ? 108  TYR A CE2 1 
ATOM   875  C  CZ  . TYR A 1 108 ? -11.808 1.970   6.504   1.00 12.82 ? 108  TYR A CZ  1 
ATOM   876  O  OH  . TYR A 1 108 ? -12.492 2.306   7.653   1.00 12.96 ? 108  TYR A OH  1 
ATOM   877  N  N   A MET A 1 109 ? -8.693  2.153   0.145   0.46 12.34 ? 109  MET A N   1 
ATOM   878  N  N   B MET A 1 109 ? -8.693  2.153   0.145   0.48 12.36 ? 109  MET A N   1 
ATOM   879  C  CA  A MET A 1 109 ? -7.881  1.885   -1.039  0.46 12.06 ? 109  MET A CA  1 
ATOM   880  C  CA  B MET A 1 109 ? -7.881  1.886   -1.040  0.48 12.10 ? 109  MET A CA  1 
ATOM   881  C  C   A MET A 1 109 ? -6.439  1.686   -0.617  0.46 11.77 ? 109  MET A C   1 
ATOM   882  C  C   B MET A 1 109 ? -6.439  1.686   -0.617  0.48 11.80 ? 109  MET A C   1 
ATOM   883  O  O   A MET A 1 109 ? -5.952  2.352   0.299   0.46 11.59 ? 109  MET A O   1 
ATOM   884  O  O   B MET A 1 109 ? -5.952  2.352   0.299   0.48 11.61 ? 109  MET A O   1 
ATOM   885  C  CB  A MET A 1 109 ? -7.900  3.060   -2.022  0.46 12.29 ? 109  MET A CB  1 
ATOM   886  C  CB  B MET A 1 109 ? -7.902  3.060   -2.024  0.48 12.37 ? 109  MET A CB  1 
ATOM   887  C  CG  A MET A 1 109 ? -9.207  3.344   -2.711  0.46 12.67 ? 109  MET A CG  1 
ATOM   888  C  CG  B MET A 1 109 ? -9.217  3.347   -2.712  0.48 12.80 ? 109  MET A CG  1 
ATOM   889  S  SD  A MET A 1 109 ? -9.743  2.049   -3.842  0.46 13.28 ? 109  MET A SD  1 
ATOM   890  S  SD  B MET A 1 109 ? -9.722  2.030   -3.843  0.48 13.47 ? 109  MET A SD  1 
ATOM   891  C  CE  A MET A 1 109 ? -8.593  2.284   -5.200  0.46 12.91 ? 109  MET A CE  1 
ATOM   892  C  CE  B MET A 1 109 ? -11.298 2.497   -4.301  0.48 13.09 ? 109  MET A CE  1 
ATOM   893  N  N   . PHE A 1 110 ? -5.763  0.766   -1.291  1.00 11.48 ? 110  PHE A N   1 
ATOM   894  C  CA  . PHE A 1 110 ? -4.350  0.517   -1.047  1.00 11.12 ? 110  PHE A CA  1 
ATOM   895  C  C   . PHE A 1 110 ? -3.767  0.924   -2.394  1.00 10.95 ? 110  PHE A C   1 
ATOM   896  O  O   . PHE A 1 110 ? -4.427  0.793   -3.433  1.00 10.85 ? 110  PHE A O   1 
ATOM   897  C  CB  . PHE A 1 110 ? -4.041  -0.960  -0.687  1.00 10.83 ? 110  PHE A CB  1 
ATOM   898  C  CG  . PHE A 1 110 ? -4.326  -1.945  -1.780  1.00 10.74 ? 110  PHE A CG  1 
ATOM   899  C  CD1 . PHE A 1 110 ? -5.521  -2.646  -1.782  1.00 10.80 ? 110  PHE A CD1 1 
ATOM   900  C  CD2 . PHE A 1 110 ? -3.374  -2.236  -2.756  1.00 10.76 ? 110  PHE A CD2 1 
ATOM   901  C  CE1 . PHE A 1 110 ? -5.771  -3.633  -2.731  1.00 10.98 ? 110  PHE A CE1 1 
ATOM   902  C  CE2 . PHE A 1 110 ? -3.610  -3.222  -3.710  1.00 10.95 ? 110  PHE A CE2 1 
ATOM   903  C  CZ  . PHE A 1 110 ? -4.812  -3.924  -3.697  1.00 10.99 ? 110  PHE A CZ  1 
ATOM   904  N  N   . PHE A 1 111 ? -2.564  1.474   -2.374  1.00 10.61 ? 111  PHE A N   1 
ATOM   905  C  CA  . PHE A 1 111 ? -1.916  1.956   -3.589  1.00 10.58 ? 111  PHE A CA  1 
ATOM   906  C  C   . PHE A 1 111 ? -0.442  2.211   -3.330  1.00 10.66 ? 111  PHE A C   1 
ATOM   907  O  O   . PHE A 1 111 ? 0.007   2.218   -2.184  1.00 10.54 ? 111  PHE A O   1 
ATOM   908  C  CB  . PHE A 1 111 ? -2.557  3.282   -4.035  1.00 10.36 ? 111  PHE A CB  1 
ATOM   909  C  CG  . PHE A 1 111 ? -2.777  4.259   -2.898  1.00 10.28 ? 111  PHE A CG  1 
ATOM   910  C  CD1 . PHE A 1 111 ? -3.956  4.212   -2.156  1.00 10.35 ? 111  PHE A CD1 1 
ATOM   911  C  CD2 . PHE A 1 111 ? -1.804  5.187   -2.539  1.00 10.40 ? 111  PHE A CD2 1 
ATOM   912  C  CE1 . PHE A 1 111 ? -4.161  5.069   -1.078  1.00 10.27 ? 111  PHE A CE1 1 
ATOM   913  C  CE2 . PHE A 1 111 ? -2.002  6.053   -1.459  1.00 10.32 ? 111  PHE A CE2 1 
ATOM   914  C  CZ  . PHE A 1 111 ? -3.186  5.990   -0.727  1.00 10.47 ? 111  PHE A CZ  1 
ATOM   915  N  N   . CYS A 1 112 ? 0.298   2.401   -4.417  1.00 10.95 ? 112  CYS A N   1 
ATOM   916  C  CA  . CYS A 1 112 ? 1.718   2.708   -4.365  1.00 11.20 ? 112  CYS A CA  1 
ATOM   917  C  C   . CYS A 1 112 ? 1.799   4.197   -4.627  1.00 11.32 ? 112  CYS A C   1 
ATOM   918  O  O   . CYS A 1 112 ? 1.091   4.709   -5.503  1.00 11.27 ? 112  CYS A O   1 
ATOM   919  C  CB  . CYS A 1 112 ? 2.478   1.969   -5.466  1.00 10.94 ? 112  CYS A CB  1 
ATOM   920  S  SG  . CYS A 1 112 ? 4.216   2.430   -5.578  1.00 11.76 ? 112  CYS A SG  1 
ATOM   921  N  N   . THR A 1 113 ? 2.650   4.903   -3.888  1.00 11.60 ? 113  THR A N   1 
ATOM   922  C  CA  . THR A 1 113 ? 2.795   6.342   -4.066  1.00 11.93 ? 113  THR A CA  1 
ATOM   923  C  C   . THR A 1 113 ? 4.008   6.777   -4.891  1.00 12.14 ? 113  THR A C   1 
ATOM   924  O  O   . THR A 1 113 ? 4.301   7.971   -4.977  1.00 12.17 ? 113  THR A O   1 
ATOM   925  C  CB  . THR A 1 113 ? 2.782   7.106   -2.718  1.00 11.89 ? 113  THR A CB  1 
ATOM   926  O  OG1 . THR A 1 113 ? 3.857   6.641   -1.890  1.00 12.05 ? 113  THR A OG1 1 
ATOM   927  C  CG2 . THR A 1 113 ? 1.455   6.898   -1.992  1.00 12.05 ? 113  THR A CG2 1 
ATOM   928  N  N   . PHE A 1 114 ? 4.736   5.828   -5.475  1.00 12.59 ? 114  PHE A N   1 
ATOM   929  C  CA  . PHE A 1 114 ? 5.873   6.192   -6.323  1.00 13.06 ? 114  PHE A CA  1 
ATOM   930  C  C   . PHE A 1 114 ? 5.242   6.993   -7.464  1.00 13.18 ? 114  PHE A C   1 
ATOM   931  O  O   . PHE A 1 114 ? 4.150   6.655   -7.924  1.00 13.43 ? 114  PHE A O   1 
ATOM   932  C  CB  . PHE A 1 114 ? 6.557   4.940   -6.881  1.00 13.25 ? 114  PHE A CB  1 
ATOM   933  C  CG  . PHE A 1 114 ? 7.788   5.234   -7.688  1.00 13.52 ? 114  PHE A CG  1 
ATOM   934  C  CD1 . PHE A 1 114 ? 7.697   5.569   -9.029  1.00 13.63 ? 114  PHE A CD1 1 
ATOM   935  C  CD2 . PHE A 1 114 ? 9.045   5.194   -7.089  1.00 13.70 ? 114  PHE A CD2 1 
ATOM   936  C  CE1 . PHE A 1 114 ? 8.834   5.866   -9.775  1.00 13.79 ? 114  PHE A CE1 1 
ATOM   937  C  CE2 . PHE A 1 114 ? 10.190  5.487   -7.823  1.00 13.75 ? 114  PHE A CE2 1 
ATOM   938  C  CZ  . PHE A 1 114 ? 10.086  5.824   -9.167  1.00 13.77 ? 114  PHE A CZ  1 
ATOM   939  N  N   . PRO A 1 115 ? 5.909   8.053   -7.945  1.00 13.26 ? 115  PRO A N   1 
ATOM   940  C  CA  . PRO A 1 115 ? 5.351   8.866   -9.034  1.00 13.45 ? 115  PRO A CA  1 
ATOM   941  C  C   . PRO A 1 115 ? 4.720   8.134   -10.221 1.00 13.49 ? 115  PRO A C   1 
ATOM   942  O  O   . PRO A 1 115 ? 5.379   7.370   -10.927 1.00 13.39 ? 115  PRO A O   1 
ATOM   943  C  CB  . PRO A 1 115 ? 6.539   9.715   -9.461  1.00 13.47 ? 115  PRO A CB  1 
ATOM   944  C  CG  . PRO A 1 115 ? 7.224   9.964   -8.180  1.00 13.53 ? 115  PRO A CG  1 
ATOM   945  C  CD  . PRO A 1 115 ? 7.216   8.597   -7.527  1.00 13.38 ? 115  PRO A CD  1 
ATOM   946  N  N   . GLY A 1 116 ? 3.421   8.384   -10.388 1.00 13.64 ? 116  GLY A N   1 
ATOM   947  C  CA  . GLY A 1 116 ? 2.640   7.819   -11.479 1.00 13.71 ? 116  GLY A CA  1 
ATOM   948  C  C   . GLY A 1 116 ? 2.110   6.411   -11.323 1.00 13.80 ? 116  GLY A C   1 
ATOM   949  O  O   . GLY A 1 116 ? 1.156   6.024   -12.002 1.00 13.92 ? 116  GLY A O   1 
ATOM   950  N  N   . HIS A 1 117 ? 2.681   5.655   -10.396 1.00 13.89 ? 117  HIS A N   1 
ATOM   951  C  CA  . HIS A 1 117 ? 2.262   4.274   -10.211 1.00 13.95 ? 117  HIS A CA  1 
ATOM   952  C  C   . HIS A 1 117 ? 0.827   4.001   -9.822  1.00 14.14 ? 117  HIS A C   1 
ATOM   953  O  O   . HIS A 1 117 ? 0.261   3.011   -10.276 1.00 14.09 ? 117  HIS A O   1 
ATOM   954  C  CB  . HIS A 1 117 ? 3.194   3.563   -9.239  1.00 13.69 ? 117  HIS A CB  1 
ATOM   955  C  CG  . HIS A 1 117 ? 4.550   3.307   -9.798  1.00 13.70 ? 117  HIS A CG  1 
ATOM   956  N  ND1 . HIS A 1 117 ? 5.471   2.492   -9.170  1.00 13.59 ? 117  HIS A ND1 1 
ATOM   957  C  CD2 . HIS A 1 117 ? 5.163   3.770   -10.911 1.00 13.68 ? 117  HIS A CD2 1 
ATOM   958  C  CE1 . HIS A 1 117 ? 6.586   2.466   -9.867  1.00 13.73 ? 117  HIS A CE1 1 
ATOM   959  N  NE2 . HIS A 1 117 ? 6.428   3.236   -10.935 1.00 13.76 ? 117  HIS A NE2 1 
ATOM   960  N  N   . SER A 1 118 ? 0.221   4.881   -9.028  1.00 14.44 ? 118  SER A N   1 
ATOM   961  C  CA  . SER A 1 118 ? -1.154  4.651   -8.586  1.00 14.84 ? 118  SER A CA  1 
ATOM   962  C  C   . SER A 1 118 ? -2.198  4.577   -9.694  1.00 15.06 ? 118  SER A C   1 
ATOM   963  O  O   . SER A 1 118 ? -3.312  4.119   -9.455  1.00 15.32 ? 118  SER A O   1 
ATOM   964  C  CB  . SER A 1 118 ? -1.572  5.655   -7.508  1.00 14.91 ? 118  SER A CB  1 
ATOM   965  O  OG  . SER A 1 118 ? -1.822  6.933   -8.050  1.00 15.28 ? 118  SER A OG  1 
ATOM   966  N  N   . ALA A 1 119 ? -1.836  5.005   -10.904 1.00 15.27 ? 119  ALA A N   1 
ATOM   967  C  CA  . ALA A 1 119 ? -2.751  4.937   -12.043 1.00 15.35 ? 119  ALA A CA  1 
ATOM   968  C  C   . ALA A 1 119 ? -3.133  3.475   -12.304 1.00 15.32 ? 119  ALA A C   1 
ATOM   969  O  O   . ALA A 1 119 ? -4.243  3.188   -12.754 1.00 15.72 ? 119  ALA A O   1 
ATOM   970  C  CB  . ALA A 1 119 ? -2.094  5.545   -13.283 1.00 15.59 ? 119  ALA A CB  1 
ATOM   971  N  N   . LEU A 1 120 ? -2.227  2.556   -11.977 1.00 15.11 ? 120  LEU A N   1 
ATOM   972  C  CA  . LEU A 1 120 ? -2.445  1.122   -12.165 1.00 14.66 ? 120  LEU A CA  1 
ATOM   973  C  C   . LEU A 1 120 ? -2.338  0.370   -10.836 1.00 14.20 ? 120  LEU A C   1 
ATOM   974  O  O   . LEU A 1 120 ? -3.070  -0.592  -10.591 1.00 14.22 ? 120  LEU A O   1 
ATOM   975  C  CB  . LEU A 1 120 ? -1.394  0.555   -13.135 1.00 15.01 ? 120  LEU A CB  1 
ATOM   976  C  CG  . LEU A 1 120 ? -1.774  -0.244  -14.391 1.00 15.24 ? 120  LEU A CG  1 
ATOM   977  C  CD1 . LEU A 1 120 ? -2.404  0.659   -15.450 1.00 15.48 ? 120  LEU A CD1 1 
ATOM   978  C  CD2 . LEU A 1 120 ? -0.524  -0.919  -14.953 1.00 15.29 ? 120  LEU A CD2 1 
ATOM   979  N  N   . MET A 1 121 ? -1.415  0.820   -9.989  1.00 13.64 ? 121  MET A N   1 
ATOM   980  C  CA  . MET A 1 121 ? -1.162  0.194   -8.697  1.00 13.17 ? 121  MET A CA  1 
ATOM   981  C  C   . MET A 1 121 ? -2.045  0.697   -7.574  1.00 12.91 ? 121  MET A C   1 
ATOM   982  O  O   . MET A 1 121 ? -1.632  1.498   -6.736  1.00 12.64 ? 121  MET A O   1 
ATOM   983  C  CB  . MET A 1 121 ? 0.318   0.325   -8.339  1.00 13.03 ? 121  MET A CB  1 
ATOM   984  C  CG  . MET A 1 121 ? 1.207   -0.315  -9.385  1.00 12.78 ? 121  MET A CG  1 
ATOM   985  S  SD  . MET A 1 121 ? 2.949   -0.408  -8.969  1.00 12.70 ? 121  MET A SD  1 
ATOM   986  C  CE  . MET A 1 121 ? 2.906   -1.686  -7.699  1.00 12.81 ? 121  MET A CE  1 
ATOM   987  N  N   . LYS A 1 122 ? -3.277  0.207   -7.585  1.00 12.76 ? 122  LYS A N   1 
ATOM   988  C  CA  . LYS A 1 122 ? -4.273  0.553   -6.586  1.00 12.74 ? 122  LYS A CA  1 
ATOM   989  C  C   . LYS A 1 122 ? -5.300  -0.554  -6.550  1.00 12.56 ? 122  LYS A C   1 
ATOM   990  O  O   . LYS A 1 122 ? -5.433  -1.334  -7.497  1.00 12.42 ? 122  LYS A O   1 
ATOM   991  C  CB  . LYS A 1 122 ? -4.941  1.882   -6.928  1.00 13.05 ? 122  LYS A CB  1 
ATOM   992  C  CG  . LYS A 1 122 ? -5.794  1.858   -8.175  1.00 13.74 ? 122  LYS A CG  1 
ATOM   993  C  CD  . LYS A 1 122 ? -6.299  3.244   -8.486  1.00 14.35 ? 122  LYS A CD  1 
ATOM   994  C  CE  . LYS A 1 122 ? -7.050  3.269   -9.788  1.00 14.86 ? 122  LYS A CE  1 
ATOM   995  N  NZ  . LYS A 1 122 ? -7.711  4.580   -9.979  1.00 15.62 ? 122  LYS A NZ  1 
ATOM   996  N  N   . GLY A 1 123 ? -6.032  -0.615  -5.450  1.00 12.54 ? 123  GLY A N   1 
ATOM   997  C  CA  . GLY A 1 123 ? -7.053  -1.628  -5.293  1.00 12.61 ? 123  GLY A CA  1 
ATOM   998  C  C   . GLY A 1 123 ? -7.896  -1.291  -4.092  1.00 12.62 ? 123  GLY A C   1 
ATOM   999  O  O   . GLY A 1 123 ? -7.569  -0.387  -3.324  1.00 12.52 ? 123  GLY A O   1 
ATOM   1000 N  N   . THR A 1 124 ? -8.977  -2.033  -3.918  1.00 12.80 ? 124  THR A N   1 
ATOM   1001 C  CA  . THR A 1 124 ? -9.876  -1.798  -2.802  1.00 13.09 ? 124  THR A CA  1 
ATOM   1002 C  C   . THR A 1 124 ? -9.552  -2.657  -1.583  1.00 13.18 ? 124  THR A C   1 
ATOM   1003 O  O   . THR A 1 124 ? -8.924  -3.706  -1.695  1.00 13.03 ? 124  THR A O   1 
ATOM   1004 C  CB  . THR A 1 124 ? -11.333 -2.091  -3.220  1.00 13.17 ? 124  THR A CB  1 
ATOM   1005 O  OG1 . THR A 1 124 ? -11.456 -3.457  -3.591  1.00 13.53 ? 124  THR A OG1 1 
ATOM   1006 C  CG2 . THR A 1 124 ? -11.732 -1.213  -4.412  1.00 13.33 ? 124  THR A CG2 1 
ATOM   1007 N  N   . LEU A 1 125 ? -9.915  -2.153  -0.411  1.00 13.49 ? 125  LEU A N   1 
ATOM   1008 C  CA  . LEU A 1 125 ? -9.741  -2.898  0.826   1.00 13.91 ? 125  LEU A CA  1 
ATOM   1009 C  C   . LEU A 1 125 ? -11.035 -2.640  1.566   1.00 14.31 ? 125  LEU A C   1 
ATOM   1010 O  O   . LEU A 1 125 ? -11.508 -1.507  1.636   1.00 14.30 ? 125  LEU A O   1 
ATOM   1011 C  CB  . LEU A 1 125 ? -8.521  -2.452  1.640   1.00 13.72 ? 125  LEU A CB  1 
ATOM   1012 C  CG  . LEU A 1 125 ? -8.341  -3.273  2.929   1.00 13.56 ? 125  LEU A CG  1 
ATOM   1013 C  CD1 . LEU A 1 125 ? -6.869  -3.426  3.279   1.00 13.56 ? 125  LEU A CD1 1 
ATOM   1014 C  CD2 . LEU A 1 125 ? -9.117  -2.644  4.076   1.00 13.45 ? 125  LEU A CD2 1 
ATOM   1015 N  N   . THR A 1 126 ? -11.605 -3.703  2.110   1.00 14.90 ? 126  THR A N   1 
ATOM   1016 C  CA  . THR A 1 126 ? -12.879 -3.591  2.793   1.00 15.65 ? 126  THR A CA  1 
ATOM   1017 C  C   . THR A 1 126 ? -12.926 -4.483  4.020   1.00 16.02 ? 126  THR A C   1 
ATOM   1018 O  O   . THR A 1 126 ? -12.367 -5.580  4.021   1.00 16.08 ? 126  THR A O   1 
ATOM   1019 C  CB  . THR A 1 126 ? -14.014 -4.030  1.851   1.00 15.88 ? 126  THR A CB  1 
ATOM   1020 O  OG1 . THR A 1 126 ? -13.776 -3.510  0.531   1.00 16.33 ? 126  THR A OG1 1 
ATOM   1021 C  CG2 . THR A 1 126 ? -15.353 -3.532  2.343   1.00 16.15 ? 126  THR A CG2 1 
ATOM   1022 N  N   . LEU A 1 127 ? -13.593 -3.993  5.063   1.00 16.55 ? 127  LEU A N   1 
ATOM   1023 C  CA  . LEU A 1 127 ? -13.776 -4.740  6.302   1.00 17.08 ? 127  LEU A CA  1 
ATOM   1024 C  C   . LEU A 1 127 ? -15.139 -5.406  6.205   1.00 17.56 ? 127  LEU A C   1 
ATOM   1025 O  O   . LEU A 1 127 ? -16.153 -4.727  6.015   1.00 17.59 ? 127  LEU A O   1 
ATOM   1026 C  CB  . LEU A 1 127 ? -13.764 -3.801  7.512   1.00 17.03 ? 127  LEU A CB  1 
ATOM   1027 C  CG  . LEU A 1 127 ? -13.979 -4.490  8.864   1.00 16.99 ? 127  LEU A CG  1 
ATOM   1028 C  CD1 . LEU A 1 127 ? -12.745 -5.311  9.207   1.00 17.03 ? 127  LEU A CD1 1 
ATOM   1029 C  CD2 . LEU A 1 127 ? -14.264 -3.472  9.955   1.00 17.01 ? 127  LEU A CD2 1 
ATOM   1030 N  N   . LYS A 1 128 ? -15.165 -6.728  6.343   1.00 18.17 ? 128  LYS A N   1 
ATOM   1031 C  CA  . LYS A 1 128 ? -16.409 -7.490  6.257   1.00 18.78 ? 128  LYS A CA  1 
ATOM   1032 C  C   . LYS A 1 128 ? -16.541 -8.605  7.275   1.00 18.95 ? 128  LYS A C   1 
ATOM   1033 O  O   . LYS A 1 128 ? -15.517 -9.232  7.614   1.00 19.13 ? 128  LYS A O   1 
ATOM   1034 C  CB  . LYS A 1 128 ? -16.582 -8.069  4.854   1.00 19.22 ? 128  LYS A CB  1 
ATOM   1035 C  CG  . LYS A 1 128 ? -17.452 -7.211  3.974   1.00 19.77 ? 128  LYS A CG  1 
ATOM   1036 C  CD  . LYS A 1 128 ? -16.748 -6.864  2.688   1.00 20.21 ? 128  LYS A CD  1 
ATOM   1037 C  CE  . LYS A 1 128 ? -17.290 -7.680  1.544   1.00 20.45 ? 128  LYS A CE  1 
ATOM   1038 N  NZ  . LYS A 1 128 ? -18.693 -7.282  1.273   1.00 20.86 ? 128  LYS A NZ  1 
ATOM   1039 O  OXT . LYS A 1 128 ? -17.691 -8.861  7.692   1.00 19.21 ? 128  LYS A OXT 1 
HETATM 1040 CU CU  . CU1 B 2 .   ? 5.156   1.452   -7.347  1.00 12.92 ? 901  CU1 A CU  1 
HETATM 1041 RU RU  . RTB C 3 .   ? 4.970   5.825   8.703   1.00 14.87 ? 903  RTB A RU  1 
HETATM 1042 N  N2  . RTB C 3 .   ? 5.372   6.882   10.355  1.00 14.64 ? 903  RTB A N2  1 
HETATM 1043 N  N3  . RTB C 3 .   ? 4.195   7.344   7.711   1.00 14.60 ? 903  RTB A N3  1 
HETATM 1044 N  N4  . RTB C 3 .   ? 5.795   4.320   9.817   1.00 14.61 ? 903  RTB A N4  1 
HETATM 1045 N  N5  . RTB C 3 .   ? 3.043   5.704   9.314   1.00 14.61 ? 903  RTB A N5  1 
HETATM 1046 N  N6  . RTB C 3 .   ? 6.610   6.444   7.710   1.00 14.80 ? 903  RTB A N6  1 
HETATM 1047 C  C7  . RTB C 3 .   ? 5.131   8.203   10.534  1.00 14.95 ? 903  RTB A C7  1 
HETATM 1048 C  C8  . RTB C 3 .   ? 5.424   8.855   11.710  1.00 15.16 ? 903  RTB A C8  1 
HETATM 1049 C  C9  . RTB C 3 .   ? 5.986   8.119   12.765  1.00 15.08 ? 903  RTB A C9  1 
HETATM 1050 C  C10 . RTB C 3 .   ? 6.236   6.780   12.587  1.00 15.05 ? 903  RTB A C10 1 
HETATM 1051 C  C11 . RTB C 3 .   ? 5.918   6.183   11.374  1.00 14.88 ? 903  RTB A C11 1 
HETATM 1052 C  C12 . RTB C 3 .   ? 2.884   7.628   7.865   1.00 14.62 ? 903  RTB A C12 1 
HETATM 1053 C  C13 . RTB C 3 .   ? 2.331   8.696   7.186   1.00 14.74 ? 903  RTB A C13 1 
HETATM 1054 C  C14 . RTB C 3 .   ? 3.146   9.444   6.351   1.00 14.86 ? 903  RTB A C14 1 
HETATM 1055 C  C15 . RTB C 3 .   ? 4.516   9.130   6.193   1.00 14.73 ? 903  RTB A C15 1 
HETATM 1056 C  C16 . RTB C 3 .   ? 4.988   8.038   6.920   1.00 14.71 ? 903  RTB A C16 1 
HETATM 1057 C  C17 . RTB C 3 .   ? 6.017   3.025   9.569   1.00 14.79 ? 903  RTB A C17 1 
HETATM 1058 C  C18 . RTB C 3 .   ? 6.581   2.155   10.529  1.00 14.83 ? 903  RTB A C18 1 
HETATM 1059 C  C19 . RTB C 3 .   ? 6.919   2.627   11.771  1.00 14.87 ? 903  RTB A C19 1 
HETATM 1060 C  C20 . RTB C 3 .   ? 6.710   3.957   12.067  1.00 14.88 ? 903  RTB A C20 1 
HETATM 1061 C  C21 . RTB C 3 .   ? 6.147   4.802   11.096  1.00 14.88 ? 903  RTB A C21 1 
HETATM 1062 C  C22 . RTB C 3 .   ? 2.223   6.705   8.765   1.00 14.53 ? 903  RTB A C22 1 
HETATM 1063 C  C23 . RTB C 3 .   ? 2.475   4.802   10.145  1.00 14.60 ? 903  RTB A C23 1 
HETATM 1064 C  C24 . RTB C 3 .   ? 1.104   4.826   10.476  1.00 14.63 ? 903  RTB A C24 1 
HETATM 1065 C  C25 . RTB C 3 .   ? 0.309   5.811   9.942   1.00 14.52 ? 903  RTB A C25 1 
HETATM 1066 C  C26 . RTB C 3 .   ? 0.846   6.745   9.095   1.00 14.55 ? 903  RTB A C26 1 
HETATM 1067 C  C27 . RTB C 3 .   ? 6.384   7.533   6.896   1.00 14.76 ? 903  RTB A C27 1 
HETATM 1068 C  C28 . RTB C 3 .   ? 7.891   5.921   7.735   1.00 14.81 ? 903  RTB A C28 1 
HETATM 1069 C  C29 . RTB C 3 .   ? 8.910   6.438   6.989   1.00 14.79 ? 903  RTB A C29 1 
HETATM 1070 C  C30 . RTB C 3 .   ? 8.659   7.531   6.180   1.00 14.91 ? 903  RTB A C30 1 
HETATM 1071 C  C31 . RTB C 3 .   ? 7.397   8.083   6.132   1.00 14.80 ? 903  RTB A C31 1 
HETATM 1072 C  C32 . RTB C 3 .   ? 7.041   4.580   13.358  1.00 14.99 ? 903  RTB A C32 1 
HETATM 1073 C  C33 . RTB C 3 .   ? 6.815   5.910   13.600  1.00 14.96 ? 903  RTB A C33 1 
HETATM 1074 CU CU  . IMF D 4 .   ? -13.420 -5.358  16.211  0.50 26.61 ? 902  IMF A CU  1 
HETATM 1075 O  O1  . IMF D 4 .   ? -11.898 -6.617  14.336  1.00 32.28 ? 902  IMF A O1  1 
HETATM 1076 C  CG1 . IMF D 4 .   ? -13.968 -1.504  14.624  0.50 16.52 ? 902  IMF A CG1 1 
HETATM 1077 C  CDC . IMF D 4 .   ? -14.113 -2.421  15.609  0.50 16.54 ? 902  IMF A CDC 1 
HETATM 1078 N  NDB . IMF D 4 .   ? -13.380 -2.168  13.569  0.50 16.52 ? 902  IMF A NDB 1 
HETATM 1079 C  CEB . IMF D 4 .   ? -13.176 -3.429  13.899  0.50 16.53 ? 902  IMF A CEB 1 
HETATM 1080 N  NEC . IMF D 4 .   ? -13.612 -3.611  15.134  0.50 16.50 ? 902  IMF A NEC 1 
HETATM 1081 C  CG2 . IMF D 4 .   ? -9.792  -4.747  18.147  1.00 24.45 ? 902  IMF A CG2 1 
HETATM 1082 C  CDM . IMF D 4 .   ? -11.135 -4.928  18.181  1.00 24.58 ? 902  IMF A CDM 1 
HETATM 1083 N  NDL . IMF D 4 .   ? -9.429  -4.838  16.820  1.00 24.60 ? 902  IMF A NDL 1 
HETATM 1084 C  CEL . IMF D 4 .   ? -10.500 -5.066  16.084  1.00 24.24 ? 902  IMF A CEL 1 
HETATM 1085 N  NEM . IMF D 4 .   ? -11.551 -5.126  16.885  1.00 24.58 ? 902  IMF A NEM 1 
HETATM 1086 O  O   . HOH E 5 .   ? 2.644   9.965   -5.771  1.00 20.14 ? 1000 HOH A O   1 
HETATM 1087 O  O   . HOH E 5 .   ? -7.570  7.862   5.154   1.00 14.14 ? 1001 HOH A O   1 
HETATM 1088 O  O   . HOH E 5 .   ? -14.949 -1.378  5.110   1.00 13.77 ? 1002 HOH A O   1 
HETATM 1089 O  O   . HOH E 5 .   ? 6.898   -9.550  2.365   1.00 14.63 ? 1003 HOH A O   1 
HETATM 1090 O  O   . HOH E 5 .   ? -11.933 -4.913  -1.194  1.00 17.69 ? 1004 HOH A O   1 
HETATM 1091 O  O   . HOH E 5 .   ? 1.504   6.778   -7.269  1.00 13.31 ? 1005 HOH A O   1 
HETATM 1092 O  O   . HOH E 5 .   ? 1.225   11.477  1.455   1.00 17.16 ? 1006 HOH A O   1 
HETATM 1093 O  O   . HOH E 5 .   ? 11.451  -9.973  -3.309  1.00 19.77 ? 1007 HOH A O   1 
HETATM 1094 O  O   . HOH E 5 .   ? 6.524   3.834   1.940   1.00 16.95 ? 1008 HOH A O   1 
HETATM 1095 O  O   . HOH E 5 .   ? 13.163  7.873   -7.282  1.00 19.26 ? 1009 HOH A O   1 
HETATM 1096 O  O   . HOH E 5 .   ? -9.288  10.362  -3.418  1.00 14.41 ? 1010 HOH A O   1 
HETATM 1097 O  O   . HOH E 5 .   ? 16.475  -0.986  -4.935  1.00 28.87 ? 1011 HOH A O   1 
HETATM 1098 O  O   . HOH E 5 .   ? 2.599   1.719   8.777   1.00 18.11 ? 1012 HOH A O   1 
HETATM 1099 O  O   . HOH E 5 .   ? 4.043   -13.215 -2.803  1.00 22.72 ? 1013 HOH A O   1 
HETATM 1100 O  O   . HOH E 5 .   ? 8.452   -9.250  4.698   1.00 18.87 ? 1014 HOH A O   1 
HETATM 1101 O  O   . HOH E 5 .   ? 1.747   9.868   -8.428  1.00 18.77 ? 1015 HOH A O   1 
HETATM 1102 O  O   . HOH E 5 .   ? 11.225  12.418  -7.098  1.00 23.32 ? 1016 HOH A O   1 
HETATM 1103 O  O   . HOH E 5 .   ? -9.840  -8.425  -9.461  1.00 16.94 ? 1017 HOH A O   1 
HETATM 1104 O  O   . HOH E 5 .   ? 6.714   10.648  8.615   1.00 21.45 ? 1018 HOH A O   1 
HETATM 1105 O  O   . HOH E 5 .   ? 6.606   -11.856 0.856   1.00 18.77 ? 1019 HOH A O   1 
HETATM 1106 O  O   . HOH E 5 .   ? 8.293   3.727   -12.868 1.00 19.54 ? 1020 HOH A O   1 
HETATM 1107 O  O   . HOH E 5 .   ? 4.872   -10.981 -1.161  1.00 15.55 ? 1021 HOH A O   1 
HETATM 1108 O  O   . HOH E 5 .   ? -8.228  12.967  -1.311  1.00 20.22 ? 1022 HOH A O   1 
HETATM 1109 O  O   . HOH E 5 .   ? -15.676 6.060   -0.990  1.00 22.18 ? 1023 HOH A O   1 
HETATM 1110 O  O   . HOH E 5 .   ? 9.406   13.875  -5.912  1.00 24.41 ? 1024 HOH A O   1 
HETATM 1111 O  O   . HOH E 5 .   ? -3.761  -3.521  -7.758  1.00 12.70 ? 1025 HOH A O   1 
HETATM 1112 O  O   . HOH E 5 .   ? -2.085  -3.217  -9.960  1.00 13.23 ? 1026 HOH A O   1 
HETATM 1113 O  O   . HOH E 5 .   ? 10.091  -11.582 -5.123  1.00 23.26 ? 1027 HOH A O   1 
HETATM 1114 O  O   . HOH E 5 .   ? -16.719 5.226   1.781   1.00 25.07 ? 1028 HOH A O   1 
HETATM 1115 O  O   . HOH E 5 .   ? -9.387  -11.290 5.999   1.00 24.82 ? 1029 HOH A O   1 
HETATM 1116 O  O   . HOH E 5 .   ? -9.373  -0.154  -7.696  1.00 26.91 ? 1030 HOH A O   1 
HETATM 1117 O  O   . HOH E 5 .   ? 16.851  -10.801 -2.961  1.00 28.09 ? 1031 HOH A O   1 
HETATM 1118 O  O   . HOH E 5 .   ? -2.825  4.878   11.827  1.00 23.78 ? 1032 HOH A O   1 
HETATM 1119 O  O   . HOH E 5 .   ? -6.125  -10.144 -2.021  1.00 33.16 ? 1033 HOH A O   1 
HETATM 1120 O  O   . HOH E 5 .   ? 4.131   -10.126 -9.473  1.00 25.43 ? 1034 HOH A O   1 
HETATM 1121 O  O   . HOH E 5 .   ? 1.438   -12.766 -3.738  1.00 17.05 ? 1035 HOH A O   1 
HETATM 1122 O  O   . HOH E 5 .   ? -11.804 9.838   4.823   1.00 26.28 ? 1036 HOH A O   1 
HETATM 1123 O  O   . HOH E 5 .   ? 13.896  -0.264  0.552   1.00 32.44 ? 1037 HOH A O   1 
HETATM 1124 O  O   . HOH E 5 .   ? 1.857   -12.992 7.453   1.00 25.87 ? 1038 HOH A O   1 
HETATM 1125 O  O   . HOH E 5 .   ? 2.197   -8.041  -9.650  1.00 15.95 ? 1039 HOH A O   1 
HETATM 1126 O  O   . HOH E 5 .   ? -11.387 -12.983 4.420   1.00 33.22 ? 1040 HOH A O   1 
HETATM 1127 O  O   . HOH E 5 .   ? -0.500  -14.236 3.849   1.00 31.91 ? 1041 HOH A O   1 
HETATM 1128 O  O   . HOH E 5 .   ? 7.709   10.763  4.324   1.00 23.00 ? 1042 HOH A O   1 
HETATM 1129 O  O   . HOH E 5 .   ? -7.963  -9.226  -7.363  1.00 24.76 ? 1043 HOH A O   1 
HETATM 1130 O  O   . HOH E 5 .   ? 8.387   2.585   6.699   1.00 26.85 ? 1044 HOH A O   1 
HETATM 1131 O  O   . HOH E 5 .   ? -1.839  -14.217 0.150   1.00 22.87 ? 1045 HOH A O   1 
HETATM 1132 O  O   . HOH E 5 .   ? 10.784  -8.017  5.681   1.00 25.65 ? 1046 HOH A O   1 
HETATM 1133 O  O   . HOH E 5 .   ? 8.954   11.324  6.725   1.00 26.96 ? 1047 HOH A O   1 
HETATM 1134 O  O   . HOH E 5 .   ? 12.490  2.791   1.373   1.00 22.66 ? 1048 HOH A O   1 
HETATM 1135 O  O   . HOH E 5 .   ? 8.330   -8.043  -13.308 1.00 21.29 ? 1049 HOH A O   1 
HETATM 1136 O  O   . HOH E 5 .   ? -0.813  15.591  8.380   1.00 59.90 ? 1050 HOH A O   1 
HETATM 1137 O  O   . HOH E 5 .   ? 1.708   -2.916  -17.309 1.00 29.05 ? 1051 HOH A O   1 
HETATM 1138 O  O   . HOH E 5 .   ? -14.318 8.178   3.911   1.00 26.45 ? 1052 HOH A O   1 
HETATM 1139 O  O   . HOH E 5 .   ? -6.424  -3.894  18.792  1.00 44.08 ? 1053 HOH A O   1 
HETATM 1140 O  O   . HOH E 5 .   ? 4.107   -3.636  11.436  1.00 20.75 ? 1054 HOH A O   1 
HETATM 1141 O  O   . HOH E 5 .   ? 0.952   -13.791 -8.595  1.00 33.05 ? 1055 HOH A O   1 
HETATM 1142 O  O   . HOH E 5 .   ? -2.687  7.800   10.722  1.00 29.46 ? 1056 HOH A O   1 
HETATM 1143 O  O   . HOH E 5 .   ? 2.105   -3.906  14.547  1.00 32.42 ? 1057 HOH A O   1 
HETATM 1144 O  O   . HOH E 5 .   ? -7.094  -18.208 7.004   1.00 46.13 ? 1058 HOH A O   1 
HETATM 1145 O  O   . HOH E 5 .   ? -7.215  -11.016 2.637   1.00 39.58 ? 1059 HOH A O   1 
HETATM 1146 O  O   . HOH E 5 .   ? -2.055  -10.514 11.014  1.00 23.53 ? 1060 HOH A O   1 
HETATM 1147 O  O   . HOH E 5 .   ? 5.458   -10.696 -11.971 1.00 27.40 ? 1061 HOH A O   1 
HETATM 1148 O  O   . HOH E 5 .   ? 1.917   -8.351  -14.047 1.00 23.31 ? 1062 HOH A O   1 
HETATM 1149 O  O   . HOH E 5 .   ? -6.069  -11.653 14.579  1.00 39.27 ? 1063 HOH A O   1 
HETATM 1150 O  O   . HOH E 5 .   ? 4.853   -11.426 8.084   1.00 26.57 ? 1064 HOH A O   1 
HETATM 1151 O  O   . HOH E 5 .   ? 7.375   -12.602 -4.603  1.00 34.25 ? 1065 HOH A O   1 
HETATM 1152 O  O   . HOH E 5 .   ? 9.012   -12.716 -0.318  1.00 30.50 ? 1066 HOH A O   1 
HETATM 1153 O  O   . HOH E 5 .   ? -13.706 6.514   1.533   1.00 15.99 ? 1067 HOH A O   1 
HETATM 1154 O  O   . HOH E 5 .   ? -7.858  14.185  1.388   1.00 32.78 ? 1068 HOH A O   1 
HETATM 1155 O  O   . HOH E 5 .   ? -4.408  7.511   -8.396  1.00 29.49 ? 1069 HOH A O   1 
HETATM 1156 O  O   . HOH E 5 .   ? -3.953  17.030  -0.324  1.00 27.62 ? 1070 HOH A O   1 
HETATM 1157 O  O   . HOH E 5 .   ? 13.616  12.212  -5.114  1.00 30.26 ? 1071 HOH A O   1 
HETATM 1158 O  O   . HOH E 5 .   ? 17.572  -13.088 -1.042  1.00 37.99 ? 1072 HOH A O   1 
HETATM 1159 O  O   . HOH E 5 .   ? -0.176  14.582  11.618  1.00 38.76 ? 1073 HOH A O   1 
HETATM 1160 O  O   . HOH E 5 .   ? -5.397  16.429  4.765   1.00 36.51 ? 1074 HOH A O   1 
HETATM 1161 O  O   . HOH E 5 .   ? -7.990  7.839   7.980   1.00 26.62 ? 1075 HOH A O   1 
HETATM 1162 O  O   . HOH E 5 .   ? -5.749  5.537   11.348  1.00 25.08 ? 1076 HOH A O   1 
HETATM 1163 O  O   . HOH E 5 .   ? -1.077  1.582   11.573  1.00 20.30 ? 1077 HOH A O   1 
HETATM 1164 O  O   . HOH E 5 .   ? 3.305   2.897   12.976  1.00 20.98 ? 1078 HOH A O   1 
HETATM 1165 O  O   . HOH E 5 .   ? 14.049  -13.594 -10.866 1.00 29.12 ? 1079 HOH A O   1 
HETATM 1166 O  O   . HOH E 5 .   ? 10.024  13.810  7.678   1.00 31.90 ? 1080 HOH A O   1 
HETATM 1167 O  O   . HOH E 5 .   ? 11.058  8.382   9.333   1.00 32.41 ? 1081 HOH A O   1 
HETATM 1168 O  O   . HOH E 5 .   ? 14.119  -6.891  1.931   1.00 22.06 ? 1082 HOH A O   1 
HETATM 1169 O  O   . HOH E 5 .   ? 4.344   -7.008  9.918   1.00 21.79 ? 1083 HOH A O   1 
HETATM 1170 O  O   . HOH E 5 .   ? 6.677   -5.016  10.304  1.00 33.61 ? 1084 HOH A O   1 
HETATM 1171 O  O   . HOH E 5 .   ? -15.579 -1.159  -1.240  1.00 39.72 ? 1085 HOH A O   1 
HETATM 1172 O  O   . HOH E 5 .   ? -7.292  -1.527  -9.468  1.00 32.87 ? 1086 HOH A O   1 
HETATM 1173 O  O   . HOH E 5 .   ? -9.218  5.504   8.526   1.00 22.82 ? 1087 HOH A O   1 
HETATM 1174 O  O   . HOH E 5 .   ? -3.726  -5.070  -11.620 1.00 21.29 ? 1088 HOH A O   1 
HETATM 1175 O  O   . HOH E 5 .   ? -10.322 -2.897  -7.612  1.00 25.90 ? 1089 HOH A O   1 
HETATM 1176 O  O   . HOH E 5 .   ? -0.221  8.175   -9.413  1.00 29.77 ? 1090 HOH A O   1 
HETATM 1177 O  O   . HOH E 5 .   ? 3.340   0.606   11.105  1.00 20.63 ? 1091 HOH A O   1 
HETATM 1178 O  O   . HOH E 5 .   ? -6.543  -13.335 0.847   1.00 46.21 ? 1092 HOH A O   1 
HETATM 1179 O  O   . HOH E 5 .   ? 15.590  9.992   -7.553  1.00 37.47 ? 1093 HOH A O   1 
HETATM 1180 O  O   . HOH E 5 .   ? 11.927  -4.927  5.253   1.00 29.20 ? 1094 HOH A O   1 
HETATM 1181 O  O   . HOH E 5 .   ? -3.870  -6.689  -9.558  1.00 28.30 ? 1095 HOH A O   1 
HETATM 1182 O  O   . HOH E 5 .   ? 4.045   -9.818  -15.312 1.00 32.01 ? 1096 HOH A O   1 
HETATM 1183 O  O   . HOH E 5 .   ? -10.598 7.357   -4.490  1.00 44.65 ? 1097 HOH A O   1 
HETATM 1184 O  O   . HOH E 5 .   ? -2.203  -0.340  14.021  1.00 31.15 ? 1098 HOH A O   1 
HETATM 1185 O  O   . HOH E 5 .   ? -8.363  -10.551 0.393   1.00 30.09 ? 1099 HOH A O   1 
HETATM 1186 O  O   . HOH E 5 .   ? -11.455 -14.987 6.559   1.00 32.21 ? 1100 HOH A O   1 
HETATM 1187 O  O   . HOH E 5 .   ? -5.291  -18.380 9.267   1.00 34.90 ? 1101 HOH A O   1 
HETATM 1188 O  O   . HOH E 5 .   ? -4.363  -15.580 9.466   1.00 29.07 ? 1102 HOH A O   1 
HETATM 1189 O  O   . HOH E 5 .   ? 3.233   -16.492 3.565   1.00 37.75 ? 1103 HOH A O   1 
HETATM 1190 O  O   . HOH E 5 .   ? -1.749  -10.670 -3.668  1.00 32.89 ? 1104 HOH A O   1 
HETATM 1191 O  O   . HOH E 5 .   ? 9.654   -8.283  -17.090 1.00 34.40 ? 1105 HOH A O   1 
HETATM 1192 O  O   . HOH E 5 .   ? 4.079   -1.677  -18.045 1.00 38.01 ? 1106 HOH A O   1 
HETATM 1193 O  O   . HOH E 5 .   ? -3.016  -11.603 -9.836  1.00 29.00 ? 1107 HOH A O   1 
HETATM 1194 O  O   . HOH E 5 .   ? -4.598  -9.199  -10.236 0.25 24.63 ? 1108 HOH A O   1 
HETATM 1195 O  O   . HOH E 5 .   ? -14.282 -11.480 0.560   1.00 35.36 ? 1109 HOH A O   1 
HETATM 1196 O  O   . HOH E 5 .   ? -11.573 -13.301 20.220  1.00 46.17 ? 1111 HOH A O   1 
HETATM 1197 O  O   . HOH E 5 .   ? -0.766  -3.752  14.872  1.00 39.09 ? 1112 HOH A O   1 
HETATM 1198 O  O   . HOH E 5 .   ? 11.468  -12.684 -9.662  1.00 30.98 ? 1113 HOH A O   1 
HETATM 1199 O  O   . HOH E 5 .   ? 12.042  -10.375 -12.701 1.00 35.38 ? 1114 HOH A O   1 
HETATM 1200 O  O   . HOH E 5 .   ? 10.960  -8.119  -14.458 1.00 30.39 ? 1115 HOH A O   1 
HETATM 1201 O  O   . HOH E 5 .   ? 12.530  -10.980 -17.242 1.00 39.84 ? 1116 HOH A O   1 
HETATM 1202 O  O   . HOH E 5 .   ? 14.686  -11.710 -13.098 1.00 33.80 ? 1117 HOH A O   1 
HETATM 1203 O  O   . HOH E 5 .   ? 15.474  7.736   -9.394  1.00 52.54 ? 1118 HOH A O   1 
HETATM 1204 O  O   . HOH E 5 .   ? -12.686 14.155  2.835   1.00 33.82 ? 1119 HOH A O   1 
HETATM 1205 O  O   . HOH E 5 .   ? -8.732  10.894  -7.857  1.00 27.82 ? 1120 HOH A O   1 
HETATM 1206 O  O   . HOH E 5 .   ? 2.160   17.054  -6.064  1.00 27.76 ? 1121 HOH A O   1 
HETATM 1207 O  O   . HOH E 5 .   ? 4.659   17.000  -7.184  1.00 30.07 ? 1122 HOH A O   1 
HETATM 1208 O  O   . HOH E 5 .   ? 16.988  11.180  -3.236  1.00 34.77 ? 1123 HOH A O   1 
HETATM 1209 O  O   . HOH E 5 .   ? 14.739  12.810  -2.427  1.00 33.57 ? 1124 HOH A O   1 
HETATM 1210 O  O   . HOH E 5 .   ? 11.358  9.765   6.576   1.00 29.60 ? 1125 HOH A O   1 
HETATM 1211 O  O   . HOH E 5 .   ? 11.710  8.214   4.348   1.00 30.66 ? 1126 HOH A O   1 
HETATM 1212 O  O   . HOH E 5 .   ? 12.428  5.698   5.212   1.00 36.57 ? 1127 HOH A O   1 
HETATM 1213 O  O   . HOH E 5 .   ? 10.395  3.745   4.961   1.00 31.08 ? 1128 HOH A O   1 
HETATM 1214 O  O   . HOH E 5 .   ? 4.565   17.324  6.315   1.00 33.04 ? 1129 HOH A O   1 
HETATM 1215 O  O   . HOH E 5 .   ? -2.679  15.419  6.016   1.00 28.96 ? 1130 HOH A O   1 
HETATM 1216 O  O   . HOH E 5 .   ? -6.994  12.524  8.484   1.00 29.43 ? 1131 HOH A O   1 
HETATM 1217 O  O   . HOH E 5 .   ? -5.562  7.605   9.424   1.00 31.51 ? 1132 HOH A O   1 
HETATM 1218 O  O   . HOH E 5 .   ? -8.369  4.728   11.196  1.00 23.47 ? 1133 HOH A O   1 
HETATM 1219 O  O   . HOH E 5 .   ? 0.730   -0.381  11.365  1.00 26.76 ? 1134 HOH A O   1 
HETATM 1220 O  O   . HOH E 5 .   ? 6.348   0.457   7.439   1.00 28.87 ? 1135 HOH A O   1 
HETATM 1221 O  O   . HOH E 5 .   ? 18.540  -7.048  -4.797  1.00 32.53 ? 1136 HOH A O   1 
HETATM 1222 O  O   . HOH E 5 .   ? 11.608  -11.920 -1.194  1.00 32.95 ? 1137 HOH A O   1 
HETATM 1223 O  O   . HOH E 5 .   ? 14.297  -10.202 0.366   1.00 36.19 ? 1138 HOH A O   1 
HETATM 1224 O  O   . HOH E 5 .   ? 13.525  -7.533  4.463   1.00 30.60 ? 1139 HOH A O   1 
HETATM 1225 O  O   . HOH E 5 .   ? 14.991  -4.226  2.324   1.00 31.23 ? 1140 HOH A O   1 
HETATM 1226 O  O   . HOH E 5 .   ? 5.966   -7.635  13.979  1.00 36.81 ? 1141 HOH A O   1 
HETATM 1227 O  O   . HOH E 5 .   ? 5.514   -9.481  10.030  1.00 31.39 ? 1142 HOH A O   1 
HETATM 1228 O  O   . HOH E 5 .   ? 8.715   -12.038 5.399   1.00 32.29 ? 1143 HOH A O   1 
HETATM 1229 O  O   . HOH E 5 .   ? 5.976   -13.146 5.247   1.00 38.55 ? 1144 HOH A O   1 
HETATM 1230 O  O   . HOH E 5 .   ? 9.024   -6.465  7.379   1.00 27.24 ? 1145 HOH A O   1 
HETATM 1231 O  O   . HOH E 5 .   ? 8.383   -8.802  9.453   1.00 38.08 ? 1146 HOH A O   1 
HETATM 1232 O  O   . HOH E 5 .   ? -18.337 5.821   5.486   1.00 37.02 ? 1147 HOH A O   1 
HETATM 1233 O  O   . HOH E 5 .   ? -13.126 -0.385  -0.448  1.00 32.02 ? 1148 HOH A O   1 
HETATM 1234 O  O   . HOH E 5 .   ? -17.556 -0.452  1.958   1.00 37.16 ? 1149 HOH A O   1 
HETATM 1235 O  O   . HOH E 5 .   ? -17.569 -2.295  4.424   1.00 28.26 ? 1150 HOH A O   1 
HETATM 1236 O  O   . HOH E 5 .   ? -19.082 -4.588  5.330   1.00 35.73 ? 1151 HOH A O   1 
HETATM 1237 O  O   . HOH E 5 .   ? -3.505  -3.514  -13.967 1.00 36.27 ? 1152 HOH A O   1 
HETATM 1238 O  O   . HOH E 5 .   ? -11.937 1.564   -7.692  1.00 38.72 ? 1153 HOH A O   1 
HETATM 1239 O  O   . HOH E 5 .   ? -9.485  -14.842 2.426   1.00 31.81 ? 1154 HOH A O   1 
HETATM 1240 O  O   . HOH E 5 .   ? -3.160  -11.510 13.239  1.00 31.24 ? 1155 HOH A O   1 
HETATM 1241 O  O   . HOH E 5 .   ? -3.510  -11.946 -5.439  1.00 31.66 ? 1156 HOH A O   1 
HETATM 1242 O  O   . HOH E 5 .   ? -8.955  -10.170 -4.943  1.00 27.84 ? 1157 HOH A O   1 
HETATM 1243 O  O   . HOH E 5 .   ? -17.653 -13.834 6.837   1.00 32.04 ? 1158 HOH A O   1 
HETATM 1244 O  O   . HOH E 5 .   ? -16.880 -11.233 14.021  1.00 32.98 ? 1159 HOH A O   1 
HETATM 1245 O  O   . HOH E 5 .   ? -16.417 -12.828 10.555  1.00 28.87 ? 1160 HOH A O   1 
HETATM 1246 O  O   . HOH E 5 .   ? -18.041 -11.183 9.013   1.00 27.91 ? 1161 HOH A O   1 
HETATM 1247 O  O   . HOH E 5 .   ? -14.845 -15.592 10.683  1.00 31.82 ? 1162 HOH A O   1 
HETATM 1248 O  O   . HOH E 5 .   ? 10.822  -13.389 -6.906  1.00 27.22 ? 1163 HOH A O   1 
HETATM 1249 O  O   . HOH E 5 .   ? 13.795  -5.143  -15.563 1.00 28.01 ? 1164 HOH A O   1 
HETATM 1250 O  O   . HOH E 5 .   ? 3.240   -6.560  15.339  1.00 29.64 ? 1165 HOH A O   1 
HETATM 1251 O  O   . HOH E 5 .   ? 17.595  4.387   -4.430  1.00 30.14 ? 1166 HOH A O   1 
HETATM 1252 O  O   . HOH E 5 .   ? 17.492  2.335   -5.905  1.00 30.83 ? 1167 HOH A O   1 
HETATM 1253 O  O   . HOH E 5 .   ? -3.660  15.446  -10.036 1.00 30.00 ? 1168 HOH A O   1 
HETATM 1254 O  O   . HOH E 5 .   ? -5.889  8.884   -6.866  1.00 29.50 ? 1169 HOH A O   1 
HETATM 1255 O  O   . HOH E 5 .   ? -2.561  10.999  -9.299  1.00 27.82 ? 1170 HOH A O   1 
HETATM 1256 O  O   . HOH E 5 .   ? 0.421   17.266  -8.100  1.00 26.88 ? 1171 HOH A O   1 
HETATM 1257 O  O   . HOH E 5 .   ? -0.533  13.784  -9.066  1.00 33.05 ? 1172 HOH A O   1 
HETATM 1258 O  O   . HOH E 5 .   ? 4.021   17.617  1.025   1.00 31.44 ? 1173 HOH A O   1 
HETATM 1259 O  O   . HOH E 5 .   ? -9.752  4.334   -8.172  1.00 31.33 ? 1174 HOH A O   1 
# 
